data_2VPX
#
_entry.id   2VPX
#
_cell.length_a   114.587
_cell.length_b   161.162
_cell.length_c   239.647
_cell.angle_alpha   90.00
_cell.angle_beta   90.00
_cell.angle_gamma   90.00
#
_symmetry.space_group_name_H-M   'P 21 21 21'
#
loop_
_entity.id
_entity.type
_entity.pdbx_description
1 polymer 'THIOSULFATE REDUCTASE'
2 polymer 'NRFC PROTEIN'
3 polymer 'HYPOTHETICAL MEMBRANE SPANNING PROTEIN'
4 non-polymer 'IRON/SULFUR CLUSTER'
5 non-polymer '2-AMINO-5,6-DIMERCAPTO-7-METHYL-3,7,8A,9-TETRAHYDRO-8-OXA-1,3,9,10-TETRAAZA-ANTHRACEN-4-ONE GUANOSINE DINUCLEOTIDE'
6 non-polymer 'MOLYBDENUM ATOM'
7 non-polymer UBIQUINONE-1
8 water water
#
loop_
_entity_poly.entity_id
_entity_poly.type
_entity_poly.pdbx_seq_one_letter_code
_entity_poly.pdbx_strand_id
1 'polypeptide(L)'
;MQRREFLKLSALGVGAMALRGSGPAKALKAPWYAQEVKSVYQICEGCFWRCGIVAHAVGNRVYKVEGYEANPKSRGRLCP
RGQGAPQTTYDPDRLKRPLIRVEGSQRGEGKYRVATWEEALDHIAKKMLEIREKYGPEAIAFFGHGTGDYWFVDFLPAAW
GSPNAAKPSVSLCTAPREVASQWVFGRPIGGHEPIDWENARYIVLIGHHIGEDTHNTQLQDFALALKNGAKVVVVDPRFS
TAAAKAHRWLPIKPGTDTALLLAWIHVLIYEDLYDKEYVAKYTVGFEELKAHVKDFTPEWAEKHTEIPAQVIREVAREMA
AHKPRAVLPPTRHNVWYGDDTYRVMALLYVNVLLGNYGRPGGFYIAQSPYLEKYPLPPLPLEPAAGGCSGPSGGDHEPEG
FKPRADKGKFFARSTAIQELIEPMITGEPYPIKGLFAYGINLFHSIPNVPRTKEALKNLDLYVAIDVLPQEHVMWADVIL
PEATYLERYDDFVLVAHKTPFIQLRTPAHEPLFDTKPGWWIARELGLRLGLEQYFPWKTIEEYLETRLQSLGLDLETMKG
MGTLVQRGKPWLEDWEKEGRLPFGTASGKIELYCQRFKEAGHQPLPVFTPPEEPPEGFYRLLYGRSPVHTFARTQNNWVL
MEMDPENEVWIHKEEAKRLGLKEGDYVMLVNQDGVKEGPVRVKPTARIRKDCVYIVHGFGHKAPLMRLAHGRGASDNYLQ
TRYKLDPISGGAGLRVNFVRLEKAERPRLPSLTGLAKRPFDERRM
;
A,E
2 'polypeptide(L)'
;MPRYAMAIDLSLCVGCAACAVACKMENEVPPGVFNLWIREREVGEYPNLVVEFRPEQCLHCENPPCVPVCPTGASYQTKD
GLVLVDPKKCIACGACIAACPYDARYLHPAGYVSKCTFCAHRLEKGKVPACVETCPTYCRTFGDLEDPESPVAKALKAAE
RVDVLRPEQGTRPKLFYLNAPSKKGLTRESEVHHG
;
B,F
3 'polypeptide(L)'
;MAEFYGLPNAQEFWHWTNALHFVLVGLAGGVALLAALLHLKGDAEARRYTLYALMLIALDLFILWAESPARFRFTHIWLF
LSFHPTSPIWWGAWGLGLGFLTGGLLYLGKGSQRALAWALLVFSLVALSYPGLALAVNLNRPLWNGLMAGLFPLTALVLA
LGLAALLKSPWALFPLRVLAGASLLLALLYPLTLPPEARGHLLEEAGFWYGLFLLLGLGTFWQERLAPWAGLLAAAGLRA
LLVLAGQWQGLGL
;
C,G
#
loop_
_chem_comp.id
_chem_comp.type
_chem_comp.name
_chem_comp.formula
MGD non-polymer '2-AMINO-5,6-DIMERCAPTO-7-METHYL-3,7,8A,9-TETRAHYDRO-8-OXA-1,3,9,10-TETRAAZA-ANTHRACEN-4-ONE GUANOSINE DINUCLEOTIDE' 'C20 H26 N10 O13 P2 S2'
MO non-polymer 'MOLYBDENUM ATOM' Mo
SF4 non-polymer 'IRON/SULFUR CLUSTER' 'Fe4 S4'
UQ1 non-polymer UBIQUINONE-1 'C14 H18 O4'
#
# COMPACT_ATOMS: atom_id res chain seq x y z
N ALA A 30 -29.87 -30.69 5.85
CA ALA A 30 -28.62 -30.96 6.61
C ALA A 30 -28.14 -29.72 7.38
N PRO A 31 -28.04 -28.55 6.73
CA PRO A 31 -27.59 -27.38 7.51
C PRO A 31 -28.54 -27.13 8.67
N TRP A 32 -28.04 -26.68 9.82
CA TRP A 32 -28.93 -26.44 10.94
C TRP A 32 -29.97 -25.34 10.65
N TYR A 33 -29.58 -24.24 10.01
CA TYR A 33 -30.53 -23.15 9.75
C TYR A 33 -31.63 -23.47 8.74
N ALA A 34 -31.54 -24.59 8.05
CA ALA A 34 -32.57 -24.94 7.06
C ALA A 34 -33.54 -25.86 7.74
N GLN A 35 -33.03 -26.44 8.80
CA GLN A 35 -33.77 -27.31 9.65
C GLN A 35 -34.53 -26.34 10.53
N GLU A 36 -35.62 -26.87 11.06
CA GLU A 36 -36.50 -26.21 11.99
C GLU A 36 -35.69 -25.65 13.15
N VAL A 37 -35.96 -24.43 13.60
CA VAL A 37 -35.21 -23.94 14.75
C VAL A 37 -36.16 -23.42 15.83
N LYS A 38 -35.63 -23.25 17.03
CA LYS A 38 -36.37 -22.64 18.13
C LYS A 38 -35.34 -21.72 18.71
N SER A 39 -35.69 -20.46 18.83
CA SER A 39 -34.76 -19.54 19.44
C SER A 39 -35.25 -19.30 20.85
N VAL A 40 -34.40 -18.65 21.62
CA VAL A 40 -34.72 -18.27 22.97
C VAL A 40 -33.70 -17.20 23.25
N TYR A 41 -34.05 -16.34 24.18
CA TYR A 41 -33.15 -15.32 24.62
C TYR A 41 -32.39 -15.96 25.72
N GLN A 42 -31.09 -15.90 25.58
CA GLN A 42 -30.24 -16.56 26.52
C GLN A 42 -28.94 -15.84 26.75
N ILE A 43 -28.54 -15.87 28.01
CA ILE A 43 -27.31 -15.27 28.46
C ILE A 43 -26.14 -16.15 28.08
N CYS A 44 -25.01 -15.56 27.79
CA CYS A 44 -23.85 -16.36 27.47
C CYS A 44 -23.15 -16.67 28.80
N GLU A 45 -22.81 -17.92 29.04
CA GLU A 45 -22.08 -18.23 30.25
C GLU A 45 -20.60 -18.40 29.84
N GLY A 46 -20.29 -17.94 28.62
CA GLY A 46 -18.95 -17.99 28.08
C GLY A 46 -17.96 -17.41 29.05
N CYS A 47 -18.37 -16.35 29.73
CA CYS A 47 -17.54 -15.75 30.75
C CYS A 47 -18.47 -14.92 31.59
N PHE A 48 -17.95 -14.12 32.47
CA PHE A 48 -18.84 -13.42 33.35
C PHE A 48 -19.41 -12.14 32.82
N TRP A 49 -19.09 -11.80 31.58
CA TRP A 49 -19.62 -10.55 31.06
C TRP A 49 -21.12 -10.69 30.91
N ARG A 50 -21.54 -11.95 30.78
CA ARG A 50 -22.92 -12.36 30.64
C ARG A 50 -23.70 -11.64 29.53
N CYS A 51 -23.17 -11.69 28.32
CA CYS A 51 -23.83 -11.03 27.20
C CYS A 51 -25.16 -11.72 26.96
N GLY A 52 -26.13 -10.91 26.53
CA GLY A 52 -27.44 -11.39 26.19
C GLY A 52 -27.28 -11.93 24.78
N ILE A 53 -27.79 -13.13 24.59
CA ILE A 53 -27.67 -13.78 23.30
C ILE A 53 -28.95 -14.48 22.93
N VAL A 54 -29.07 -14.80 21.66
CA VAL A 54 -30.21 -15.56 21.22
C VAL A 54 -29.58 -16.88 20.89
N ALA A 55 -30.21 -17.97 21.31
CA ALA A 55 -29.66 -19.28 21.03
C ALA A 55 -30.61 -19.92 20.06
N HIS A 56 -30.04 -20.45 19.00
CA HIS A 56 -30.79 -21.12 17.99
C HIS A 56 -30.61 -22.58 18.13
N ALA A 57 -31.66 -23.23 18.58
CA ALA A 57 -31.60 -24.67 18.72
C ALA A 57 -32.47 -25.31 17.66
N VAL A 58 -32.11 -26.53 17.34
CA VAL A 58 -32.86 -27.37 16.42
C VAL A 58 -32.91 -28.64 17.24
N GLY A 59 -34.05 -28.90 17.86
CA GLY A 59 -34.09 -30.08 18.69
C GLY A 59 -33.26 -29.77 19.92
N ASN A 60 -32.55 -30.78 20.40
CA ASN A 60 -31.75 -30.62 21.59
C ASN A 60 -30.38 -30.11 21.35
N ARG A 61 -30.24 -29.12 20.49
CA ARG A 61 -28.91 -28.67 20.26
C ARG A 61 -28.83 -27.27 19.72
N VAL A 62 -28.07 -26.47 20.43
CA VAL A 62 -27.87 -25.09 20.06
C VAL A 62 -26.76 -25.03 19.01
N TYR A 63 -27.15 -24.76 17.78
CA TYR A 63 -26.20 -24.69 16.68
C TYR A 63 -25.53 -23.34 16.51
N LYS A 64 -26.25 -22.32 16.92
CA LYS A 64 -25.76 -20.99 16.76
C LYS A 64 -26.30 -20.13 17.86
N VAL A 65 -25.53 -19.13 18.18
CA VAL A 65 -25.91 -18.24 19.22
C VAL A 65 -25.58 -16.90 18.65
N GLU A 66 -26.30 -15.87 19.05
CA GLU A 66 -25.96 -14.61 18.46
C GLU A 66 -26.24 -13.49 19.41
N GLY A 67 -25.56 -12.38 19.23
CA GLY A 67 -25.84 -11.29 20.14
C GLY A 67 -27.16 -10.75 19.65
N TYR A 68 -27.72 -9.77 20.35
CA TYR A 68 -28.95 -9.13 19.87
C TYR A 68 -28.90 -7.67 20.21
N GLU A 69 -29.40 -6.87 19.27
CA GLU A 69 -29.35 -5.44 19.36
C GLU A 69 -29.76 -4.79 20.68
N ALA A 70 -31.01 -4.88 21.11
CA ALA A 70 -31.42 -4.26 22.38
C ALA A 70 -30.48 -4.56 23.55
N ASN A 71 -30.05 -5.80 23.69
CA ASN A 71 -29.16 -6.12 24.78
C ASN A 71 -27.96 -5.18 24.77
N PRO A 72 -27.79 -4.40 25.84
CA PRO A 72 -26.69 -3.45 25.92
C PRO A 72 -25.29 -4.05 25.96
N LYS A 73 -25.21 -5.36 26.13
CA LYS A 73 -23.93 -6.00 26.18
C LYS A 73 -23.49 -6.50 24.84
N SER A 74 -24.30 -7.34 24.22
CA SER A 74 -23.89 -7.83 22.92
C SER A 74 -24.17 -6.87 21.78
N ARG A 75 -25.32 -6.21 21.82
CA ARG A 75 -25.75 -5.31 20.75
C ARG A 75 -25.60 -5.91 19.39
N GLY A 76 -25.88 -7.20 19.28
CA GLY A 76 -25.79 -7.83 17.99
C GLY A 76 -24.52 -8.61 17.73
N ARG A 77 -23.45 -8.25 18.42
CA ARG A 77 -22.18 -8.94 18.27
C ARG A 77 -21.93 -9.95 19.38
N LEU A 78 -20.85 -10.68 19.19
CA LEU A 78 -20.44 -11.71 20.10
C LEU A 78 -18.98 -11.96 19.87
N CYS A 79 -18.27 -12.21 20.96
CA CYS A 79 -16.86 -12.51 20.86
C CYS A 79 -16.76 -13.98 20.51
N PRO A 80 -15.56 -14.42 20.17
CA PRO A 80 -15.33 -15.82 19.82
C PRO A 80 -15.80 -16.81 20.89
N ARG A 81 -15.52 -16.50 22.13
CA ARG A 81 -15.88 -17.38 23.23
C ARG A 81 -17.37 -17.53 23.33
N GLY A 82 -18.08 -16.46 23.00
CA GLY A 82 -19.52 -16.52 23.07
C GLY A 82 -20.02 -17.42 21.97
N GLN A 83 -19.40 -17.30 20.81
CA GLN A 83 -19.80 -18.11 19.68
C GLN A 83 -19.52 -19.58 19.86
N GLY A 84 -18.38 -19.90 20.45
CA GLY A 84 -18.04 -21.30 20.63
C GLY A 84 -18.55 -21.89 21.93
N ALA A 85 -18.98 -21.04 22.85
CA ALA A 85 -19.44 -21.51 24.15
C ALA A 85 -20.40 -22.68 24.17
N PRO A 86 -21.26 -22.76 23.17
CA PRO A 86 -22.17 -23.89 23.24
C PRO A 86 -21.60 -25.29 23.10
N GLN A 87 -20.40 -25.47 22.60
CA GLN A 87 -20.05 -26.85 22.45
C GLN A 87 -19.80 -27.61 23.75
N THR A 88 -19.61 -26.93 24.86
CA THR A 88 -19.39 -27.70 26.08
C THR A 88 -20.63 -28.54 26.36
N THR A 89 -21.76 -28.00 25.97
CA THR A 89 -22.99 -28.71 26.18
C THR A 89 -22.98 -29.97 25.34
N TYR A 90 -22.21 -29.95 24.25
CA TYR A 90 -22.18 -31.10 23.36
C TYR A 90 -20.83 -31.69 23.25
N ASP A 91 -20.22 -31.76 24.40
CA ASP A 91 -18.91 -32.27 24.55
C ASP A 91 -19.09 -33.67 25.17
N PRO A 92 -18.65 -34.72 24.47
CA PRO A 92 -18.76 -36.12 24.93
C PRO A 92 -18.13 -36.45 26.27
N ASP A 93 -17.30 -35.53 26.78
CA ASP A 93 -16.61 -35.69 28.06
C ASP A 93 -17.33 -34.85 29.08
N ARG A 94 -18.29 -34.08 28.63
CA ARG A 94 -18.99 -33.26 29.59
C ARG A 94 -19.65 -34.19 30.61
N LEU A 95 -19.52 -33.83 31.88
CA LEU A 95 -20.07 -34.57 33.04
C LEU A 95 -21.56 -34.80 32.91
N LYS A 96 -22.02 -36.02 33.16
CA LYS A 96 -23.43 -36.31 33.00
C LYS A 96 -24.10 -36.79 34.29
N ARG A 97 -23.50 -37.72 35.01
CA ARG A 97 -24.20 -38.20 36.21
C ARG A 97 -23.60 -37.77 37.54
N PRO A 98 -24.40 -37.81 38.64
CA PRO A 98 -23.74 -37.48 39.88
C PRO A 98 -22.74 -38.59 40.08
N LEU A 99 -21.72 -38.30 40.86
CA LEU A 99 -20.75 -39.31 41.08
C LEU A 99 -20.31 -39.24 42.49
N ILE A 100 -20.10 -40.40 43.09
CA ILE A 100 -19.61 -40.33 44.43
C ILE A 100 -18.33 -41.12 44.44
N ARG A 101 -17.40 -40.57 45.20
CA ARG A 101 -16.09 -41.13 45.37
C ARG A 101 -16.15 -42.49 46.03
N VAL A 102 -15.64 -43.51 45.34
CA VAL A 102 -15.61 -44.86 45.88
C VAL A 102 -14.98 -44.81 47.26
N GLU A 103 -15.66 -45.40 48.24
CA GLU A 103 -15.17 -45.35 49.60
C GLU A 103 -13.83 -46.04 49.75
N GLY A 104 -12.90 -45.35 50.38
CA GLY A 104 -11.59 -45.91 50.56
C GLY A 104 -10.62 -45.41 49.52
N SER A 105 -11.11 -44.80 48.46
CA SER A 105 -10.18 -44.28 47.46
C SER A 105 -9.87 -42.84 47.82
N GLN A 106 -8.61 -42.51 47.66
CA GLN A 106 -8.07 -41.19 47.93
C GLN A 106 -8.66 -40.14 46.99
N ARG A 107 -8.76 -38.91 47.50
CA ARG A 107 -9.20 -37.81 46.66
C ARG A 107 -8.00 -37.54 45.75
N GLY A 108 -8.20 -37.58 44.44
CA GLY A 108 -7.09 -37.32 43.54
C GLY A 108 -7.08 -38.52 42.65
N GLU A 109 -6.95 -39.67 43.30
CA GLU A 109 -7.05 -40.95 42.65
C GLU A 109 -8.41 -40.66 42.00
N GLY A 110 -8.72 -41.19 40.83
CA GLY A 110 -10.00 -40.80 40.26
C GLY A 110 -11.13 -41.80 40.26
N LYS A 111 -11.32 -42.48 41.38
CA LYS A 111 -12.34 -43.52 41.53
C LYS A 111 -13.71 -43.03 41.96
N TYR A 112 -14.68 -43.20 41.08
CA TYR A 112 -16.04 -42.78 41.33
C TYR A 112 -17.03 -43.83 41.00
N ARG A 113 -18.23 -43.66 41.54
CA ARG A 113 -19.28 -44.58 41.18
C ARG A 113 -20.47 -43.68 40.96
N VAL A 114 -21.24 -44.03 39.95
CA VAL A 114 -22.40 -43.27 39.61
C VAL A 114 -23.38 -43.29 40.76
N ALA A 115 -24.14 -42.23 40.87
CA ALA A 115 -25.07 -42.11 41.94
C ALA A 115 -26.26 -41.43 41.41
N THR A 116 -27.23 -41.40 42.29
CA THR A 116 -28.49 -40.83 41.99
C THR A 116 -28.48 -39.42 42.51
N TRP A 117 -29.25 -38.54 41.91
CA TRP A 117 -29.28 -37.19 42.45
C TRP A 117 -29.69 -37.23 43.91
N GLU A 118 -30.62 -38.13 44.18
CA GLU A 118 -31.14 -38.29 45.51
C GLU A 118 -30.05 -38.75 46.44
N GLU A 119 -29.36 -39.81 46.05
CA GLU A 119 -28.31 -40.35 46.86
C GLU A 119 -27.14 -39.39 47.03
N ALA A 120 -26.76 -38.70 45.96
CA ALA A 120 -25.64 -37.78 46.04
C ALA A 120 -26.00 -36.60 46.91
N LEU A 121 -27.22 -36.11 46.76
CA LEU A 121 -27.66 -34.97 47.53
C LEU A 121 -27.80 -35.31 49.01
N ASP A 122 -28.18 -36.55 49.31
CA ASP A 122 -28.34 -36.98 50.71
C ASP A 122 -26.98 -37.08 51.33
N HIS A 123 -26.11 -37.71 50.58
CA HIS A 123 -24.77 -37.93 51.01
C HIS A 123 -24.12 -36.59 51.35
N ILE A 124 -24.39 -35.55 50.56
CA ILE A 124 -23.79 -34.27 50.85
C ILE A 124 -24.39 -33.67 52.13
N ALA A 125 -25.71 -33.60 52.21
CA ALA A 125 -26.34 -33.06 53.43
C ALA A 125 -25.94 -33.83 54.68
N LYS A 126 -25.95 -35.16 54.60
CA LYS A 126 -25.56 -35.96 55.75
C LYS A 126 -24.19 -35.53 56.24
N LYS A 127 -23.23 -35.45 55.31
CA LYS A 127 -21.86 -35.06 55.60
C LYS A 127 -21.76 -33.64 56.09
N MET A 128 -22.52 -32.77 55.45
CA MET A 128 -22.51 -31.36 55.80
C MET A 128 -23.02 -31.16 57.20
N LEU A 129 -24.01 -31.96 57.57
CA LEU A 129 -24.63 -31.85 58.87
C LEU A 129 -23.70 -32.30 59.97
N GLU A 130 -22.91 -33.31 59.66
CA GLU A 130 -21.96 -33.83 60.60
C GLU A 130 -20.90 -32.81 60.88
N ILE A 131 -20.46 -32.11 59.84
CA ILE A 131 -19.44 -31.09 59.99
C ILE A 131 -20.01 -29.99 60.86
N ARG A 132 -21.31 -29.79 60.70
CA ARG A 132 -22.01 -28.75 61.41
C ARG A 132 -22.32 -29.09 62.86
N GLU A 133 -22.30 -30.36 63.23
CA GLU A 133 -22.62 -30.61 64.60
C GLU A 133 -21.38 -30.57 65.46
N LYS A 134 -20.22 -30.93 64.92
CA LYS A 134 -19.05 -30.81 65.76
C LYS A 134 -18.19 -29.60 65.39
N TYR A 135 -18.47 -28.91 64.28
CA TYR A 135 -17.66 -27.70 63.98
C TYR A 135 -18.47 -26.43 63.77
N GLY A 136 -19.74 -26.55 63.41
CA GLY A 136 -20.49 -25.34 63.17
C GLY A 136 -20.63 -25.22 61.67
N PRO A 137 -21.50 -24.33 61.16
CA PRO A 137 -21.60 -24.30 59.69
C PRO A 137 -20.49 -23.58 58.96
N GLU A 138 -19.69 -22.82 59.69
CA GLU A 138 -18.61 -22.05 59.09
C GLU A 138 -17.45 -22.91 58.71
N ALA A 139 -17.57 -24.19 59.04
CA ALA A 139 -16.52 -25.11 58.70
C ALA A 139 -16.78 -25.57 57.29
N ILE A 140 -17.69 -24.90 56.59
CA ILE A 140 -17.91 -25.28 55.21
C ILE A 140 -17.65 -24.07 54.32
N ALA A 141 -16.64 -24.20 53.46
CA ALA A 141 -16.30 -23.12 52.56
C ALA A 141 -17.08 -23.41 51.30
N PHE A 142 -17.52 -22.32 50.72
CA PHE A 142 -18.29 -22.37 49.50
C PHE A 142 -17.56 -21.49 48.49
N PHE A 143 -16.89 -22.10 47.51
CA PHE A 143 -16.17 -21.33 46.49
C PHE A 143 -17.01 -21.44 45.23
N GLY A 144 -17.07 -20.41 44.43
CA GLY A 144 -17.87 -20.63 43.26
C GLY A 144 -17.71 -19.51 42.30
N HIS A 145 -18.19 -19.77 41.11
CA HIS A 145 -18.11 -18.76 40.12
C HIS A 145 -19.16 -18.97 39.08
N GLY A 146 -19.39 -17.95 38.27
CA GLY A 146 -20.39 -18.08 37.23
C GLY A 146 -21.75 -17.65 37.73
N THR A 147 -22.72 -17.57 36.84
CA THR A 147 -24.06 -17.14 37.22
C THR A 147 -24.63 -17.78 38.48
N GLY A 148 -24.64 -19.11 38.50
CA GLY A 148 -25.18 -19.80 39.65
C GLY A 148 -24.36 -19.65 40.90
N ASP A 149 -23.41 -18.71 40.93
CA ASP A 149 -22.62 -18.56 42.14
C ASP A 149 -23.46 -17.80 43.13
N TYR A 150 -24.57 -17.26 42.62
CA TYR A 150 -25.51 -16.60 43.46
C TYR A 150 -25.99 -17.67 44.43
N TRP A 151 -26.34 -18.84 43.91
CA TRP A 151 -26.86 -19.86 44.80
C TRP A 151 -25.84 -20.45 45.68
N PHE A 152 -24.74 -20.79 45.08
CA PHE A 152 -23.75 -21.41 45.87
C PHE A 152 -22.91 -20.50 46.69
N VAL A 153 -22.50 -19.38 46.14
CA VAL A 153 -21.63 -18.51 46.89
C VAL A 153 -22.28 -17.39 47.69
N ASP A 154 -23.34 -16.81 47.16
CA ASP A 154 -24.00 -15.71 47.81
C ASP A 154 -25.17 -16.15 48.71
N PHE A 155 -25.96 -17.09 48.20
CA PHE A 155 -27.15 -17.52 48.91
C PHE A 155 -27.02 -18.72 49.84
N LEU A 156 -26.88 -19.90 49.27
CA LEU A 156 -26.74 -21.08 50.09
C LEU A 156 -25.80 -20.88 51.29
N PRO A 157 -24.59 -20.34 51.06
CA PRO A 157 -23.68 -20.16 52.20
C PRO A 157 -24.23 -19.29 53.30
N ALA A 158 -24.88 -18.21 52.95
CA ALA A 158 -25.40 -17.35 53.98
C ALA A 158 -26.61 -18.00 54.64
N ALA A 159 -27.44 -18.66 53.84
CA ALA A 159 -28.61 -19.31 54.40
C ALA A 159 -28.17 -20.45 55.29
N TRP A 160 -26.97 -20.97 55.02
CA TRP A 160 -26.49 -22.05 55.82
C TRP A 160 -25.70 -21.52 57.01
N GLY A 161 -25.19 -20.30 56.89
CA GLY A 161 -24.46 -19.73 58.00
C GLY A 161 -22.95 -19.78 57.92
N SER A 162 -22.40 -19.90 56.71
CA SER A 162 -20.96 -19.92 56.61
C SER A 162 -20.53 -18.65 55.92
N PRO A 163 -19.60 -17.91 56.52
CA PRO A 163 -19.12 -16.66 55.93
C PRO A 163 -17.97 -16.95 54.96
N ASN A 164 -17.56 -18.22 54.91
CA ASN A 164 -16.47 -18.63 54.07
C ASN A 164 -16.92 -18.98 52.68
N ALA A 165 -17.45 -17.95 52.03
CA ALA A 165 -17.91 -18.04 50.67
C ALA A 165 -17.06 -17.07 49.88
N ALA A 166 -16.55 -17.55 48.76
CA ALA A 166 -15.67 -16.73 47.98
C ALA A 166 -15.66 -17.05 46.51
N LYS A 167 -15.21 -16.07 45.74
CA LYS A 167 -15.07 -16.26 44.31
C LYS A 167 -13.75 -15.66 43.95
N PRO A 168 -13.08 -16.28 42.97
CA PRO A 168 -11.78 -15.87 42.47
C PRO A 168 -11.79 -14.53 41.79
N SER A 169 -12.98 -14.06 41.42
CA SER A 169 -13.01 -12.78 40.75
C SER A 169 -12.89 -11.63 41.75
N VAL A 170 -12.54 -11.96 42.99
CA VAL A 170 -12.43 -11.00 44.07
C VAL A 170 -11.05 -10.87 44.61
N SER A 171 -10.42 -11.98 44.95
CA SER A 171 -9.08 -11.81 45.43
C SER A 171 -8.12 -12.28 44.35
N LEU A 172 -8.67 -12.79 43.25
CA LEU A 172 -7.79 -13.20 42.17
C LEU A 172 -8.08 -12.40 40.96
N CYS A 173 -8.75 -11.29 41.21
CA CYS A 173 -9.03 -10.47 40.08
C CYS A 173 -9.20 -9.02 40.39
N THR A 174 -10.37 -8.79 40.89
CA THR A 174 -10.85 -7.47 41.07
C THR A 174 -10.76 -6.74 42.38
N ALA A 175 -10.46 -7.47 43.43
CA ALA A 175 -10.39 -6.86 44.74
C ALA A 175 -9.63 -5.55 44.82
N PRO A 176 -8.40 -5.50 44.30
CA PRO A 176 -7.67 -4.24 44.39
C PRO A 176 -8.40 -3.03 43.93
N ARG A 177 -9.05 -3.17 42.81
CA ARG A 177 -9.71 -2.00 42.29
C ARG A 177 -11.05 -1.77 42.92
N GLU A 178 -11.69 -2.82 43.43
CA GLU A 178 -13.01 -2.61 44.03
C GLU A 178 -12.88 -1.89 45.34
N VAL A 179 -11.82 -2.23 46.07
CA VAL A 179 -11.51 -1.62 47.34
C VAL A 179 -11.12 -0.19 47.06
N ALA A 180 -10.16 0.01 46.15
CA ALA A 180 -9.70 1.33 45.78
C ALA A 180 -10.91 2.19 45.45
N SER A 181 -11.78 1.64 44.64
CA SER A 181 -12.97 2.34 44.21
C SER A 181 -13.96 2.60 45.36
N GLN A 182 -14.12 1.64 46.26
CA GLN A 182 -15.07 1.88 47.35
C GLN A 182 -14.59 3.02 48.22
N TRP A 183 -13.30 3.08 48.45
CA TRP A 183 -12.68 4.12 49.25
C TRP A 183 -12.65 5.47 48.55
N VAL A 184 -12.33 5.47 47.27
CA VAL A 184 -12.20 6.73 46.54
C VAL A 184 -13.55 7.31 46.13
N PHE A 185 -14.43 6.45 45.65
CA PHE A 185 -15.74 6.87 45.20
C PHE A 185 -16.64 6.17 46.13
N GLY A 186 -17.91 6.37 46.09
CA GLY A 186 -18.53 5.53 47.06
C GLY A 186 -19.06 4.32 46.35
N ARG A 187 -18.54 4.13 45.16
CA ARG A 187 -19.07 3.05 44.37
C ARG A 187 -18.12 2.02 43.87
N PRO A 188 -18.69 0.91 43.38
CA PRO A 188 -17.88 -0.17 42.83
C PRO A 188 -17.46 0.28 41.44
N ILE A 189 -16.66 -0.53 40.77
CA ILE A 189 -16.35 -0.17 39.41
C ILE A 189 -17.36 -1.09 38.75
N GLY A 190 -17.51 -2.29 39.29
CA GLY A 190 -18.51 -3.21 38.79
C GLY A 190 -18.09 -4.18 37.73
N GLY A 191 -19.01 -5.04 37.34
CA GLY A 191 -18.73 -6.05 36.34
C GLY A 191 -18.69 -5.51 34.92
N HIS A 192 -19.46 -4.46 34.68
CA HIS A 192 -19.50 -3.84 33.37
C HIS A 192 -18.87 -2.50 33.62
N GLU A 193 -17.55 -2.47 33.74
CA GLU A 193 -16.91 -1.23 34.07
C GLU A 193 -17.46 -0.03 33.28
N PRO A 194 -17.97 0.97 34.02
CA PRO A 194 -18.60 2.23 33.60
C PRO A 194 -17.82 3.28 32.85
N ILE A 195 -17.13 2.87 31.80
CA ILE A 195 -16.36 3.79 30.99
C ILE A 195 -17.20 4.23 29.83
N ASP A 196 -17.21 5.52 29.64
CA ASP A 196 -17.94 6.13 28.57
C ASP A 196 -16.97 6.15 27.42
N TRP A 197 -16.73 4.98 26.84
CA TRP A 197 -15.76 4.89 25.77
C TRP A 197 -16.05 5.72 24.57
N GLU A 198 -17.32 5.82 24.25
CA GLU A 198 -17.70 6.49 23.05
C GLU A 198 -17.42 7.99 23.02
N ASN A 199 -17.28 8.59 24.19
CA ASN A 199 -16.93 9.99 24.20
C ASN A 199 -15.50 10.20 24.61
N ALA A 200 -14.82 9.13 24.98
CA ALA A 200 -13.43 9.23 25.37
C ALA A 200 -12.58 9.72 24.20
N ARG A 201 -11.56 10.51 24.50
CA ARG A 201 -10.74 11.11 23.46
C ARG A 201 -9.31 10.76 23.51
N TYR A 202 -8.95 10.25 24.66
CA TYR A 202 -7.61 9.87 24.97
C TYR A 202 -7.83 8.83 26.04
N ILE A 203 -7.29 7.64 25.80
CA ILE A 203 -7.48 6.56 26.72
C ILE A 203 -6.16 5.95 27.16
N VAL A 204 -5.97 5.80 28.46
CA VAL A 204 -4.73 5.21 28.89
C VAL A 204 -5.01 3.87 29.55
N LEU A 205 -4.49 2.84 28.91
CA LEU A 205 -4.65 1.48 29.36
C LEU A 205 -3.41 1.03 30.07
N ILE A 206 -3.62 0.66 31.32
CA ILE A 206 -2.53 0.14 32.08
C ILE A 206 -2.73 -1.36 32.26
N GLY A 207 -2.06 -2.13 31.39
CA GLY A 207 -2.09 -3.58 31.48
C GLY A 207 -3.39 -4.21 31.05
N HIS A 208 -4.29 -3.32 30.76
CA HIS A 208 -5.61 -3.59 30.31
C HIS A 208 -5.43 -4.12 28.89
N HIS A 209 -5.44 -5.43 28.65
CA HIS A 209 -5.25 -5.85 27.27
C HIS A 209 -6.59 -6.06 26.60
N ILE A 210 -7.00 -5.09 25.79
CA ILE A 210 -8.27 -5.21 25.09
C ILE A 210 -8.02 -5.74 23.71
N GLY A 211 -8.71 -6.82 23.43
CA GLY A 211 -8.53 -7.43 22.15
C GLY A 211 -8.07 -8.83 22.45
N GLU A 212 -7.39 -9.01 23.57
CA GLU A 212 -6.95 -10.34 23.99
C GLU A 212 -8.00 -10.70 25.03
N ASP A 213 -8.25 -9.73 25.91
CA ASP A 213 -9.31 -9.82 26.90
C ASP A 213 -10.37 -9.42 25.91
N THR A 214 -11.33 -10.30 25.78
CA THR A 214 -12.26 -10.11 24.73
C THR A 214 -13.70 -9.92 25.12
N HIS A 215 -13.87 -9.32 26.30
CA HIS A 215 -15.18 -8.96 26.83
C HIS A 215 -15.83 -8.21 25.74
N ASN A 216 -16.95 -8.75 25.34
CA ASN A 216 -17.66 -8.22 24.23
C ASN A 216 -17.79 -6.73 24.07
N THR A 217 -18.67 -6.15 24.87
CA THR A 217 -18.96 -4.74 24.77
C THR A 217 -17.78 -3.84 24.84
N GLN A 218 -16.83 -4.18 25.68
CA GLN A 218 -15.72 -3.27 25.77
C GLN A 218 -14.85 -3.40 24.54
N LEU A 219 -14.95 -4.51 23.82
CA LEU A 219 -14.16 -4.64 22.60
C LEU A 219 -14.83 -3.70 21.64
N GLN A 220 -16.15 -3.86 21.53
CA GLN A 220 -16.93 -2.99 20.68
C GLN A 220 -16.63 -1.54 20.98
N ASP A 221 -16.77 -1.15 22.23
CA ASP A 221 -16.54 0.24 22.60
C ASP A 221 -15.15 0.76 22.30
N PHE A 222 -14.17 -0.06 22.64
CA PHE A 222 -12.80 0.30 22.41
C PHE A 222 -12.62 0.53 20.91
N ALA A 223 -13.16 -0.40 20.13
CA ALA A 223 -13.05 -0.31 18.68
C ALA A 223 -13.75 0.94 18.17
N LEU A 224 -14.86 1.30 18.80
CA LEU A 224 -15.57 2.48 18.37
C LEU A 224 -14.80 3.72 18.74
N ALA A 225 -14.14 3.68 19.88
CA ALA A 225 -13.34 4.81 20.30
C ALA A 225 -12.23 4.98 19.27
N LEU A 226 -11.51 3.91 18.96
CA LEU A 226 -10.42 4.04 17.99
C LEU A 226 -10.92 4.69 16.73
N LYS A 227 -12.06 4.17 16.31
CA LYS A 227 -12.77 4.56 15.12
C LYS A 227 -13.06 6.05 15.04
N ASN A 228 -13.47 6.62 16.16
CA ASN A 228 -13.78 8.03 16.19
C ASN A 228 -12.58 8.90 16.48
N GLY A 229 -11.39 8.34 16.39
CA GLY A 229 -10.25 9.17 16.63
C GLY A 229 -9.89 9.25 18.09
N ALA A 230 -10.00 8.11 18.75
CA ALA A 230 -9.65 7.99 20.14
C ALA A 230 -8.24 7.46 20.14
N LYS A 231 -7.34 8.29 20.62
CA LYS A 231 -5.98 7.86 20.68
C LYS A 231 -5.75 7.29 22.07
N VAL A 232 -5.23 6.08 21.99
CA VAL A 232 -4.99 5.14 23.06
C VAL A 232 -3.54 4.93 23.46
N VAL A 233 -3.25 5.12 24.73
CA VAL A 233 -1.90 4.89 25.21
C VAL A 233 -1.88 3.59 25.98
N VAL A 234 -0.98 2.68 25.65
CA VAL A 234 -0.94 1.45 26.39
C VAL A 234 0.34 1.36 27.15
N VAL A 235 0.20 1.03 28.42
CA VAL A 235 1.31 0.88 29.34
C VAL A 235 1.28 -0.60 29.64
N ASP A 236 2.36 -1.28 29.30
CA ASP A 236 2.38 -2.71 29.45
C ASP A 236 3.79 -3.14 29.09
N PRO A 237 4.35 -4.10 29.83
CA PRO A 237 5.70 -4.49 29.45
C PRO A 237 5.63 -5.33 28.19
N ARG A 238 4.42 -5.59 27.73
CA ARG A 238 4.23 -6.42 26.55
C ARG A 238 3.47 -5.65 25.47
N PHE A 239 3.94 -5.76 24.22
CA PHE A 239 3.27 -5.08 23.11
C PHE A 239 2.08 -5.94 22.73
N SER A 240 1.01 -5.75 23.48
CA SER A 240 -0.22 -6.49 23.28
C SER A 240 -1.03 -6.06 22.07
N THR A 241 -2.23 -6.62 21.99
CA THR A 241 -3.11 -6.30 20.90
C THR A 241 -3.53 -4.86 21.02
N ALA A 242 -3.91 -4.47 22.23
CA ALA A 242 -4.34 -3.11 22.46
C ALA A 242 -3.18 -2.17 22.17
N ALA A 243 -1.96 -2.60 22.45
CA ALA A 243 -0.83 -1.75 22.16
C ALA A 243 -0.71 -1.64 20.65
N ALA A 244 -1.14 -2.68 19.93
CA ALA A 244 -1.03 -2.69 18.48
C ALA A 244 -1.93 -1.65 17.85
N LYS A 245 -2.80 -1.09 18.67
CA LYS A 245 -3.75 -0.07 18.24
C LYS A 245 -3.49 1.25 18.90
N ALA A 246 -2.39 1.34 19.62
CA ALA A 246 -2.08 2.52 20.37
C ALA A 246 -1.21 3.55 19.69
N HIS A 247 -1.40 4.79 20.09
CA HIS A 247 -0.64 5.88 19.56
C HIS A 247 0.66 5.84 20.32
N ARG A 248 0.60 5.48 21.59
CA ARG A 248 1.84 5.33 22.33
C ARG A 248 1.90 4.01 23.08
N TRP A 249 3.04 3.36 23.02
CA TRP A 249 3.18 2.15 23.81
C TRP A 249 4.25 2.48 24.83
N LEU A 250 3.93 2.44 26.12
CA LEU A 250 4.98 2.68 27.10
C LEU A 250 5.39 1.31 27.64
N PRO A 251 6.51 0.75 27.16
CA PRO A 251 6.94 -0.57 27.65
C PRO A 251 7.52 -0.53 29.03
N ILE A 252 6.63 -0.32 29.97
CA ILE A 252 6.95 -0.18 31.38
C ILE A 252 7.64 -1.35 32.02
N LYS A 253 8.57 -1.05 32.89
CA LYS A 253 9.24 -2.11 33.59
C LYS A 253 8.15 -2.68 34.50
N PRO A 254 7.98 -4.00 34.51
CA PRO A 254 6.93 -4.58 35.35
C PRO A 254 6.93 -4.26 36.82
N GLY A 255 5.72 -4.09 37.33
CA GLY A 255 5.45 -3.83 38.75
C GLY A 255 5.84 -2.44 39.15
N THR A 256 5.81 -1.58 38.17
CA THR A 256 6.29 -0.26 38.35
C THR A 256 5.29 0.85 37.99
N ASP A 257 4.05 0.45 37.76
CA ASP A 257 3.01 1.35 37.35
C ASP A 257 2.61 2.39 38.32
N THR A 258 2.77 2.11 39.60
CA THR A 258 2.36 3.12 40.52
C THR A 258 3.30 4.29 40.44
N ALA A 259 4.56 4.08 40.04
CA ALA A 259 5.51 5.18 39.96
C ALA A 259 5.16 6.10 38.80
N LEU A 260 4.64 5.49 37.74
CA LEU A 260 4.26 6.20 36.54
C LEU A 260 2.95 6.90 36.89
N LEU A 261 2.08 6.24 37.63
CA LEU A 261 0.84 6.91 38.00
C LEU A 261 1.12 8.06 38.94
N LEU A 262 1.97 7.86 39.95
CA LEU A 262 2.28 8.95 40.87
C LEU A 262 2.91 10.15 40.14
N ALA A 263 3.78 9.87 39.18
CA ALA A 263 4.46 10.93 38.45
C ALA A 263 3.51 11.64 37.52
N TRP A 264 2.42 10.98 37.15
CA TRP A 264 1.46 11.66 36.30
C TRP A 264 0.61 12.48 37.22
N ILE A 265 0.33 11.95 38.41
CA ILE A 265 -0.46 12.67 39.40
C ILE A 265 0.32 13.96 39.66
N HIS A 266 1.62 13.78 39.84
CA HIS A 266 2.49 14.91 40.06
C HIS A 266 2.44 15.90 38.91
N VAL A 267 2.50 15.43 37.68
CA VAL A 267 2.49 16.39 36.58
C VAL A 267 1.18 17.16 36.46
N LEU A 268 0.05 16.50 36.72
CA LEU A 268 -1.22 17.20 36.62
C LEU A 268 -1.43 18.13 37.79
N ILE A 269 -0.86 17.80 38.94
CA ILE A 269 -1.00 18.68 40.08
C ILE A 269 0.00 19.81 39.98
N TYR A 270 1.27 19.47 39.79
CA TYR A 270 2.32 20.48 39.73
C TYR A 270 2.46 21.31 38.51
N GLU A 271 1.95 20.84 37.39
CA GLU A 271 2.06 21.66 36.22
C GLU A 271 0.76 22.36 36.11
N ASP A 272 -0.07 22.08 37.11
CA ASP A 272 -1.34 22.74 37.20
C ASP A 272 -2.24 22.47 36.02
N LEU A 273 -2.37 21.19 35.67
CA LEU A 273 -3.17 20.82 34.53
C LEU A 273 -4.49 20.22 34.94
N TYR A 274 -4.64 19.97 36.22
CA TYR A 274 -5.84 19.30 36.65
C TYR A 274 -7.09 20.12 36.62
N ASP A 275 -8.20 19.42 36.72
CA ASP A 275 -9.47 20.05 36.71
C ASP A 275 -9.75 20.60 38.08
N LYS A 276 -9.51 21.89 38.18
CA LYS A 276 -9.65 22.59 39.42
C LYS A 276 -11.01 22.56 40.04
N GLU A 277 -12.01 22.88 39.24
CA GLU A 277 -13.35 22.86 39.76
C GLU A 277 -13.75 21.52 40.29
N TYR A 278 -13.54 20.54 39.43
CA TYR A 278 -13.95 19.21 39.76
C TYR A 278 -13.39 18.83 41.13
N VAL A 279 -12.12 19.09 41.37
CA VAL A 279 -11.59 18.73 42.67
C VAL A 279 -12.28 19.57 43.74
N ALA A 280 -12.43 20.86 43.45
CA ALA A 280 -13.11 21.75 44.38
C ALA A 280 -14.51 21.24 44.72
N LYS A 281 -15.34 20.90 43.74
CA LYS A 281 -16.67 20.49 44.18
C LYS A 281 -16.96 19.03 44.52
N TYR A 282 -16.07 18.10 44.19
CA TYR A 282 -16.39 16.68 44.42
C TYR A 282 -15.28 15.89 45.04
N THR A 283 -14.33 16.59 45.60
CA THR A 283 -13.18 15.92 46.08
C THR A 283 -12.81 16.31 47.50
N VAL A 284 -12.60 15.30 48.36
CA VAL A 284 -12.15 15.61 49.71
C VAL A 284 -10.67 15.26 49.75
N GLY A 285 -9.95 15.94 50.61
CA GLY A 285 -8.53 15.72 50.78
C GLY A 285 -7.66 15.70 49.54
N PHE A 286 -7.73 16.74 48.71
CA PHE A 286 -6.88 16.81 47.50
C PHE A 286 -5.50 17.28 47.86
N GLU A 287 -5.43 17.98 48.98
CA GLU A 287 -4.20 18.58 49.46
C GLU A 287 -3.16 17.61 49.93
N GLU A 288 -3.64 16.57 50.59
CA GLU A 288 -2.78 15.52 51.09
C GLU A 288 -2.03 14.91 49.91
N LEU A 289 -2.73 14.81 48.79
CA LEU A 289 -2.21 14.22 47.55
C LEU A 289 -1.12 15.04 46.90
N LYS A 290 -1.30 16.35 46.86
CA LYS A 290 -0.32 17.21 46.23
C LYS A 290 1.01 17.14 46.95
N ALA A 291 0.94 17.20 48.27
CA ALA A 291 2.14 17.16 49.10
C ALA A 291 2.81 15.80 49.09
N HIS A 292 1.99 14.75 49.06
CA HIS A 292 2.45 13.38 49.01
C HIS A 292 3.32 13.17 47.78
N VAL A 293 2.79 13.69 46.69
CA VAL A 293 3.35 13.54 45.38
C VAL A 293 4.42 14.54 44.97
N LYS A 294 4.94 15.26 45.93
CA LYS A 294 5.91 16.29 45.67
C LYS A 294 7.18 15.89 44.93
N ASP A 295 7.80 14.83 45.40
CA ASP A 295 9.03 14.35 44.82
C ASP A 295 8.87 13.31 43.75
N PHE A 296 7.66 12.79 43.55
CA PHE A 296 7.47 11.80 42.52
C PHE A 296 7.38 12.49 41.20
N THR A 297 8.53 12.80 40.66
CA THR A 297 8.63 13.51 39.42
C THR A 297 8.88 12.59 38.23
N PRO A 298 8.60 13.09 37.02
CA PRO A 298 8.85 12.26 35.86
C PRO A 298 10.30 11.76 35.86
N GLU A 299 11.22 12.46 36.52
CA GLU A 299 12.59 11.97 36.49
C GLU A 299 12.73 10.89 37.55
N TRP A 300 12.00 11.02 38.66
CA TRP A 300 12.04 9.97 39.67
C TRP A 300 11.39 8.71 39.07
N ALA A 301 10.30 8.90 38.32
CA ALA A 301 9.56 7.82 37.70
C ALA A 301 10.33 7.08 36.63
N GLU A 302 10.93 7.84 35.74
CA GLU A 302 11.70 7.28 34.64
C GLU A 302 12.80 6.31 35.06
N LYS A 303 13.21 6.50 36.30
CA LYS A 303 14.29 5.78 36.90
C LYS A 303 13.84 4.38 37.26
N HIS A 304 12.60 4.26 37.71
CA HIS A 304 12.07 2.96 38.09
C HIS A 304 11.23 2.36 36.99
N THR A 305 10.52 3.24 36.33
CA THR A 305 9.56 2.93 35.31
C THR A 305 10.22 2.53 34.00
N GLU A 306 11.28 3.27 33.73
CA GLU A 306 12.09 3.06 32.56
C GLU A 306 11.51 3.66 31.34
N ILE A 307 10.48 4.46 31.57
CA ILE A 307 9.83 5.19 30.50
C ILE A 307 10.51 6.54 30.61
N PRO A 308 10.98 7.09 29.48
CA PRO A 308 11.66 8.40 29.56
C PRO A 308 10.81 9.45 30.23
N ALA A 309 11.45 10.39 30.91
CA ALA A 309 10.70 11.42 31.61
C ALA A 309 9.87 12.32 30.70
N GLN A 310 10.33 12.54 29.47
CA GLN A 310 9.59 13.40 28.54
C GLN A 310 8.27 12.72 28.21
N VAL A 311 8.36 11.44 27.90
CA VAL A 311 7.20 10.65 27.63
C VAL A 311 6.27 10.73 28.83
N ILE A 312 6.77 10.55 30.04
CA ILE A 312 5.85 10.61 31.20
C ILE A 312 5.10 11.92 31.27
N ARG A 313 5.82 12.99 30.98
CA ARG A 313 5.27 14.33 30.96
C ARG A 313 4.27 14.53 29.86
N GLU A 314 4.70 14.21 28.65
CA GLU A 314 3.87 14.34 27.48
C GLU A 314 2.57 13.59 27.67
N VAL A 315 2.64 12.37 28.16
CA VAL A 315 1.40 11.64 28.35
C VAL A 315 0.47 12.35 29.32
N ALA A 316 0.97 12.87 30.42
CA ALA A 316 0.05 13.55 31.34
C ALA A 316 -0.50 14.83 30.73
N ARG A 317 0.31 15.52 29.95
CA ARG A 317 -0.14 16.77 29.34
C ARG A 317 -1.22 16.51 28.35
N GLU A 318 -0.97 15.53 27.50
CA GLU A 318 -1.90 15.15 26.48
C GLU A 318 -3.19 14.72 27.10
N MET A 319 -3.13 14.07 28.25
CA MET A 319 -4.39 13.63 28.80
C MET A 319 -5.08 14.83 29.41
N ALA A 320 -4.32 15.71 30.05
CA ALA A 320 -4.89 16.93 30.60
C ALA A 320 -5.52 17.70 29.43
N ALA A 321 -4.81 17.83 28.31
CA ALA A 321 -5.36 18.54 27.16
C ALA A 321 -6.72 18.01 26.69
N HIS A 322 -7.12 16.83 27.15
CA HIS A 322 -8.38 16.28 26.64
C HIS A 322 -9.51 16.20 27.61
N LYS A 323 -9.18 16.38 28.88
CA LYS A 323 -10.18 16.30 29.92
C LYS A 323 -11.41 17.06 29.55
N PRO A 324 -12.55 16.61 30.05
CA PRO A 324 -12.71 15.45 30.94
C PRO A 324 -12.75 14.14 30.16
N ARG A 325 -12.47 14.23 28.87
CA ARG A 325 -12.52 13.11 27.96
C ARG A 325 -11.27 12.32 27.73
N ALA A 326 -10.53 12.18 28.82
CA ALA A 326 -9.31 11.44 28.87
C ALA A 326 -9.58 10.51 30.04
N VAL A 327 -9.42 9.21 29.81
CA VAL A 327 -9.65 8.20 30.85
C VAL A 327 -8.57 7.18 30.98
N LEU A 328 -8.30 6.80 32.21
CA LEU A 328 -7.43 5.67 32.41
C LEU A 328 -8.41 4.63 32.88
N PRO A 329 -9.06 3.92 31.97
CA PRO A 329 -9.97 2.95 32.58
C PRO A 329 -9.24 1.96 33.44
N PRO A 330 -9.82 1.60 34.57
CA PRO A 330 -9.15 0.63 35.45
C PRO A 330 -9.26 -0.77 34.87
N THR A 331 -8.15 -1.47 34.82
CA THR A 331 -8.17 -2.80 34.26
C THR A 331 -8.97 -3.74 35.17
N ARG A 332 -9.25 -4.93 34.72
CA ARG A 332 -10.03 -5.77 35.58
C ARG A 332 -9.14 -6.63 36.44
N HIS A 333 -8.18 -7.28 35.82
CA HIS A 333 -7.31 -8.10 36.61
C HIS A 333 -6.16 -7.23 37.09
N ASN A 334 -6.25 -7.04 38.40
CA ASN A 334 -5.40 -6.20 39.22
C ASN A 334 -4.61 -6.85 40.36
N VAL A 335 -4.37 -8.14 40.36
CA VAL A 335 -3.69 -8.69 41.51
C VAL A 335 -2.16 -8.63 41.37
N TRP A 336 -1.73 -8.38 40.14
CA TRP A 336 -0.34 -8.25 39.70
C TRP A 336 0.78 -8.30 40.65
N TYR A 337 0.66 -7.50 41.68
CA TYR A 337 1.72 -7.49 42.66
C TYR A 337 1.00 -7.29 44.01
N GLY A 338 1.68 -7.45 45.12
CA GLY A 338 1.03 -7.32 46.43
C GLY A 338 0.44 -5.96 46.77
N ASP A 339 1.00 -4.92 46.18
CA ASP A 339 0.54 -3.57 46.46
C ASP A 339 -0.70 -3.09 45.74
N ASP A 340 -1.12 -3.77 44.71
CA ASP A 340 -2.27 -3.41 43.90
C ASP A 340 -3.35 -2.37 44.21
N THR A 341 -3.85 -2.28 45.45
CA THR A 341 -4.87 -1.29 45.69
C THR A 341 -4.29 0.11 45.56
N TYR A 342 -3.01 0.25 45.84
CA TYR A 342 -2.36 1.53 45.66
C TYR A 342 -2.32 1.91 44.20
N ARG A 343 -1.89 1.00 43.34
CA ARG A 343 -1.84 1.36 41.94
C ARG A 343 -3.22 1.80 41.48
N VAL A 344 -4.26 1.05 41.81
CA VAL A 344 -5.56 1.46 41.35
C VAL A 344 -5.97 2.81 41.95
N MET A 345 -5.73 3.01 43.24
CA MET A 345 -6.09 4.28 43.85
C MET A 345 -5.50 5.43 43.06
N ALA A 346 -4.23 5.29 42.72
CA ALA A 346 -3.47 6.29 41.96
C ALA A 346 -4.03 6.55 40.59
N LEU A 347 -4.50 5.49 39.96
CA LEU A 347 -5.08 5.55 38.64
C LEU A 347 -6.38 6.28 38.74
N LEU A 348 -7.08 6.05 39.85
CA LEU A 348 -8.36 6.69 40.08
C LEU A 348 -8.14 8.17 40.39
N TYR A 349 -7.06 8.50 41.10
CA TYR A 349 -6.79 9.90 41.41
C TYR A 349 -6.58 10.65 40.10
N VAL A 350 -5.82 10.06 39.20
CA VAL A 350 -5.56 10.67 37.90
C VAL A 350 -6.87 10.91 37.19
N ASN A 351 -7.81 9.97 37.32
CA ASN A 351 -9.09 10.16 36.66
C ASN A 351 -9.85 11.28 37.32
N VAL A 352 -9.76 11.34 38.63
CA VAL A 352 -10.42 12.37 39.38
C VAL A 352 -9.82 13.72 38.99
N LEU A 353 -8.50 13.81 38.99
CA LEU A 353 -7.77 15.03 38.65
C LEU A 353 -8.07 15.50 37.24
N LEU A 354 -8.57 14.59 36.42
CA LEU A 354 -8.88 14.92 35.05
C LEU A 354 -10.33 15.37 34.97
N GLY A 355 -11.07 15.12 36.06
CA GLY A 355 -12.46 15.50 36.16
C GLY A 355 -13.37 14.62 35.35
N ASN A 356 -12.97 13.39 35.13
CA ASN A 356 -13.79 12.55 34.28
C ASN A 356 -14.85 11.67 34.89
N TYR A 357 -14.87 11.53 36.20
CA TYR A 357 -15.83 10.63 36.77
C TYR A 357 -17.23 11.17 36.77
N GLY A 358 -18.11 10.49 36.06
CA GLY A 358 -19.48 10.94 36.00
C GLY A 358 -19.65 11.96 34.90
N ARG A 359 -18.64 12.15 34.06
CA ARG A 359 -18.76 13.11 32.97
C ARG A 359 -18.61 12.37 31.67
N PRO A 360 -19.26 12.92 30.65
CA PRO A 360 -19.01 12.18 29.43
C PRO A 360 -17.60 12.39 29.06
N GLY A 361 -16.97 11.24 28.94
CA GLY A 361 -15.61 11.17 28.61
C GLY A 361 -15.18 9.80 29.10
N GLY A 362 -15.40 9.48 30.36
CA GLY A 362 -14.95 8.18 30.75
C GLY A 362 -15.64 7.41 31.85
N PHE A 363 -16.53 8.05 32.61
CA PHE A 363 -17.15 7.33 33.71
C PHE A 363 -18.60 7.79 33.84
N TYR A 364 -19.56 7.07 33.28
CA TYR A 364 -20.94 7.58 33.37
C TYR A 364 -21.79 7.59 34.65
N ILE A 365 -21.58 6.75 35.64
CA ILE A 365 -22.31 6.49 36.93
C ILE A 365 -23.24 5.35 36.58
N ALA A 366 -22.97 4.22 37.18
CA ALA A 366 -23.71 3.01 36.89
C ALA A 366 -24.70 2.67 37.96
N GLN A 367 -25.97 2.68 37.61
CA GLN A 367 -26.92 2.33 38.63
C GLN A 367 -27.46 0.98 38.36
N SER A 368 -27.69 0.28 39.45
CA SER A 368 -28.18 -1.06 39.41
C SER A 368 -29.66 -1.08 39.09
N PRO A 369 -30.09 -2.08 38.33
CA PRO A 369 -31.53 -2.07 38.03
C PRO A 369 -32.42 -2.44 39.19
N TYR A 370 -33.68 -2.12 39.06
CA TYR A 370 -34.62 -2.48 40.08
C TYR A 370 -35.36 -3.75 39.71
N LEU A 371 -35.13 -4.80 40.47
CA LEU A 371 -35.82 -6.05 40.27
C LEU A 371 -35.80 -6.46 41.70
N GLU A 372 -37.00 -6.61 42.20
CA GLU A 372 -37.12 -6.89 43.58
C GLU A 372 -36.85 -8.32 43.94
N LYS A 373 -36.10 -8.49 45.02
CA LYS A 373 -35.74 -9.82 45.44
C LYS A 373 -36.96 -10.65 45.73
N TYR A 374 -36.77 -11.95 45.71
CA TYR A 374 -37.85 -12.83 45.99
C TYR A 374 -37.94 -12.75 47.51
N PRO A 375 -39.15 -12.52 48.06
CA PRO A 375 -39.40 -12.38 49.50
C PRO A 375 -39.04 -13.53 50.38
N LEU A 376 -38.14 -13.24 51.29
CA LEU A 376 -37.69 -14.27 52.15
C LEU A 376 -37.24 -13.75 53.48
N PRO A 377 -37.09 -14.66 54.41
CA PRO A 377 -36.62 -14.28 55.73
C PRO A 377 -35.18 -13.84 55.52
N PRO A 378 -34.70 -12.92 56.36
CA PRO A 378 -33.32 -12.50 56.18
C PRO A 378 -32.42 -13.72 56.28
N LEU A 379 -31.28 -13.63 55.66
CA LEU A 379 -30.37 -14.75 55.69
C LEU A 379 -29.58 -14.78 56.99
N PRO A 380 -29.29 -15.98 57.52
CA PRO A 380 -28.50 -15.90 58.74
C PRO A 380 -27.36 -14.87 58.57
N LEU A 381 -26.54 -14.96 57.54
CA LEU A 381 -25.49 -13.97 57.39
C LEU A 381 -25.82 -13.11 56.21
N GLU A 382 -25.73 -11.81 56.41
CA GLU A 382 -26.01 -10.86 55.37
C GLU A 382 -24.66 -10.23 55.02
N PRO A 383 -24.53 -9.67 53.82
CA PRO A 383 -23.24 -9.10 53.48
C PRO A 383 -22.95 -7.68 53.94
N ALA A 384 -21.68 -7.32 53.87
CA ALA A 384 -21.27 -5.97 54.22
C ALA A 384 -20.46 -5.39 53.06
N ALA A 385 -21.17 -4.68 52.19
CA ALA A 385 -20.58 -4.03 51.02
C ALA A 385 -19.75 -2.85 51.48
N GLY A 386 -18.82 -3.14 52.38
CA GLY A 386 -17.98 -2.14 52.99
C GLY A 386 -17.21 -1.14 52.16
N GLY A 387 -16.77 -0.10 52.86
CA GLY A 387 -16.02 0.94 52.22
C GLY A 387 -15.52 1.94 53.22
N CYS A 388 -16.31 2.15 54.28
CA CYS A 388 -15.96 3.13 55.30
C CYS A 388 -16.41 2.71 56.70
N SER A 389 -16.14 3.59 57.65
CA SER A 389 -16.52 3.47 59.04
C SER A 389 -16.71 2.10 59.69
N GLY A 390 -15.75 1.22 59.46
CA GLY A 390 -15.75 -0.09 60.09
C GLY A 390 -16.38 -1.25 59.36
N PRO A 391 -15.95 -1.52 58.12
CA PRO A 391 -16.51 -2.64 57.36
C PRO A 391 -15.64 -3.87 57.38
N SER A 392 -14.83 -3.98 58.42
CA SER A 392 -13.92 -5.09 58.57
C SER A 392 -14.55 -6.26 59.32
N GLY A 393 -14.31 -6.33 60.62
CA GLY A 393 -14.85 -7.45 61.39
C GLY A 393 -15.79 -7.15 62.54
N GLY A 394 -16.40 -5.98 62.51
CA GLY A 394 -17.31 -5.63 63.58
C GLY A 394 -18.40 -6.66 63.86
N ASP A 395 -18.98 -7.19 62.79
CA ASP A 395 -20.07 -8.17 62.90
C ASP A 395 -19.58 -9.61 63.09
N HIS A 396 -18.28 -9.73 62.97
CA HIS A 396 -17.53 -10.97 63.00
C HIS A 396 -16.96 -11.29 64.40
N GLU A 397 -16.82 -10.25 65.21
CA GLU A 397 -16.27 -10.28 66.56
C GLU A 397 -17.28 -10.77 67.63
N PRO A 398 -18.32 -9.98 67.97
CA PRO A 398 -19.29 -10.47 68.97
C PRO A 398 -20.53 -10.99 68.24
N GLU A 399 -20.86 -10.25 67.18
CA GLU A 399 -21.98 -10.51 66.30
C GLU A 399 -22.17 -11.98 66.00
N GLY A 400 -23.03 -12.66 66.74
CA GLY A 400 -23.22 -14.05 66.44
C GLY A 400 -21.98 -14.91 66.54
N PHE A 401 -21.83 -15.94 65.69
CA PHE A 401 -20.72 -16.82 65.99
C PHE A 401 -19.31 -17.11 65.55
N LYS A 402 -18.98 -16.99 64.24
CA LYS A 402 -17.62 -17.25 63.65
C LYS A 402 -17.33 -16.56 62.33
N PRO A 403 -16.48 -15.56 62.37
CA PRO A 403 -16.08 -14.77 61.22
C PRO A 403 -15.37 -15.51 60.09
N ARG A 404 -15.51 -14.97 58.88
CA ARG A 404 -14.85 -15.54 57.72
C ARG A 404 -13.43 -15.75 58.18
N ALA A 405 -12.91 -16.92 57.87
CA ALA A 405 -11.60 -17.35 58.28
C ALA A 405 -10.38 -16.59 57.79
N ASP A 406 -10.57 -15.54 57.00
CA ASP A 406 -9.40 -14.79 56.52
C ASP A 406 -9.51 -13.37 57.04
N LYS A 407 -10.33 -13.26 58.06
CA LYS A 407 -10.65 -12.02 58.72
C LYS A 407 -9.50 -11.13 59.17
N GLY A 408 -8.39 -11.67 59.59
CA GLY A 408 -7.40 -10.69 60.00
C GLY A 408 -6.28 -10.54 59.00
N LYS A 409 -6.38 -11.17 57.85
CA LYS A 409 -5.24 -11.14 56.98
C LYS A 409 -4.89 -9.93 56.18
N PHE A 410 -5.89 -9.13 55.88
CA PHE A 410 -5.68 -7.91 55.11
C PHE A 410 -6.72 -6.95 55.63
N PHE A 411 -6.62 -5.70 55.20
CA PHE A 411 -7.52 -4.68 55.71
C PHE A 411 -8.96 -4.75 55.27
N ALA A 412 -9.13 -4.82 53.97
CA ALA A 412 -10.45 -4.87 53.37
C ALA A 412 -11.25 -6.05 53.91
N ARG A 413 -12.55 -5.97 53.64
CA ARG A 413 -13.54 -6.91 54.12
C ARG A 413 -14.01 -7.99 53.18
N SER A 414 -13.54 -7.97 51.95
CA SER A 414 -13.95 -8.98 51.01
C SER A 414 -13.39 -10.32 51.39
N THR A 415 -14.11 -11.36 51.03
CA THR A 415 -13.63 -12.68 51.34
C THR A 415 -12.56 -13.02 50.28
N ALA A 416 -11.40 -13.52 50.68
CA ALA A 416 -10.34 -13.85 49.72
C ALA A 416 -10.18 -15.36 49.61
N ILE A 417 -10.63 -15.89 48.49
CA ILE A 417 -10.64 -17.32 48.23
C ILE A 417 -9.37 -18.06 48.56
N GLN A 418 -8.29 -17.38 48.27
CA GLN A 418 -7.00 -17.94 48.43
C GLN A 418 -6.53 -17.96 49.89
N GLU A 419 -7.18 -17.21 50.76
CA GLU A 419 -6.75 -17.20 52.15
C GLU A 419 -7.50 -18.21 53.02
N LEU A 420 -8.70 -18.60 52.63
CA LEU A 420 -9.50 -19.57 53.39
C LEU A 420 -9.09 -20.98 53.11
N ILE A 421 -7.97 -21.15 52.40
CA ILE A 421 -7.53 -22.48 52.04
C ILE A 421 -6.59 -23.02 53.06
N GLU A 422 -5.98 -22.08 53.77
CA GLU A 422 -5.00 -22.41 54.76
C GLU A 422 -5.73 -23.06 55.92
N PRO A 423 -6.85 -22.46 56.34
CA PRO A 423 -7.66 -22.97 57.45
C PRO A 423 -8.00 -24.45 57.31
N MET A 424 -7.98 -24.94 56.07
CA MET A 424 -8.32 -26.34 55.80
C MET A 424 -7.15 -27.28 55.98
N ILE A 425 -5.95 -26.70 56.01
CA ILE A 425 -4.75 -27.49 56.14
C ILE A 425 -4.31 -27.53 57.59
N THR A 426 -4.17 -26.35 58.19
CA THR A 426 -3.73 -26.23 59.57
C THR A 426 -4.83 -26.21 60.59
N GLY A 427 -6.04 -25.90 60.18
CA GLY A 427 -7.08 -25.80 61.15
C GLY A 427 -6.83 -24.47 61.84
N GLU A 428 -5.94 -23.63 61.30
CA GLU A 428 -5.79 -22.38 62.01
C GLU A 428 -7.18 -21.71 62.18
N PRO A 429 -7.32 -20.36 62.23
CA PRO A 429 -8.71 -19.90 62.46
C PRO A 429 -9.77 -20.98 62.41
N TYR A 430 -9.87 -21.78 63.48
CA TYR A 430 -10.85 -22.88 63.54
C TYR A 430 -10.59 -23.93 62.44
N PRO A 431 -11.62 -24.67 61.98
CA PRO A 431 -11.31 -25.61 60.91
C PRO A 431 -12.34 -25.53 59.80
N ILE A 432 -11.86 -25.69 58.59
CA ILE A 432 -12.80 -25.74 57.52
C ILE A 432 -12.61 -27.13 57.01
N LYS A 433 -13.59 -27.97 57.32
CA LYS A 433 -13.62 -29.31 56.81
C LYS A 433 -14.65 -29.03 55.73
N GLY A 434 -14.92 -29.89 54.77
CA GLY A 434 -15.94 -29.53 53.81
C GLY A 434 -15.73 -28.26 52.95
N LEU A 435 -15.88 -28.46 51.64
CA LEU A 435 -15.73 -27.40 50.66
C LEU A 435 -16.55 -27.72 49.44
N PHE A 436 -17.22 -26.67 48.97
CA PHE A 436 -17.99 -26.72 47.75
C PHE A 436 -17.22 -25.91 46.73
N ALA A 437 -17.22 -26.41 45.50
CA ALA A 437 -16.58 -25.72 44.40
C ALA A 437 -17.64 -25.69 43.34
N TYR A 438 -18.31 -24.56 43.26
CA TYR A 438 -19.31 -24.44 42.26
C TYR A 438 -18.67 -23.73 41.07
N GLY A 439 -18.42 -24.48 39.99
CA GLY A 439 -17.84 -23.90 38.79
C GLY A 439 -16.68 -22.97 39.05
N ILE A 440 -15.69 -23.43 39.78
CA ILE A 440 -14.57 -22.58 40.07
C ILE A 440 -13.38 -23.51 39.96
N ASN A 441 -12.40 -23.09 39.18
CA ASN A 441 -11.26 -23.92 38.94
C ASN A 441 -10.25 -23.90 40.06
N LEU A 442 -10.43 -24.79 41.01
CA LEU A 442 -9.54 -24.85 42.14
C LEU A 442 -8.06 -24.90 41.75
N PHE A 443 -7.72 -25.69 40.74
CA PHE A 443 -6.33 -25.80 40.37
C PHE A 443 -5.82 -24.81 39.36
N HIS A 444 -6.67 -23.95 38.81
CA HIS A 444 -6.14 -23.01 37.85
C HIS A 444 -6.39 -21.59 38.27
N SER A 445 -7.36 -21.40 39.14
CA SER A 445 -7.69 -20.04 39.53
C SER A 445 -7.20 -19.59 40.87
N ILE A 446 -6.67 -20.52 41.64
CA ILE A 446 -6.16 -20.20 42.96
C ILE A 446 -4.70 -20.57 42.92
N PRO A 447 -3.84 -19.65 43.30
CA PRO A 447 -2.43 -20.04 43.24
C PRO A 447 -2.02 -21.04 44.28
N ASN A 448 -0.84 -21.60 44.03
CA ASN A 448 -0.27 -22.57 44.93
C ASN A 448 -1.11 -23.83 44.92
N VAL A 449 -1.20 -24.43 43.76
CA VAL A 449 -1.98 -25.64 43.62
C VAL A 449 -1.60 -26.73 44.62
N PRO A 450 -0.30 -26.88 44.96
CA PRO A 450 0.04 -27.93 45.91
C PRO A 450 -0.66 -27.71 47.23
N ARG A 451 -0.71 -26.46 47.65
CA ARG A 451 -1.37 -26.14 48.91
C ARG A 451 -2.86 -26.43 48.81
N THR A 452 -3.48 -26.13 47.68
CA THR A 452 -4.90 -26.42 47.55
C THR A 452 -5.18 -27.93 47.62
N LYS A 453 -4.25 -28.73 47.13
CA LYS A 453 -4.43 -30.18 47.11
C LYS A 453 -4.25 -30.78 48.48
N GLU A 454 -3.40 -30.14 49.26
CA GLU A 454 -3.17 -30.57 50.63
C GLU A 454 -4.51 -30.32 51.32
N ALA A 455 -5.04 -29.13 51.07
CA ALA A 455 -6.29 -28.74 51.69
C ALA A 455 -7.44 -29.65 51.29
N LEU A 456 -7.47 -30.13 50.06
CA LEU A 456 -8.59 -31.01 49.75
C LEU A 456 -8.35 -32.32 50.48
N LYS A 457 -7.08 -32.68 50.67
CA LYS A 457 -6.77 -33.94 51.35
C LYS A 457 -7.40 -33.96 52.72
N ASN A 458 -7.20 -32.87 53.43
CA ASN A 458 -7.67 -32.77 54.78
C ASN A 458 -9.14 -32.55 55.00
N LEU A 459 -9.89 -32.42 53.94
CA LEU A 459 -11.30 -32.14 54.13
C LEU A 459 -12.14 -33.33 54.43
N ASP A 460 -13.25 -33.07 55.12
CA ASP A 460 -14.19 -34.13 55.41
C ASP A 460 -15.14 -34.22 54.25
N LEU A 461 -15.45 -33.09 53.65
CA LEU A 461 -16.32 -33.13 52.49
C LEU A 461 -15.92 -32.10 51.46
N TYR A 462 -15.86 -32.55 50.22
CA TYR A 462 -15.52 -31.63 49.16
C TYR A 462 -16.40 -31.94 47.98
N VAL A 463 -17.36 -31.05 47.75
CA VAL A 463 -18.24 -31.25 46.63
C VAL A 463 -17.90 -30.26 45.52
N ALA A 464 -18.00 -30.74 44.29
CA ALA A 464 -17.70 -29.88 43.17
C ALA A 464 -18.84 -30.02 42.21
N ILE A 465 -19.40 -28.89 41.81
CA ILE A 465 -20.52 -28.85 40.89
C ILE A 465 -19.95 -28.24 39.64
N ASP A 466 -19.96 -29.00 38.57
CA ASP A 466 -19.31 -28.51 37.37
C ASP A 466 -19.88 -29.22 36.17
N VAL A 467 -19.25 -29.01 35.02
CA VAL A 467 -19.71 -29.72 33.85
C VAL A 467 -18.67 -30.62 33.24
N LEU A 468 -17.42 -30.19 33.26
CA LEU A 468 -16.42 -30.99 32.65
C LEU A 468 -15.63 -31.67 33.73
N PRO A 469 -14.95 -32.75 33.39
CA PRO A 469 -14.16 -33.45 34.38
C PRO A 469 -12.79 -32.85 34.41
N GLN A 470 -12.71 -31.70 35.04
CA GLN A 470 -11.47 -30.98 35.17
C GLN A 470 -10.57 -31.64 36.17
N GLU A 471 -9.37 -31.12 36.34
CA GLU A 471 -8.50 -31.77 37.29
C GLU A 471 -8.93 -31.59 38.72
N HIS A 472 -9.66 -30.54 39.04
CA HIS A 472 -10.05 -30.38 40.46
C HIS A 472 -11.46 -30.89 40.75
N VAL A 473 -12.19 -31.32 39.73
CA VAL A 473 -13.53 -31.84 39.96
C VAL A 473 -13.36 -33.30 40.34
N MET A 474 -12.35 -33.91 39.77
CA MET A 474 -12.10 -35.32 40.03
C MET A 474 -11.30 -35.56 41.29
N TRP A 475 -11.35 -34.59 42.21
CA TRP A 475 -10.72 -34.76 43.50
C TRP A 475 -11.84 -34.72 44.50
N ALA A 476 -13.06 -34.65 44.00
CA ALA A 476 -14.20 -34.52 44.87
C ALA A 476 -14.89 -35.78 45.38
N ASP A 477 -15.46 -35.68 46.58
CA ASP A 477 -16.30 -36.75 47.12
C ASP A 477 -17.57 -36.17 46.53
N VAL A 478 -18.24 -36.85 45.62
CA VAL A 478 -19.43 -36.28 44.98
C VAL A 478 -19.15 -35.13 44.03
N ILE A 479 -19.49 -35.44 42.80
CA ILE A 479 -19.37 -34.57 41.67
C ILE A 479 -20.82 -34.44 41.27
N LEU A 480 -21.30 -33.22 41.10
CA LEU A 480 -22.67 -33.05 40.68
C LEU A 480 -22.63 -32.35 39.33
N PRO A 481 -23.18 -32.99 38.29
CA PRO A 481 -23.15 -32.38 36.97
C PRO A 481 -24.18 -31.31 36.76
N GLU A 482 -23.71 -30.10 36.58
CA GLU A 482 -24.65 -29.03 36.38
C GLU A 482 -25.10 -29.01 34.98
N ALA A 483 -26.25 -28.40 34.83
CA ALA A 483 -26.79 -28.25 33.53
C ALA A 483 -26.17 -26.98 33.08
N THR A 484 -25.94 -26.99 31.80
CA THR A 484 -25.27 -25.93 31.13
C THR A 484 -26.19 -24.75 30.87
N TYR A 485 -25.62 -23.56 30.70
CA TYR A 485 -26.39 -22.33 30.51
C TYR A 485 -27.44 -22.38 29.44
N LEU A 486 -27.27 -23.26 28.48
CA LEU A 486 -28.26 -23.33 27.43
C LEU A 486 -29.39 -24.26 27.81
N GLU A 487 -29.18 -25.11 28.80
CA GLU A 487 -30.19 -26.08 29.21
C GLU A 487 -30.76 -25.68 30.56
N ARG A 488 -30.57 -24.41 30.89
CA ARG A 488 -30.87 -23.97 32.24
C ARG A 488 -31.54 -22.61 32.37
N TYR A 489 -32.30 -22.43 33.45
CA TYR A 489 -32.87 -21.13 33.74
C TYR A 489 -31.95 -20.67 34.83
N ASP A 490 -31.77 -19.36 34.95
CA ASP A 490 -30.98 -18.87 36.05
C ASP A 490 -31.72 -17.67 36.55
N ASP A 491 -31.46 -17.34 37.81
CA ASP A 491 -32.06 -16.16 38.41
C ASP A 491 -31.53 -15.05 37.49
N PHE A 492 -32.26 -13.96 37.40
CA PHE A 492 -31.88 -12.86 36.55
C PHE A 492 -30.53 -12.30 36.75
N VAL A 493 -30.08 -11.65 35.68
CA VAL A 493 -28.79 -11.02 35.66
C VAL A 493 -29.00 -9.54 35.58
N LEU A 494 -28.66 -8.86 36.65
CA LEU A 494 -28.83 -7.43 36.70
C LEU A 494 -27.52 -6.77 36.40
N VAL A 495 -27.56 -5.78 35.52
CA VAL A 495 -26.34 -5.10 35.19
C VAL A 495 -26.41 -3.61 35.44
N ALA A 496 -25.57 -3.15 36.36
CA ALA A 496 -25.51 -1.73 36.67
C ALA A 496 -24.90 -1.14 35.42
N HIS A 497 -25.51 -0.05 34.98
CA HIS A 497 -25.10 0.48 33.73
C HIS A 497 -25.63 1.85 33.50
N LYS A 498 -25.16 2.47 32.43
CA LYS A 498 -25.64 3.77 32.02
C LYS A 498 -27.17 3.62 32.07
N THR A 499 -27.66 2.56 31.44
CA THR A 499 -29.09 2.24 31.43
C THR A 499 -29.17 0.84 32.02
N PRO A 500 -29.32 0.74 33.35
CA PRO A 500 -29.39 -0.55 34.03
C PRO A 500 -30.30 -1.50 33.31
N PHE A 501 -29.94 -2.76 33.30
CA PHE A 501 -30.83 -3.69 32.66
C PHE A 501 -30.86 -5.03 33.33
N ILE A 502 -31.86 -5.78 32.95
CA ILE A 502 -32.08 -7.07 33.53
C ILE A 502 -32.13 -8.08 32.42
N GLN A 503 -31.41 -9.18 32.58
CA GLN A 503 -31.43 -10.18 31.54
C GLN A 503 -31.99 -11.46 32.06
N LEU A 504 -32.57 -12.22 31.16
CA LEU A 504 -33.16 -13.49 31.51
C LEU A 504 -32.73 -14.55 30.54
N ARG A 505 -32.28 -15.68 31.08
CA ARG A 505 -31.91 -16.77 30.24
C ARG A 505 -32.94 -17.86 30.48
N THR A 506 -33.37 -18.39 29.36
CA THR A 506 -34.36 -19.42 29.28
C THR A 506 -33.73 -20.65 28.68
N PRO A 507 -34.15 -21.82 29.12
CA PRO A 507 -33.50 -22.97 28.50
C PRO A 507 -33.71 -22.95 27.02
N ALA A 508 -32.73 -23.44 26.28
CA ALA A 508 -32.87 -23.52 24.85
C ALA A 508 -33.37 -24.95 24.61
N HIS A 509 -33.21 -25.81 25.60
CA HIS A 509 -33.65 -27.20 25.52
C HIS A 509 -33.37 -27.80 26.87
N GLU A 510 -33.95 -28.95 27.17
CA GLU A 510 -33.73 -29.54 28.48
C GLU A 510 -32.40 -30.18 28.70
N PRO A 511 -31.97 -30.14 29.96
CA PRO A 511 -30.70 -30.70 30.38
C PRO A 511 -30.48 -32.05 29.72
N LEU A 512 -29.22 -32.41 29.59
CA LEU A 512 -28.93 -33.66 28.95
C LEU A 512 -28.44 -34.67 29.98
N PHE A 513 -28.65 -35.93 29.69
CA PHE A 513 -28.16 -36.94 30.60
C PHE A 513 -28.79 -36.78 31.95
N ASP A 514 -27.97 -36.79 32.98
CA ASP A 514 -28.53 -36.60 34.27
C ASP A 514 -28.11 -35.28 34.82
N THR A 515 -28.36 -34.28 34.02
CA THR A 515 -27.92 -32.97 34.38
C THR A 515 -29.00 -32.11 35.06
N LYS A 516 -28.60 -31.35 36.07
CA LYS A 516 -29.51 -30.52 36.83
C LYS A 516 -29.01 -29.09 36.95
N PRO A 517 -29.94 -28.13 36.92
CA PRO A 517 -29.58 -26.71 37.03
C PRO A 517 -29.12 -26.42 38.45
N GLY A 518 -28.32 -25.39 38.61
CA GLY A 518 -27.83 -25.06 39.93
C GLY A 518 -28.90 -24.57 40.88
N TRP A 519 -29.93 -23.92 40.36
CA TRP A 519 -30.97 -23.44 41.26
C TRP A 519 -31.60 -24.66 41.91
N TRP A 520 -31.77 -25.71 41.12
CA TRP A 520 -32.37 -26.94 41.58
C TRP A 520 -31.46 -27.67 42.56
N ILE A 521 -30.17 -27.70 42.27
CA ILE A 521 -29.23 -28.38 43.12
C ILE A 521 -29.19 -27.67 44.47
N ALA A 522 -29.21 -26.34 44.43
CA ALA A 522 -29.17 -25.54 45.65
C ALA A 522 -30.42 -25.79 46.48
N ARG A 523 -31.57 -25.62 45.87
CA ARG A 523 -32.81 -25.87 46.56
C ARG A 523 -32.84 -27.29 47.14
N GLU A 524 -32.42 -28.26 46.35
CA GLU A 524 -32.42 -29.64 46.81
C GLU A 524 -31.51 -29.90 47.98
N LEU A 525 -30.45 -29.09 48.09
CA LEU A 525 -29.56 -29.25 49.21
C LEU A 525 -30.15 -28.44 50.34
N GLY A 526 -30.77 -27.32 49.97
CA GLY A 526 -31.38 -26.40 50.90
C GLY A 526 -32.52 -27.01 51.69
N LEU A 527 -33.27 -27.88 51.03
CA LEU A 527 -34.37 -28.55 51.71
C LEU A 527 -33.79 -29.60 52.64
N ARG A 528 -32.73 -30.28 52.20
CA ARG A 528 -32.06 -31.28 53.01
C ARG A 528 -31.29 -30.75 54.27
N LEU A 529 -31.03 -29.43 54.41
CA LEU A 529 -30.26 -28.86 55.56
C LEU A 529 -31.05 -27.84 56.43
N GLY A 530 -32.38 -27.97 56.38
CA GLY A 530 -33.34 -27.13 57.12
C GLY A 530 -33.60 -25.75 56.58
N LEU A 531 -33.40 -25.56 55.29
CA LEU A 531 -33.54 -24.21 54.75
C LEU A 531 -34.70 -24.00 53.83
N GLU A 532 -35.76 -24.73 54.12
CA GLU A 532 -36.99 -24.66 53.38
C GLU A 532 -37.52 -23.23 53.34
N GLN A 533 -37.41 -22.44 54.41
CA GLN A 533 -37.96 -21.07 54.34
C GLN A 533 -37.22 -20.36 53.22
N TYR A 534 -35.95 -20.73 53.07
CA TYR A 534 -35.18 -20.23 51.94
C TYR A 534 -35.46 -21.44 51.00
N PHE A 535 -35.85 -21.16 49.77
CA PHE A 535 -36.18 -22.19 48.77
C PHE A 535 -37.61 -22.62 48.74
N PRO A 536 -38.47 -21.86 49.40
CA PRO A 536 -39.89 -22.23 49.44
C PRO A 536 -40.46 -22.47 48.05
N TRP A 537 -40.29 -21.51 47.14
CA TRP A 537 -40.79 -21.65 45.77
C TRP A 537 -40.48 -23.05 45.26
N LYS A 538 -41.44 -23.67 44.59
CA LYS A 538 -41.26 -25.02 44.09
C LYS A 538 -40.63 -25.09 42.74
N THR A 539 -40.34 -23.94 42.17
CA THR A 539 -39.76 -24.01 40.87
C THR A 539 -39.15 -22.68 40.50
N ILE A 540 -38.13 -22.69 39.63
CA ILE A 540 -37.50 -21.44 39.25
C ILE A 540 -38.41 -20.49 38.51
N GLU A 541 -39.36 -20.99 37.71
CA GLU A 541 -40.22 -20.05 37.02
C GLU A 541 -41.19 -19.43 38.00
N GLU A 542 -41.39 -20.12 39.11
CA GLU A 542 -42.27 -19.64 40.16
C GLU A 542 -41.57 -18.42 40.74
N TYR A 543 -40.29 -18.64 40.98
CA TYR A 543 -39.35 -17.70 41.53
C TYR A 543 -39.22 -16.50 40.60
N LEU A 544 -39.08 -16.79 39.31
CA LEU A 544 -38.90 -15.73 38.32
C LEU A 544 -40.19 -14.95 38.11
N GLU A 545 -41.34 -15.57 38.32
CA GLU A 545 -42.61 -14.85 38.14
C GLU A 545 -42.83 -13.81 39.22
N THR A 546 -42.34 -14.08 40.41
CA THR A 546 -42.47 -13.17 41.54
C THR A 546 -41.74 -11.84 41.30
N ARG A 547 -40.50 -11.92 40.82
CA ARG A 547 -39.70 -10.72 40.56
C ARG A 547 -40.26 -10.00 39.34
N LEU A 548 -40.88 -10.75 38.44
CA LEU A 548 -41.42 -10.12 37.25
C LEU A 548 -42.74 -9.45 37.61
N GLN A 549 -43.41 -9.96 38.63
CA GLN A 549 -44.64 -9.36 39.11
C GLN A 549 -44.28 -7.96 39.51
N SER A 550 -43.28 -7.89 40.37
CA SER A 550 -42.77 -6.65 40.88
C SER A 550 -42.56 -5.65 39.78
N LEU A 551 -41.93 -6.06 38.71
CA LEU A 551 -41.67 -5.04 37.74
C LEU A 551 -42.77 -4.72 36.82
N GLY A 552 -43.77 -5.57 36.78
CA GLY A 552 -44.84 -5.24 35.89
C GLY A 552 -44.91 -6.20 34.73
N LEU A 553 -44.31 -7.37 34.92
CA LEU A 553 -44.37 -8.39 33.87
C LEU A 553 -44.36 -9.77 34.48
N ASP A 554 -44.45 -10.73 33.59
CA ASP A 554 -44.46 -12.14 33.92
C ASP A 554 -43.43 -12.86 33.07
N LEU A 555 -43.28 -14.16 33.32
CA LEU A 555 -42.28 -14.95 32.65
C LEU A 555 -42.32 -14.96 31.15
N GLU A 556 -43.49 -15.18 30.62
CA GLU A 556 -43.59 -15.21 29.20
C GLU A 556 -43.16 -13.89 28.55
N THR A 557 -43.45 -12.75 29.17
CA THR A 557 -43.07 -11.47 28.56
C THR A 557 -41.59 -11.21 28.72
N MET A 558 -41.05 -11.67 29.83
CA MET A 558 -39.65 -11.49 30.01
C MET A 558 -38.94 -12.26 28.89
N LYS A 559 -39.45 -13.45 28.57
CA LYS A 559 -38.82 -14.27 27.54
C LYS A 559 -38.90 -13.57 26.21
N GLY A 560 -39.94 -12.78 26.08
CA GLY A 560 -40.16 -12.00 24.88
C GLY A 560 -39.08 -10.95 24.59
N MET A 561 -38.65 -10.18 25.60
CA MET A 561 -37.62 -9.13 25.44
C MET A 561 -36.39 -9.41 26.30
N GLY A 562 -35.86 -10.62 26.12
CA GLY A 562 -34.71 -11.15 26.81
C GLY A 562 -34.05 -10.32 27.90
N THR A 563 -33.93 -9.03 27.58
CA THR A 563 -33.31 -8.03 28.44
C THR A 563 -34.29 -6.93 28.77
N LEU A 564 -34.13 -6.33 29.94
CA LEU A 564 -34.99 -5.22 30.31
C LEU A 564 -34.09 -4.07 30.79
N VAL A 565 -34.22 -2.93 30.08
CA VAL A 565 -33.49 -1.70 30.39
C VAL A 565 -34.44 -0.80 31.14
N GLN A 566 -33.88 -0.24 32.19
CA GLN A 566 -34.58 0.62 33.09
C GLN A 566 -33.95 1.98 33.08
N ARG A 567 -34.63 2.91 33.72
CA ARG A 567 -34.02 4.18 33.71
C ARG A 567 -33.16 4.42 34.91
N GLY A 568 -32.02 5.00 34.61
CA GLY A 568 -31.08 5.31 35.64
C GLY A 568 -30.35 6.58 35.33
N LYS A 569 -29.13 6.64 35.83
CA LYS A 569 -28.33 7.83 35.62
C LYS A 569 -26.87 7.58 35.39
N PRO A 570 -26.25 8.49 34.62
CA PRO A 570 -24.82 8.42 34.29
C PRO A 570 -23.86 9.60 34.45
N TRP A 571 -24.31 10.78 34.65
CA TRP A 571 -23.33 11.81 34.69
C TRP A 571 -23.37 12.24 36.12
N LEU A 572 -22.98 13.49 36.38
CA LEU A 572 -23.08 14.05 37.71
C LEU A 572 -24.30 15.00 37.70
N GLU A 573 -24.56 15.66 36.59
CA GLU A 573 -25.70 16.57 36.55
C GLU A 573 -27.01 16.00 37.04
N ASP A 574 -27.33 14.82 36.53
CA ASP A 574 -28.58 14.10 36.85
C ASP A 574 -28.68 13.89 38.35
N TRP A 575 -27.53 13.71 38.96
CA TRP A 575 -27.44 13.47 40.38
C TRP A 575 -27.57 14.75 41.13
N GLU A 576 -26.76 15.66 40.63
CA GLU A 576 -26.60 16.99 41.14
C GLU A 576 -27.81 17.86 41.16
N LYS A 577 -28.56 17.82 40.08
CA LYS A 577 -29.74 18.66 40.00
C LYS A 577 -30.76 18.20 41.03
N GLU A 578 -30.74 16.91 41.33
CA GLU A 578 -31.62 16.31 42.32
C GLU A 578 -31.14 16.66 43.71
N GLY A 579 -30.03 17.38 43.77
CA GLY A 579 -29.52 17.76 45.06
C GLY A 579 -28.79 16.64 45.77
N ARG A 580 -28.32 15.66 45.03
CA ARG A 580 -27.56 14.58 45.64
C ARG A 580 -26.22 14.40 44.91
N LEU A 581 -25.39 13.49 45.39
CA LEU A 581 -24.09 13.17 44.80
C LEU A 581 -24.02 11.65 45.10
N PRO A 582 -23.20 10.83 44.39
CA PRO A 582 -23.28 9.39 44.75
C PRO A 582 -22.50 8.71 45.92
N PHE A 583 -21.18 8.63 45.71
CA PHE A 583 -20.13 8.13 46.59
C PHE A 583 -20.30 6.94 47.47
N GLY A 584 -19.74 7.37 48.67
CA GLY A 584 -19.57 6.76 49.97
C GLY A 584 -19.89 7.67 51.16
N THR A 585 -19.26 8.82 51.15
CA THR A 585 -19.46 9.73 52.24
C THR A 585 -19.68 11.18 51.90
N ALA A 586 -20.05 11.52 50.67
CA ALA A 586 -20.37 12.93 50.42
C ALA A 586 -19.33 13.80 49.76
N SER A 587 -18.39 13.20 49.09
CA SER A 587 -17.36 13.96 48.44
C SER A 587 -16.31 12.93 48.30
N GLY A 588 -15.89 12.68 47.08
CA GLY A 588 -14.89 11.66 46.88
C GLY A 588 -13.69 12.11 47.65
N LYS A 589 -13.20 11.24 48.51
CA LYS A 589 -12.02 11.60 49.27
C LYS A 589 -10.84 11.15 48.44
N ILE A 590 -10.22 12.14 47.80
CA ILE A 590 -9.08 11.96 46.92
C ILE A 590 -7.90 11.22 47.51
N GLU A 591 -7.36 11.58 48.68
CA GLU A 591 -6.29 10.70 49.13
C GLU A 591 -7.03 9.36 49.31
N LEU A 592 -8.26 9.44 49.82
CA LEU A 592 -9.24 8.35 49.90
C LEU A 592 -9.62 7.34 51.01
N TYR A 593 -9.44 7.70 52.27
CA TYR A 593 -9.96 6.84 53.32
C TYR A 593 -9.40 7.00 54.72
N CYS A 594 -10.08 7.85 55.46
CA CYS A 594 -9.69 8.18 56.81
C CYS A 594 -9.49 7.03 57.79
N GLN A 595 -10.23 5.93 57.66
CA GLN A 595 -10.13 4.84 58.63
C GLN A 595 -9.10 3.74 58.40
N ARG A 596 -8.31 3.90 57.37
CA ARG A 596 -7.28 2.93 57.05
C ARG A 596 -6.03 3.57 57.65
N PHE A 597 -5.93 4.85 57.32
CA PHE A 597 -4.93 5.81 57.76
C PHE A 597 -4.68 5.46 59.21
N LYS A 598 -5.73 5.79 59.96
CA LYS A 598 -5.90 5.60 61.39
C LYS A 598 -5.29 4.30 61.87
N GLU A 599 -5.92 3.19 61.55
CA GLU A 599 -5.38 1.97 62.08
C GLU A 599 -4.49 1.13 61.16
N ALA A 600 -4.44 1.37 59.87
CA ALA A 600 -3.57 0.52 59.07
C ALA A 600 -2.21 1.10 58.80
N GLY A 601 -2.06 2.40 58.75
CA GLY A 601 -0.72 2.77 58.40
C GLY A 601 -0.59 3.77 57.36
N HIS A 602 -0.86 3.36 56.14
CA HIS A 602 -0.73 4.41 55.20
C HIS A 602 -2.05 4.65 54.53
N GLN A 603 -2.20 5.90 54.15
CA GLN A 603 -3.36 6.30 53.43
C GLN A 603 -2.97 6.34 51.95
N PRO A 604 -1.96 7.16 51.56
CA PRO A 604 -1.54 7.21 50.14
C PRO A 604 -0.73 6.03 49.69
N LEU A 605 -0.77 5.90 48.36
CA LEU A 605 -0.18 4.89 47.48
C LEU A 605 1.29 5.08 47.15
N PRO A 606 2.06 5.33 48.16
CA PRO A 606 3.48 5.52 48.00
C PRO A 606 4.03 4.18 47.64
N VAL A 607 3.31 3.11 47.96
CA VAL A 607 3.90 1.83 47.61
C VAL A 607 4.08 1.68 46.16
N PHE A 608 4.99 2.46 45.62
CA PHE A 608 5.29 2.23 44.26
C PHE A 608 6.08 0.89 44.44
N THR A 609 6.58 0.75 45.69
CA THR A 609 7.45 -0.29 46.27
C THR A 609 8.20 -1.09 45.25
N PRO A 610 9.39 -0.59 44.85
CA PRO A 610 10.18 -1.32 43.85
C PRO A 610 9.88 -2.78 43.99
N PRO A 611 9.59 -3.42 42.86
CA PRO A 611 9.27 -4.84 42.87
C PRO A 611 10.47 -5.73 42.88
N GLU A 612 10.31 -6.85 43.56
CA GLU A 612 11.38 -7.80 43.62
C GLU A 612 11.63 -8.18 42.17
N GLU A 613 12.88 -8.29 41.81
CA GLU A 613 13.21 -8.58 40.45
C GLU A 613 13.51 -10.02 40.16
N PRO A 614 13.36 -10.39 38.88
CA PRO A 614 13.64 -11.78 38.55
C PRO A 614 15.08 -12.12 38.75
N PRO A 615 15.35 -13.32 39.24
CA PRO A 615 16.76 -13.62 39.38
C PRO A 615 17.27 -13.80 37.96
N GLU A 616 18.57 -13.59 37.80
CA GLU A 616 19.18 -13.77 36.51
C GLU A 616 18.99 -15.23 36.10
N GLY A 617 18.62 -15.39 34.83
CA GLY A 617 18.33 -16.69 34.24
C GLY A 617 16.82 -16.87 34.23
N PHE A 618 16.12 -15.95 34.91
CA PHE A 618 14.68 -16.04 35.01
C PHE A 618 13.96 -14.89 34.37
N TYR A 619 12.65 -15.04 34.26
CA TYR A 619 11.83 -13.98 33.68
C TYR A 619 10.60 -13.84 34.50
N ARG A 620 10.03 -12.64 34.52
CA ARG A 620 8.80 -12.51 35.24
C ARG A 620 7.78 -13.20 34.35
N LEU A 621 6.89 -13.93 34.98
CA LEU A 621 5.85 -14.68 34.30
C LEU A 621 4.64 -13.81 34.18
N LEU A 622 4.36 -13.32 32.97
CA LEU A 622 3.20 -12.49 32.80
C LEU A 622 2.19 -13.43 32.19
N TYR A 623 0.94 -13.07 32.25
CA TYR A 623 -0.02 -13.99 31.72
C TYR A 623 -1.24 -13.21 31.34
N GLY A 624 -2.12 -13.83 30.61
CA GLY A 624 -3.26 -13.09 30.21
C GLY A 624 -4.21 -13.95 29.48
N ARG A 625 -4.98 -13.29 28.63
CA ARG A 625 -6.00 -13.99 27.90
C ARG A 625 -5.73 -14.23 26.45
N SER A 626 -6.32 -15.31 25.98
CA SER A 626 -6.27 -15.71 24.59
C SER A 626 -7.64 -15.23 24.14
N PRO A 627 -7.73 -14.47 23.05
CA PRO A 627 -9.05 -13.97 22.63
C PRO A 627 -10.20 -14.95 22.47
N VAL A 628 -9.80 -16.20 22.42
CA VAL A 628 -10.64 -17.33 22.10
C VAL A 628 -10.91 -18.34 23.22
N HIS A 629 -10.20 -18.19 24.31
CA HIS A 629 -10.36 -19.12 25.41
C HIS A 629 -10.77 -18.37 26.63
N THR A 630 -11.64 -18.96 27.40
CA THR A 630 -12.01 -18.33 28.63
C THR A 630 -11.15 -19.01 29.72
N PHE A 631 -10.55 -18.25 30.62
CA PHE A 631 -9.74 -18.82 31.70
C PHE A 631 -9.11 -20.17 31.48
N ALA A 632 -9.83 -21.20 31.94
CA ALA A 632 -9.36 -22.56 31.77
C ALA A 632 -10.41 -23.42 31.10
N ARG A 633 -11.66 -23.20 31.42
CA ARG A 633 -12.79 -24.00 30.92
C ARG A 633 -13.11 -24.12 29.44
N THR A 634 -12.23 -23.70 28.58
CA THR A 634 -12.58 -23.70 27.18
C THR A 634 -11.59 -24.50 26.39
N GLN A 635 -10.69 -25.07 27.15
CA GLN A 635 -9.58 -25.86 26.70
C GLN A 635 -10.02 -27.22 26.22
N ASN A 636 -11.28 -27.55 26.42
CA ASN A 636 -11.71 -28.86 25.95
C ASN A 636 -12.71 -28.63 24.86
N ASN A 637 -12.94 -27.38 24.59
CA ASN A 637 -13.86 -27.00 23.57
C ASN A 637 -13.17 -27.15 22.21
N TRP A 638 -13.65 -28.08 21.40
CA TRP A 638 -12.98 -28.28 20.15
C TRP A 638 -13.06 -27.12 19.18
N VAL A 639 -14.15 -26.36 19.21
CA VAL A 639 -14.25 -25.22 18.30
C VAL A 639 -13.23 -24.17 18.68
N LEU A 640 -12.97 -24.06 19.97
CA LEU A 640 -12.07 -23.05 20.44
C LEU A 640 -10.65 -23.53 20.54
N MET A 641 -10.47 -24.80 20.82
CA MET A 641 -9.12 -25.29 20.90
C MET A 641 -8.53 -25.33 19.49
N GLU A 642 -9.41 -25.46 18.52
CA GLU A 642 -9.00 -25.55 17.14
C GLU A 642 -8.55 -24.20 16.62
N MET A 643 -8.96 -23.16 17.33
CA MET A 643 -8.53 -21.83 16.97
C MET A 643 -7.25 -21.57 17.75
N ASP A 644 -7.10 -22.19 18.92
CA ASP A 644 -5.94 -21.94 19.75
C ASP A 644 -5.80 -23.13 20.68
N PRO A 645 -5.05 -24.12 20.20
CA PRO A 645 -4.74 -25.41 20.79
C PRO A 645 -3.63 -25.39 21.83
N GLU A 646 -2.94 -24.28 21.96
CA GLU A 646 -1.90 -24.24 22.95
C GLU A 646 -1.47 -22.84 23.16
N ASN A 647 -0.84 -22.64 24.30
CA ASN A 647 -0.31 -21.35 24.50
C ASN A 647 1.11 -21.39 24.04
N GLU A 648 1.66 -20.21 24.08
CA GLU A 648 2.91 -20.00 23.48
C GLU A 648 3.65 -19.00 24.43
N VAL A 649 4.90 -19.29 24.82
CA VAL A 649 5.65 -18.39 25.73
C VAL A 649 6.26 -17.26 24.93
N TRP A 650 6.00 -16.03 25.35
CA TRP A 650 6.55 -14.89 24.66
C TRP A 650 7.87 -14.51 25.31
N ILE A 651 8.96 -14.55 24.55
CA ILE A 651 10.23 -14.12 25.05
C ILE A 651 10.75 -13.20 24.01
N HIS A 652 11.54 -12.25 24.49
CA HIS A 652 12.11 -11.34 23.55
C HIS A 652 13.00 -12.09 22.61
N LYS A 653 12.97 -11.67 21.36
CA LYS A 653 13.77 -12.26 20.29
C LYS A 653 15.23 -12.49 20.59
N GLU A 654 15.82 -11.51 21.26
CA GLU A 654 17.22 -11.56 21.61
C GLU A 654 17.48 -12.49 22.77
N GLU A 655 16.49 -12.73 23.59
CA GLU A 655 16.71 -13.66 24.69
C GLU A 655 16.59 -15.05 24.12
N ALA A 656 15.54 -15.31 23.35
CA ALA A 656 15.43 -16.65 22.81
C ALA A 656 16.66 -16.96 22.00
N LYS A 657 17.33 -15.93 21.50
CA LYS A 657 18.49 -16.17 20.69
C LYS A 657 19.71 -16.53 21.52
N ARG A 658 19.88 -15.85 22.65
CA ARG A 658 21.00 -16.17 23.51
C ARG A 658 20.72 -17.54 24.06
N LEU A 659 19.49 -17.76 24.51
CA LEU A 659 19.11 -19.10 24.93
C LEU A 659 19.27 -19.74 23.54
N GLY A 660 19.01 -21.00 23.31
CA GLY A 660 19.22 -21.43 21.93
C GLY A 660 17.87 -21.83 21.42
N LEU A 661 16.95 -20.89 21.50
CA LEU A 661 15.59 -21.20 21.15
C LEU A 661 15.08 -20.59 19.90
N LYS A 662 14.39 -21.36 19.09
CA LYS A 662 13.86 -20.70 17.94
C LYS A 662 12.39 -20.92 17.80
N GLU A 663 11.90 -20.46 16.66
CA GLU A 663 10.51 -20.48 16.42
C GLU A 663 9.66 -21.67 16.81
N GLY A 664 10.02 -22.86 16.38
CA GLY A 664 9.14 -23.95 16.71
C GLY A 664 9.54 -24.74 17.93
N ASP A 665 10.47 -24.21 18.71
CA ASP A 665 10.88 -24.96 19.88
C ASP A 665 9.88 -25.00 20.98
N TYR A 666 10.09 -25.96 21.86
CA TYR A 666 9.27 -26.10 23.01
C TYR A 666 10.15 -25.92 24.16
N VAL A 667 9.53 -25.71 25.29
CA VAL A 667 10.31 -25.40 26.44
C VAL A 667 9.51 -25.75 27.67
N MET A 668 10.20 -26.01 28.77
CA MET A 668 9.49 -26.22 30.00
C MET A 668 9.70 -24.91 30.73
N LEU A 669 8.72 -24.49 31.48
CA LEU A 669 8.87 -23.29 32.28
C LEU A 669 9.09 -23.80 33.67
N VAL A 670 10.16 -23.36 34.29
CA VAL A 670 10.44 -23.80 35.63
C VAL A 670 10.42 -22.56 36.47
N ASN A 671 9.67 -22.57 37.56
CA ASN A 671 9.64 -21.36 38.35
C ASN A 671 10.71 -21.38 39.40
N GLN A 672 10.81 -20.27 40.11
CA GLN A 672 11.82 -20.12 41.12
C GLN A 672 11.75 -21.24 42.16
N ASP A 673 10.61 -21.90 42.25
CA ASP A 673 10.47 -23.00 43.19
C ASP A 673 10.57 -24.37 42.58
N GLY A 674 11.11 -24.44 41.38
CA GLY A 674 11.28 -25.73 40.74
C GLY A 674 10.11 -26.34 40.02
N VAL A 675 8.93 -25.77 40.15
CA VAL A 675 7.81 -26.36 39.45
C VAL A 675 7.98 -26.14 37.95
N LYS A 676 7.83 -27.23 37.22
CA LYS A 676 7.95 -27.25 35.78
C LYS A 676 6.57 -27.27 35.18
N GLU A 677 6.39 -26.55 34.09
CA GLU A 677 5.10 -26.60 33.47
C GLU A 677 5.17 -27.08 32.03
N GLY A 678 4.56 -28.26 31.84
CA GLY A 678 4.47 -29.00 30.60
C GLY A 678 5.03 -28.24 29.44
N PRO A 679 5.53 -28.91 28.39
CA PRO A 679 6.11 -28.19 27.25
C PRO A 679 5.23 -27.19 26.54
N VAL A 680 5.76 -25.97 26.39
CA VAL A 680 5.09 -24.85 25.74
C VAL A 680 5.87 -24.39 24.56
N ARG A 681 5.16 -23.92 23.56
CA ARG A 681 5.86 -23.44 22.41
C ARG A 681 6.47 -22.11 22.72
N VAL A 682 7.67 -21.92 22.17
CA VAL A 682 8.41 -20.70 22.36
C VAL A 682 8.01 -19.71 21.29
N LYS A 683 7.90 -18.45 21.69
CA LYS A 683 7.47 -17.41 20.77
C LYS A 683 8.38 -16.21 20.84
N PRO A 684 9.50 -16.35 20.16
CA PRO A 684 10.62 -15.47 19.96
C PRO A 684 10.30 -14.23 19.22
N THR A 685 9.04 -13.81 19.16
CA THR A 685 8.86 -12.55 18.47
C THR A 685 8.70 -11.43 19.47
N ALA A 686 9.51 -10.40 19.24
CA ALA A 686 9.54 -9.25 20.09
C ALA A 686 8.30 -8.40 20.09
N ARG A 687 7.85 -8.20 21.31
CA ARG A 687 6.69 -7.41 21.66
C ARG A 687 6.72 -7.51 23.15
N ILE A 688 7.90 -7.81 23.68
CA ILE A 688 7.98 -7.94 25.11
C ILE A 688 9.35 -7.54 25.58
N ARG A 689 9.40 -7.00 26.79
CA ARG A 689 10.68 -6.63 27.37
C ARG A 689 11.47 -7.90 27.62
N LYS A 690 12.75 -7.75 27.92
CA LYS A 690 13.66 -8.89 28.12
C LYS A 690 13.57 -9.50 29.50
N ASP A 691 12.89 -8.75 30.35
CA ASP A 691 12.58 -9.01 31.77
C ASP A 691 11.53 -10.03 31.95
N CYS A 692 10.80 -10.20 30.87
CA CYS A 692 9.62 -10.97 30.98
C CYS A 692 9.45 -12.03 30.02
N VAL A 693 8.38 -12.74 30.32
CA VAL A 693 7.94 -13.84 29.56
C VAL A 693 6.43 -13.80 29.82
N TYR A 694 5.67 -14.23 28.84
CA TYR A 694 4.23 -14.16 28.94
C TYR A 694 3.60 -15.42 28.39
N ILE A 695 2.55 -15.89 29.03
CA ILE A 695 1.84 -17.05 28.52
C ILE A 695 0.38 -16.81 28.83
N VAL A 696 -0.50 -17.33 27.99
CA VAL A 696 -1.91 -17.17 28.25
C VAL A 696 -2.30 -18.15 29.34
N HIS A 697 -3.09 -17.66 30.28
CA HIS A 697 -3.57 -18.44 31.42
C HIS A 697 -4.60 -19.47 31.04
N GLY A 698 -4.61 -20.61 31.71
CA GLY A 698 -5.63 -21.59 31.43
C GLY A 698 -5.24 -22.84 30.65
N PHE A 699 -3.96 -23.00 30.34
CA PHE A 699 -3.60 -24.21 29.65
C PHE A 699 -2.88 -25.06 30.65
N GLY A 700 -2.30 -26.16 30.19
CA GLY A 700 -1.57 -27.00 31.11
C GLY A 700 -2.47 -27.86 31.97
N HIS A 701 -3.64 -28.24 31.46
CA HIS A 701 -4.51 -29.09 32.25
C HIS A 701 -3.90 -30.47 32.43
N LYS A 702 -4.09 -31.02 33.62
CA LYS A 702 -3.71 -32.40 33.82
C LYS A 702 -5.09 -32.91 34.17
N ALA A 703 -5.86 -33.23 33.17
CA ALA A 703 -7.19 -33.72 33.40
C ALA A 703 -7.49 -34.59 32.20
N PRO A 704 -7.06 -35.84 32.25
CA PRO A 704 -7.22 -36.83 31.18
C PRO A 704 -8.61 -37.00 30.65
N LEU A 705 -9.59 -36.71 31.48
CA LEU A 705 -10.94 -36.91 31.03
C LEU A 705 -11.42 -35.80 30.13
N MET A 706 -10.81 -34.62 30.23
CA MET A 706 -11.14 -33.56 29.29
C MET A 706 -10.09 -33.92 28.24
N ARG A 707 -10.48 -34.78 27.32
CA ARG A 707 -9.57 -35.29 26.34
C ARG A 707 -8.84 -34.32 25.41
N LEU A 708 -9.42 -33.18 25.05
CA LEU A 708 -8.60 -32.31 24.22
C LEU A 708 -7.96 -31.14 24.94
N ALA A 709 -8.07 -31.08 26.26
CA ALA A 709 -7.41 -29.97 26.94
C ALA A 709 -6.24 -30.54 27.67
N HIS A 710 -6.33 -31.84 27.88
CA HIS A 710 -5.29 -32.58 28.58
C HIS A 710 -3.95 -32.63 27.91
N GLY A 711 -2.96 -32.11 28.63
CA GLY A 711 -1.58 -32.11 28.21
C GLY A 711 -1.10 -30.99 27.30
N ARG A 712 -1.90 -29.95 27.14
CA ARG A 712 -1.56 -28.89 26.22
C ARG A 712 -1.17 -27.58 26.87
N GLY A 713 -0.02 -27.04 26.43
CA GLY A 713 0.46 -25.78 26.95
C GLY A 713 0.98 -25.87 28.36
N ALA A 714 1.34 -24.71 28.89
CA ALA A 714 1.87 -24.62 30.23
C ALA A 714 0.83 -23.91 31.04
N SER A 715 0.68 -24.33 32.29
CA SER A 715 -0.28 -23.68 33.16
C SER A 715 0.42 -22.56 33.91
N ASP A 716 -0.10 -21.34 33.83
CA ASP A 716 0.55 -20.26 34.54
C ASP A 716 0.37 -20.46 36.04
N ASN A 717 -0.82 -20.90 36.42
CA ASN A 717 -1.18 -21.14 37.81
C ASN A 717 -0.34 -22.20 38.48
N TYR A 718 0.01 -23.24 37.75
CA TYR A 718 0.86 -24.23 38.37
C TYR A 718 2.24 -23.66 38.57
N LEU A 719 2.54 -22.54 37.93
CA LEU A 719 3.84 -21.97 38.10
C LEU A 719 3.79 -20.89 39.11
N GLN A 720 2.58 -20.47 39.42
CA GLN A 720 2.38 -19.42 40.38
C GLN A 720 2.25 -20.06 41.73
N THR A 721 3.42 -20.38 42.21
CA THR A 721 3.56 -21.05 43.45
C THR A 721 3.39 -20.12 44.62
N ARG A 722 3.91 -18.91 44.45
CA ARG A 722 3.86 -17.89 45.48
C ARG A 722 3.00 -16.74 45.01
N TYR A 723 2.65 -15.86 45.93
CA TYR A 723 1.90 -14.67 45.59
C TYR A 723 2.08 -13.66 46.69
N LYS A 724 2.03 -12.38 46.34
CA LYS A 724 2.17 -11.37 47.36
C LYS A 724 0.80 -10.87 47.71
N LEU A 725 0.38 -11.21 48.91
CA LEU A 725 -0.92 -10.81 49.44
C LEU A 725 -1.05 -9.31 49.48
N ASP A 726 -2.10 -8.79 48.88
CA ASP A 726 -2.32 -7.38 48.98
C ASP A 726 -2.85 -7.24 50.38
N PRO A 727 -2.15 -6.46 51.21
CA PRO A 727 -2.59 -6.27 52.60
C PRO A 727 -3.79 -5.38 52.76
N ILE A 728 -4.25 -4.79 51.66
CA ILE A 728 -5.38 -3.86 51.66
C ILE A 728 -6.68 -4.46 51.12
N SER A 729 -6.56 -5.12 49.96
CA SER A 729 -7.64 -5.74 49.20
C SER A 729 -7.46 -7.23 49.06
N GLY A 730 -7.46 -8.01 50.11
CA GLY A 730 -7.26 -9.44 49.95
C GLY A 730 -6.59 -10.07 48.71
N GLY A 731 -6.25 -9.32 47.66
CA GLY A 731 -5.69 -9.88 46.44
C GLY A 731 -4.35 -10.60 46.47
N ALA A 732 -4.24 -11.71 45.74
CA ALA A 732 -3.00 -12.43 45.71
C ALA A 732 -2.19 -12.03 44.52
N GLY A 733 -1.24 -11.12 44.70
CA GLY A 733 -0.39 -10.70 43.59
C GLY A 733 0.25 -11.85 42.86
N LEU A 734 -0.12 -12.08 41.61
CA LEU A 734 0.44 -13.21 40.90
C LEU A 734 1.73 -13.01 40.12
N ARG A 735 1.96 -11.79 39.65
CA ARG A 735 3.10 -11.45 38.80
C ARG A 735 4.39 -11.30 39.53
N VAL A 736 4.46 -12.10 40.57
CA VAL A 736 5.53 -12.08 41.49
C VAL A 736 6.35 -13.37 41.28
N ASN A 737 5.90 -14.18 40.32
CA ASN A 737 6.58 -15.41 40.03
C ASN A 737 7.53 -15.22 38.89
N PHE A 738 8.63 -15.94 38.99
CA PHE A 738 9.66 -15.87 38.00
C PHE A 738 9.77 -17.25 37.45
N VAL A 739 10.09 -17.29 36.17
CA VAL A 739 10.16 -18.53 35.50
C VAL A 739 11.36 -18.53 34.57
N ARG A 740 11.94 -19.69 34.34
CA ARG A 740 13.05 -19.76 33.42
C ARG A 740 12.70 -20.84 32.44
N LEU A 741 13.31 -20.77 31.27
CA LEU A 741 12.99 -21.71 30.24
C LEU A 741 14.06 -22.73 30.01
N GLU A 742 13.61 -23.97 29.90
CA GLU A 742 14.48 -25.10 29.73
C GLU A 742 14.04 -25.80 28.47
N LYS A 743 14.96 -25.96 27.53
CA LYS A 743 14.65 -26.59 26.27
C LYS A 743 13.97 -27.93 26.50
N ALA A 744 12.90 -28.16 25.76
CA ALA A 744 12.16 -29.38 25.91
C ALA A 744 11.85 -29.91 24.55
N GLU A 745 11.33 -31.13 24.51
CA GLU A 745 10.98 -31.76 23.26
C GLU A 745 9.62 -31.33 22.85
N ARG A 746 9.38 -31.31 21.55
CA ARG A 746 8.06 -31.01 21.07
C ARG A 746 7.19 -32.09 21.73
N PRO A 747 5.96 -31.74 22.13
CA PRO A 747 5.13 -32.76 22.77
C PRO A 747 4.43 -33.64 21.77
N ARG A 748 4.15 -34.86 22.19
CA ARG A 748 3.47 -35.77 21.30
C ARG A 748 2.11 -35.88 21.94
N LEU A 749 1.14 -35.37 21.22
CA LEU A 749 -0.19 -35.33 21.73
C LEU A 749 -1.15 -35.91 20.78
N PRO A 750 -2.36 -36.18 21.26
CA PRO A 750 -3.28 -36.74 20.28
C PRO A 750 -3.66 -35.70 19.27
N SER A 751 -4.32 -36.16 18.23
CA SER A 751 -4.74 -35.25 17.23
C SER A 751 -6.00 -34.60 17.74
N LEU A 752 -6.01 -33.27 17.73
CA LEU A 752 -7.16 -32.55 18.18
C LEU A 752 -8.35 -32.74 17.28
N THR A 753 -8.11 -32.85 15.98
CA THR A 753 -9.21 -33.02 15.04
C THR A 753 -9.84 -34.37 15.31
N GLY A 754 -9.00 -35.36 15.54
CA GLY A 754 -9.50 -36.69 15.83
C GLY A 754 -10.45 -36.60 17.00
N LEU A 755 -9.97 -36.05 18.11
CA LEU A 755 -10.80 -35.89 19.29
C LEU A 755 -12.01 -35.01 18.99
N ALA A 756 -11.78 -33.85 18.39
CA ALA A 756 -12.88 -32.95 18.08
C ALA A 756 -13.94 -33.66 17.27
N LYS A 757 -13.56 -34.70 16.54
CA LYS A 757 -14.54 -35.37 15.72
C LYS A 757 -15.40 -36.37 16.40
N ARG A 758 -15.11 -36.68 17.66
CA ARG A 758 -15.94 -37.63 18.40
C ARG A 758 -17.33 -37.06 18.34
N PRO A 759 -18.29 -37.86 17.91
CA PRO A 759 -19.68 -37.40 17.81
C PRO A 759 -20.31 -37.16 19.14
N PHE A 760 -21.23 -36.23 19.22
CA PHE A 760 -21.86 -36.02 20.50
C PHE A 760 -23.14 -36.80 20.56
N ASP A 761 -23.19 -37.67 21.55
CA ASP A 761 -24.32 -38.52 21.70
C ASP A 761 -24.99 -38.31 23.02
N GLU A 762 -26.20 -37.82 22.94
CA GLU A 762 -26.96 -37.55 24.13
C GLU A 762 -27.52 -38.86 24.68
N ARG A 763 -26.92 -39.95 24.21
CA ARG A 763 -27.27 -41.32 24.58
C ARG A 763 -28.73 -41.68 24.49
N ARG A 764 -29.29 -42.21 25.49
N MET B 1 -26.61 -8.97 -10.25
CA MET B 1 -26.23 -7.54 -10.44
C MET B 1 -25.32 -6.96 -9.36
N PRO B 2 -25.47 -7.37 -8.09
CA PRO B 2 -24.46 -6.67 -7.31
C PRO B 2 -23.13 -7.35 -7.65
N ARG B 3 -22.05 -6.81 -7.11
CA ARG B 3 -20.76 -7.43 -7.21
C ARG B 3 -20.42 -7.51 -5.74
N TYR B 4 -20.60 -8.67 -5.13
CA TYR B 4 -20.34 -8.81 -3.71
C TYR B 4 -18.91 -8.75 -3.23
N ALA B 5 -18.72 -8.03 -2.13
CA ALA B 5 -17.40 -7.87 -1.56
C ALA B 5 -17.42 -7.73 -0.05
N MET B 6 -16.22 -7.80 0.48
CA MET B 6 -16.07 -7.71 1.90
C MET B 6 -14.89 -6.85 2.17
N ALA B 7 -15.06 -6.00 3.15
CA ALA B 7 -13.98 -5.13 3.49
C ALA B 7 -13.73 -5.30 4.94
N ILE B 8 -12.46 -5.45 5.25
CA ILE B 8 -12.05 -5.58 6.60
C ILE B 8 -11.07 -4.47 6.88
N ASP B 9 -11.38 -3.77 7.94
CA ASP B 9 -10.55 -2.70 8.38
C ASP B 9 -9.53 -3.37 9.29
N LEU B 10 -8.27 -3.25 8.93
CA LEU B 10 -7.25 -3.90 9.73
C LEU B 10 -6.79 -3.02 10.80
N SER B 11 -7.27 -1.79 10.76
CA SER B 11 -6.82 -0.86 11.72
C SER B 11 -7.65 -1.11 12.97
N LEU B 12 -8.77 -1.78 12.76
CA LEU B 12 -9.68 -2.08 13.86
C LEU B 12 -9.63 -3.54 14.26
N CYS B 13 -9.24 -4.40 13.33
CA CYS B 13 -9.20 -5.83 13.63
C CYS B 13 -8.24 -6.15 14.75
N VAL B 14 -8.72 -6.93 15.72
CA VAL B 14 -7.84 -7.25 16.81
C VAL B 14 -7.52 -8.71 16.90
N GLY B 15 -7.94 -9.43 15.86
CA GLY B 15 -7.65 -10.84 15.74
C GLY B 15 -8.22 -11.75 16.80
N CYS B 16 -9.40 -11.42 17.31
CA CYS B 16 -10.12 -12.21 18.32
C CYS B 16 -10.85 -13.10 17.34
N ALA B 17 -10.49 -14.33 17.11
CA ALA B 17 -11.23 -14.95 16.03
C ALA B 17 -12.76 -15.03 16.12
N ALA B 18 -13.46 -13.95 16.46
CA ALA B 18 -14.92 -14.08 16.62
C ALA B 18 -15.62 -14.52 15.37
N CYS B 19 -15.23 -13.88 14.28
CA CYS B 19 -15.73 -14.14 12.95
C CYS B 19 -15.41 -15.56 12.59
N ALA B 20 -14.20 -15.99 12.89
CA ALA B 20 -13.79 -17.35 12.57
C ALA B 20 -14.61 -18.38 13.30
N VAL B 21 -14.94 -18.11 14.55
CA VAL B 21 -15.74 -19.05 15.32
C VAL B 21 -17.19 -18.98 14.91
N ALA B 22 -17.66 -17.76 14.66
CA ALA B 22 -19.05 -17.57 14.23
C ALA B 22 -19.28 -18.35 12.94
N CYS B 23 -18.35 -18.25 11.99
CA CYS B 23 -18.47 -18.99 10.74
C CYS B 23 -18.45 -20.50 11.06
N LYS B 24 -17.46 -20.96 11.82
CA LYS B 24 -17.40 -22.38 12.23
C LYS B 24 -18.74 -22.87 12.70
N MET B 25 -19.41 -22.02 13.47
CA MET B 25 -20.69 -22.36 14.07
C MET B 25 -21.80 -22.26 13.09
N GLU B 26 -21.92 -21.09 12.48
CA GLU B 26 -22.96 -20.88 11.53
C GLU B 26 -22.92 -21.92 10.40
N ASN B 27 -21.74 -22.21 9.89
CA ASN B 27 -21.61 -23.12 8.76
C ASN B 27 -21.28 -24.55 9.03
N GLU B 28 -21.20 -24.89 10.30
CA GLU B 28 -20.91 -26.23 10.71
C GLU B 28 -19.64 -26.84 10.12
N VAL B 29 -18.69 -25.96 9.80
CA VAL B 29 -17.40 -26.35 9.26
C VAL B 29 -16.80 -27.37 10.19
N PRO B 30 -16.58 -28.57 9.68
CA PRO B 30 -16.03 -29.63 10.51
C PRO B 30 -14.72 -29.28 11.13
N PRO B 31 -14.33 -30.07 12.12
CA PRO B 31 -13.08 -29.84 12.82
C PRO B 31 -11.81 -29.48 12.08
N GLY B 32 -11.20 -30.35 11.31
CA GLY B 32 -9.91 -29.90 10.81
C GLY B 32 -9.73 -28.81 9.78
N VAL B 33 -10.81 -28.16 9.42
CA VAL B 33 -10.77 -27.20 8.36
C VAL B 33 -11.43 -25.92 8.75
N PHE B 34 -11.19 -24.90 7.93
CA PHE B 34 -11.65 -23.57 8.23
C PHE B 34 -11.92 -22.73 7.02
N ASN B 35 -13.06 -22.07 6.98
CA ASN B 35 -13.32 -21.18 5.86
C ASN B 35 -12.64 -19.86 6.17
N LEU B 36 -12.39 -19.60 7.46
CA LEU B 36 -11.88 -18.33 7.94
C LEU B 36 -10.91 -18.57 9.05
N TRP B 37 -9.79 -17.87 9.03
CA TRP B 37 -8.79 -17.99 10.06
C TRP B 37 -8.21 -16.62 10.16
N ILE B 38 -7.44 -16.41 11.21
CA ILE B 38 -6.84 -15.12 11.42
C ILE B 38 -5.35 -15.33 11.41
N ARG B 39 -4.63 -14.49 10.70
CA ARG B 39 -3.19 -14.59 10.71
C ARG B 39 -2.72 -13.37 11.50
N GLU B 40 -1.69 -13.51 12.30
CA GLU B 40 -1.24 -12.39 13.07
C GLU B 40 0.24 -12.37 12.91
N ARG B 41 0.75 -11.21 12.51
CA ARG B 41 2.15 -11.06 12.25
C ARG B 41 2.67 -9.78 12.80
N GLU B 42 3.84 -9.85 13.41
CA GLU B 42 4.40 -8.63 13.89
C GLU B 42 5.48 -8.25 12.90
N VAL B 43 5.65 -6.96 12.87
CA VAL B 43 6.59 -6.37 11.96
C VAL B 43 7.42 -5.39 12.72
N GLY B 44 8.70 -5.67 12.81
CA GLY B 44 9.55 -4.69 13.42
C GLY B 44 9.92 -4.75 14.85
N GLU B 45 10.96 -3.99 15.09
CA GLU B 45 11.59 -3.81 16.36
C GLU B 45 10.92 -2.77 17.23
N TYR B 46 11.48 -2.51 18.40
CA TYR B 46 10.96 -1.54 19.39
C TYR B 46 10.22 -0.26 19.34
N PRO B 47 10.64 0.65 18.48
CA PRO B 47 10.12 1.98 18.29
C PRO B 47 9.27 2.14 17.07
N ASN B 48 8.98 1.00 16.44
CA ASN B 48 8.19 0.90 15.22
C ASN B 48 7.76 -0.55 15.15
N LEU B 49 6.86 -0.91 16.06
CA LEU B 49 6.37 -2.25 16.21
C LEU B 49 4.94 -2.31 15.76
N VAL B 50 4.72 -2.97 14.65
CA VAL B 50 3.39 -3.04 14.14
C VAL B 50 2.92 -4.46 14.21
N VAL B 51 1.64 -4.65 14.54
CA VAL B 51 1.11 -6.00 14.52
C VAL B 51 -0.08 -5.98 13.58
N GLU B 52 -0.09 -6.91 12.65
CA GLU B 52 -1.17 -7.02 11.70
C GLU B 52 -1.93 -8.27 12.02
N PHE B 53 -3.23 -8.09 12.22
CA PHE B 53 -4.18 -9.15 12.51
C PHE B 53 -4.91 -9.25 11.19
N ARG B 54 -5.03 -10.44 10.65
CA ARG B 54 -5.62 -10.47 9.34
C ARG B 54 -6.50 -11.64 9.11
N PRO B 55 -7.82 -11.43 9.03
CA PRO B 55 -8.59 -12.63 8.79
C PRO B 55 -8.42 -13.01 7.32
N GLU B 56 -8.33 -14.30 7.05
CA GLU B 56 -8.18 -14.76 5.69
C GLU B 56 -9.18 -15.84 5.39
N GLN B 57 -9.80 -15.68 4.24
CA GLN B 57 -10.82 -16.61 3.82
C GLN B 57 -11.09 -16.35 2.37
N CYS B 58 -11.86 -17.23 1.73
CA CYS B 58 -12.13 -17.00 0.33
C CYS B 58 -12.31 -15.51 0.12
N LEU B 59 -11.66 -15.00 -0.92
CA LEU B 59 -11.74 -13.59 -1.21
C LEU B 59 -12.75 -13.41 -2.30
N HIS B 60 -13.37 -14.51 -2.72
CA HIS B 60 -14.35 -14.50 -3.78
C HIS B 60 -13.77 -13.65 -4.88
N CYS B 61 -12.66 -14.14 -5.39
CA CYS B 61 -11.92 -13.46 -6.44
C CYS B 61 -12.81 -13.19 -7.62
N GLU B 62 -12.61 -12.06 -8.26
CA GLU B 62 -13.47 -11.75 -9.39
C GLU B 62 -13.03 -12.51 -10.62
N ASN B 63 -11.76 -12.82 -10.63
CA ASN B 63 -11.18 -13.59 -11.70
C ASN B 63 -10.60 -14.79 -10.96
N PRO B 64 -11.49 -15.66 -10.46
CA PRO B 64 -11.10 -16.83 -9.71
C PRO B 64 -10.42 -17.94 -10.46
N PRO B 65 -9.13 -18.16 -10.19
CA PRO B 65 -8.44 -19.23 -10.90
C PRO B 65 -8.96 -20.56 -10.46
N CYS B 66 -9.76 -20.54 -9.41
CA CYS B 66 -10.25 -21.76 -8.83
C CYS B 66 -11.46 -22.31 -9.55
N VAL B 67 -11.96 -21.55 -10.49
CA VAL B 67 -13.12 -21.95 -11.25
C VAL B 67 -12.72 -22.65 -12.57
N PRO B 68 -12.06 -21.97 -13.53
CA PRO B 68 -11.71 -22.64 -14.79
C PRO B 68 -11.04 -24.00 -14.76
N VAL B 69 -10.46 -24.29 -13.64
CA VAL B 69 -9.64 -25.44 -13.49
C VAL B 69 -10.38 -26.66 -13.04
N CYS B 70 -11.67 -26.46 -12.84
CA CYS B 70 -12.54 -27.47 -12.35
C CYS B 70 -13.09 -28.27 -13.51
N PRO B 71 -12.89 -29.60 -13.48
CA PRO B 71 -13.35 -30.47 -14.56
C PRO B 71 -14.82 -30.74 -14.77
N THR B 72 -15.50 -30.85 -13.67
CA THR B 72 -16.90 -31.10 -13.52
C THR B 72 -17.22 -29.63 -13.57
N GLY B 73 -18.45 -29.19 -13.33
CA GLY B 73 -18.59 -27.75 -13.29
C GLY B 73 -18.95 -27.38 -11.85
N ALA B 74 -18.56 -28.17 -10.87
CA ALA B 74 -18.93 -27.88 -9.48
C ALA B 74 -18.52 -26.49 -8.99
N SER B 75 -17.33 -26.10 -9.37
CA SER B 75 -16.78 -24.81 -8.99
C SER B 75 -17.33 -23.74 -9.91
N TYR B 76 -18.09 -22.80 -9.37
CA TYR B 76 -18.63 -21.77 -10.23
C TYR B 76 -18.74 -20.42 -9.58
N GLN B 77 -18.71 -19.44 -10.45
CA GLN B 77 -18.82 -18.06 -10.08
C GLN B 77 -20.17 -17.60 -10.52
N THR B 78 -20.83 -17.06 -9.53
CA THR B 78 -22.15 -16.54 -9.58
C THR B 78 -22.16 -15.20 -10.30
N LYS B 79 -23.35 -14.78 -10.72
CA LYS B 79 -23.46 -13.52 -11.44
C LYS B 79 -23.21 -12.30 -10.57
N ASP B 80 -23.26 -12.49 -9.25
CA ASP B 80 -23.03 -11.38 -8.33
C ASP B 80 -21.67 -11.41 -7.77
N GLY B 81 -20.87 -12.36 -8.20
CA GLY B 81 -19.53 -12.38 -7.70
C GLY B 81 -19.21 -13.37 -6.63
N LEU B 82 -20.08 -14.35 -6.41
CA LEU B 82 -19.80 -15.35 -5.40
C LEU B 82 -19.21 -16.54 -6.09
N VAL B 83 -18.21 -17.11 -5.44
CA VAL B 83 -17.53 -18.27 -5.94
C VAL B 83 -18.07 -19.37 -5.04
N LEU B 84 -18.70 -20.36 -5.63
CA LEU B 84 -19.31 -21.37 -4.81
C LEU B 84 -19.04 -22.75 -5.36
N VAL B 85 -19.51 -23.76 -4.68
CA VAL B 85 -19.28 -25.11 -5.17
C VAL B 85 -20.59 -25.87 -5.19
N ASP B 86 -20.92 -26.50 -6.30
CA ASP B 86 -22.15 -27.28 -6.30
C ASP B 86 -21.64 -28.64 -5.90
N PRO B 87 -21.78 -29.00 -4.63
CA PRO B 87 -21.26 -30.30 -4.21
C PRO B 87 -21.73 -31.50 -4.98
N LYS B 88 -22.81 -31.31 -5.72
CA LYS B 88 -23.37 -32.38 -6.49
C LYS B 88 -22.54 -32.76 -7.66
N LYS B 89 -21.66 -31.86 -8.05
CA LYS B 89 -20.80 -32.14 -9.16
C LYS B 89 -19.40 -32.31 -8.74
N CYS B 90 -19.13 -31.94 -7.50
CA CYS B 90 -17.79 -32.04 -7.04
C CYS B 90 -17.26 -33.46 -6.91
N ILE B 91 -16.11 -33.70 -7.52
CA ILE B 91 -15.49 -35.00 -7.48
C ILE B 91 -14.31 -34.98 -6.54
N ALA B 92 -14.13 -33.86 -5.85
CA ALA B 92 -13.08 -33.73 -4.87
C ALA B 92 -11.73 -34.08 -5.48
N CYS B 93 -11.48 -33.50 -6.64
CA CYS B 93 -10.23 -33.72 -7.35
C CYS B 93 -9.15 -32.81 -6.83
N GLY B 94 -9.55 -31.74 -6.15
CA GLY B 94 -8.60 -30.82 -5.55
C GLY B 94 -7.93 -29.86 -6.49
N ALA B 95 -8.46 -29.75 -7.69
CA ALA B 95 -7.90 -28.87 -8.69
C ALA B 95 -8.02 -27.45 -8.23
N CYS B 96 -9.16 -27.15 -7.62
CA CYS B 96 -9.49 -25.83 -7.13
C CYS B 96 -8.62 -25.47 -5.95
N ILE B 97 -8.22 -26.49 -5.17
CA ILE B 97 -7.32 -26.23 -4.07
C ILE B 97 -5.97 -25.88 -4.67
N ALA B 98 -5.51 -26.65 -5.64
CA ALA B 98 -4.24 -26.36 -6.30
C ALA B 98 -4.20 -24.95 -6.88
N ALA B 99 -5.33 -24.55 -7.45
CA ALA B 99 -5.45 -23.26 -8.08
C ALA B 99 -5.72 -22.06 -7.16
N CYS B 100 -6.33 -22.26 -6.01
CA CYS B 100 -6.60 -21.11 -5.13
C CYS B 100 -5.28 -20.63 -4.50
N PRO B 101 -4.89 -19.37 -4.74
CA PRO B 101 -3.62 -18.95 -4.15
C PRO B 101 -3.72 -18.60 -2.68
N TYR B 102 -4.88 -18.79 -2.07
CA TYR B 102 -5.08 -18.32 -0.73
C TYR B 102 -5.39 -19.32 0.36
N ASP B 103 -5.20 -20.59 0.06
CA ASP B 103 -5.51 -21.67 1.00
C ASP B 103 -6.90 -21.52 1.55
N ALA B 104 -7.80 -21.08 0.69
CA ALA B 104 -9.19 -20.84 1.09
C ALA B 104 -10.09 -22.05 1.03
N ARG B 105 -9.65 -23.11 0.36
CA ARG B 105 -10.52 -24.26 0.25
C ARG B 105 -10.02 -25.55 0.83
N TYR B 106 -10.96 -26.39 1.18
CA TYR B 106 -10.59 -27.67 1.73
C TYR B 106 -11.54 -28.73 1.29
N LEU B 107 -11.11 -29.93 1.59
CA LEU B 107 -11.93 -31.07 1.32
C LEU B 107 -12.73 -31.28 2.60
N HIS B 108 -14.04 -31.15 2.44
CA HIS B 108 -14.93 -31.35 3.53
C HIS B 108 -14.97 -32.86 3.63
N PRO B 109 -15.19 -33.41 4.83
CA PRO B 109 -15.22 -34.86 5.00
C PRO B 109 -16.39 -35.59 4.36
N ALA B 110 -17.35 -34.83 3.85
CA ALA B 110 -18.52 -35.42 3.19
C ALA B 110 -18.17 -35.80 1.76
N GLY B 111 -16.93 -35.58 1.37
CA GLY B 111 -16.52 -35.98 0.04
C GLY B 111 -16.44 -34.91 -1.03
N TYR B 112 -16.62 -33.66 -0.64
CA TYR B 112 -16.56 -32.60 -1.61
C TYR B 112 -15.79 -31.43 -1.09
N VAL B 113 -15.46 -30.50 -1.96
CA VAL B 113 -14.66 -29.41 -1.50
C VAL B 113 -15.50 -28.27 -1.00
N SER B 114 -15.02 -27.61 0.03
CA SER B 114 -15.77 -26.54 0.64
C SER B 114 -14.92 -25.33 0.90
N LYS B 115 -15.59 -24.29 1.37
CA LYS B 115 -14.91 -23.08 1.63
C LYS B 115 -15.93 -22.00 1.82
N CYS B 116 -15.42 -20.87 2.31
CA CYS B 116 -16.25 -19.73 2.57
C CYS B 116 -17.16 -19.51 1.41
N THR B 117 -18.38 -19.32 1.81
CA THR B 117 -19.52 -19.21 0.95
C THR B 117 -20.10 -17.82 0.85
N PHE B 118 -19.45 -16.86 1.51
CA PHE B 118 -20.01 -15.51 1.67
C PHE B 118 -21.39 -15.64 2.28
N CYS B 119 -21.63 -16.76 2.96
CA CYS B 119 -22.91 -17.00 3.63
C CYS B 119 -24.00 -16.77 2.67
N ALA B 120 -23.87 -17.45 1.55
CA ALA B 120 -24.83 -17.37 0.50
C ALA B 120 -26.17 -17.73 1.10
N HIS B 121 -26.20 -18.66 2.04
CA HIS B 121 -27.46 -19.04 2.62
C HIS B 121 -28.11 -17.84 3.31
N ARG B 122 -27.31 -17.02 4.00
CA ARG B 122 -27.87 -15.84 4.63
C ARG B 122 -28.14 -14.74 3.62
N LEU B 123 -27.31 -14.67 2.59
CA LEU B 123 -27.41 -13.58 1.60
C LEU B 123 -28.68 -13.58 0.82
N GLU B 124 -29.05 -14.79 0.51
CA GLU B 124 -30.21 -15.12 -0.24
C GLU B 124 -31.41 -14.73 0.60
N LYS B 125 -31.37 -14.93 1.91
CA LYS B 125 -32.53 -14.50 2.66
C LYS B 125 -32.34 -13.11 3.24
N GLY B 126 -31.51 -12.30 2.58
CA GLY B 126 -31.32 -10.92 3.00
C GLY B 126 -30.56 -10.62 4.27
N LYS B 127 -29.74 -11.55 4.70
CA LYS B 127 -28.97 -11.30 5.89
C LYS B 127 -27.53 -11.04 5.50
N VAL B 128 -26.77 -10.54 6.46
CA VAL B 128 -25.36 -10.29 6.24
C VAL B 128 -24.71 -11.53 6.79
N PRO B 129 -23.52 -11.85 6.30
CA PRO B 129 -22.79 -13.01 6.76
C PRO B 129 -22.49 -13.05 8.24
N ALA B 130 -22.41 -14.27 8.74
CA ALA B 130 -22.13 -14.56 10.13
C ALA B 130 -20.89 -13.83 10.62
N CYS B 131 -19.81 -13.86 9.85
CA CYS B 131 -18.61 -13.14 10.30
C CYS B 131 -18.89 -11.67 10.51
N VAL B 132 -19.67 -11.12 9.61
CA VAL B 132 -19.99 -9.72 9.61
C VAL B 132 -20.87 -9.28 10.77
N GLU B 133 -21.85 -10.11 11.09
CA GLU B 133 -22.74 -9.83 12.19
C GLU B 133 -22.01 -9.90 13.54
N THR B 134 -21.40 -11.05 13.86
CA THR B 134 -20.62 -11.21 15.10
C THR B 134 -19.26 -10.59 14.90
N CYS B 135 -19.07 -9.37 15.36
CA CYS B 135 -17.78 -8.78 15.21
C CYS B 135 -17.82 -7.58 16.07
N PRO B 136 -17.24 -7.76 17.23
CA PRO B 136 -17.15 -6.75 18.25
C PRO B 136 -16.60 -5.46 17.72
N THR B 137 -15.55 -5.54 16.92
CA THR B 137 -14.90 -4.33 16.45
C THR B 137 -15.51 -3.60 15.27
N TYR B 138 -16.46 -4.23 14.60
CA TYR B 138 -17.11 -3.69 13.41
C TYR B 138 -16.11 -3.37 12.33
N CYS B 139 -15.13 -4.23 12.14
CA CYS B 139 -14.17 -3.92 11.11
C CYS B 139 -14.54 -4.52 9.77
N ARG B 140 -15.44 -5.51 9.74
CA ARG B 140 -15.83 -6.04 8.45
C ARG B 140 -17.11 -5.45 7.93
N THR B 141 -17.10 -5.25 6.63
CA THR B 141 -18.22 -4.68 5.95
C THR B 141 -18.41 -5.51 4.75
N PHE B 142 -19.65 -5.56 4.34
CA PHE B 142 -20.02 -6.38 3.25
C PHE B 142 -21.02 -5.65 2.43
N GLY B 143 -21.19 -6.09 1.20
CA GLY B 143 -22.17 -5.48 0.35
C GLY B 143 -21.90 -5.64 -1.12
N ASP B 144 -22.67 -4.87 -1.86
CA ASP B 144 -22.59 -4.83 -3.30
C ASP B 144 -21.63 -3.67 -3.52
N LEU B 145 -20.58 -3.99 -4.25
CA LEU B 145 -19.52 -3.06 -4.53
C LEU B 145 -20.04 -1.94 -5.39
N GLU B 146 -21.07 -2.26 -6.15
CA GLU B 146 -21.66 -1.29 -7.06
C GLU B 146 -22.63 -0.35 -6.40
N ASP B 147 -23.02 -0.65 -5.18
CA ASP B 147 -23.96 0.25 -4.57
C ASP B 147 -23.14 1.15 -3.69
N PRO B 148 -23.11 2.44 -4.02
CA PRO B 148 -22.36 3.47 -3.29
C PRO B 148 -22.75 3.58 -1.84
N GLU B 149 -23.89 3.00 -1.52
CA GLU B 149 -24.42 3.06 -0.18
C GLU B 149 -24.07 1.90 0.68
N SER B 150 -23.74 0.79 0.03
CA SER B 150 -23.50 -0.40 0.78
C SER B 150 -22.38 -0.21 1.75
N PRO B 151 -22.41 -1.00 2.83
CA PRO B 151 -21.31 -0.81 3.76
C PRO B 151 -19.90 -1.02 3.17
N VAL B 152 -19.67 -1.98 2.27
CA VAL B 152 -18.29 -2.15 1.73
C VAL B 152 -17.88 -0.97 0.91
N ALA B 153 -18.81 -0.50 0.10
CA ALA B 153 -18.53 0.60 -0.77
C ALA B 153 -18.06 1.80 0.01
N LYS B 154 -18.76 2.03 1.11
CA LYS B 154 -18.49 3.15 1.99
C LYS B 154 -17.14 2.95 2.63
N ALA B 155 -16.96 1.75 3.18
CA ALA B 155 -15.73 1.39 3.85
C ALA B 155 -14.53 1.66 2.93
N LEU B 156 -14.61 1.19 1.69
CA LEU B 156 -13.54 1.39 0.71
C LEU B 156 -13.38 2.86 0.43
N LYS B 157 -14.49 3.55 0.25
CA LYS B 157 -14.40 4.97 0.00
C LYS B 157 -13.71 5.69 1.14
N ALA B 158 -13.93 5.24 2.38
CA ALA B 158 -13.33 5.97 3.49
C ALA B 158 -11.96 5.52 3.90
N ALA B 159 -11.48 4.47 3.27
CA ALA B 159 -10.19 3.91 3.59
C ALA B 159 -8.99 4.76 3.22
N GLU B 160 -7.98 4.68 4.05
CA GLU B 160 -6.72 5.38 3.85
C GLU B 160 -5.92 4.56 2.82
N ARG B 161 -6.00 3.24 2.89
CA ARG B 161 -5.36 2.43 1.88
C ARG B 161 -6.19 1.19 1.70
N VAL B 162 -6.04 0.58 0.54
CA VAL B 162 -6.75 -0.64 0.27
C VAL B 162 -5.77 -1.64 -0.29
N ASP B 163 -5.81 -2.86 0.26
CA ASP B 163 -4.92 -3.94 -0.16
C ASP B 163 -5.63 -5.24 -0.30
N VAL B 164 -4.97 -6.11 -1.00
CA VAL B 164 -5.57 -7.34 -1.37
C VAL B 164 -4.41 -8.29 -1.35
N LEU B 165 -4.68 -9.55 -1.05
CA LEU B 165 -3.60 -10.51 -0.97
C LEU B 165 -3.16 -10.91 -2.35
N ARG B 166 -1.87 -11.21 -2.46
CA ARG B 166 -1.26 -11.62 -3.74
C ARG B 166 -1.94 -10.98 -4.91
N PRO B 167 -1.85 -9.66 -5.04
CA PRO B 167 -2.51 -9.01 -6.16
C PRO B 167 -1.92 -9.39 -7.49
N GLU B 168 -0.67 -9.84 -7.45
CA GLU B 168 0.01 -10.20 -8.67
C GLU B 168 -0.40 -11.53 -9.30
N GLN B 169 -1.26 -12.29 -8.63
CA GLN B 169 -1.81 -13.47 -9.30
C GLN B 169 -2.83 -12.57 -9.94
N GLY B 170 -3.75 -12.98 -10.76
CA GLY B 170 -4.54 -11.86 -11.22
C GLY B 170 -5.93 -12.11 -10.83
N THR B 171 -6.13 -12.55 -9.60
CA THR B 171 -7.45 -12.96 -9.27
C THR B 171 -8.48 -11.93 -8.95
N ARG B 172 -8.06 -10.69 -8.73
CA ARG B 172 -9.00 -9.65 -8.36
C ARG B 172 -9.89 -10.06 -7.21
N PRO B 173 -9.30 -10.15 -6.01
CA PRO B 173 -10.01 -10.52 -4.80
C PRO B 173 -11.11 -9.53 -4.55
N LYS B 174 -12.15 -9.99 -3.88
CA LYS B 174 -13.20 -9.10 -3.53
C LYS B 174 -13.30 -9.07 -2.04
N LEU B 175 -12.15 -9.17 -1.39
CA LEU B 175 -12.07 -9.04 0.05
C LEU B 175 -10.90 -8.11 0.13
N PHE B 176 -11.26 -6.94 0.58
CA PHE B 176 -10.41 -5.82 0.68
C PHE B 176 -10.01 -5.53 2.07
N TYR B 177 -8.73 -5.26 2.18
CA TYR B 177 -8.19 -4.94 3.47
C TYR B 177 -7.98 -3.48 3.49
N LEU B 178 -8.54 -2.88 4.53
CA LEU B 178 -8.41 -1.47 4.69
C LEU B 178 -7.38 -1.09 5.71
N ASN B 179 -6.80 0.07 5.45
CA ASN B 179 -5.86 0.65 6.37
C ASN B 179 -4.86 -0.28 7.04
N ALA B 180 -4.18 -1.09 6.26
CA ALA B 180 -3.17 -1.98 6.80
C ALA B 180 -2.22 -1.21 7.70
N PRO B 181 -1.93 -1.79 8.87
CA PRO B 181 -1.04 -1.25 9.89
C PRO B 181 0.37 -0.94 9.44
N SER B 182 0.93 -1.80 8.62
CA SER B 182 2.28 -1.56 8.17
C SER B 182 2.35 -0.66 6.93
N LYS B 183 3.27 0.31 6.93
CA LYS B 183 3.41 1.24 5.81
C LYS B 183 3.64 0.59 4.49
N LYS B 184 4.31 -0.55 4.54
CA LYS B 184 4.65 -1.31 3.35
C LYS B 184 3.55 -2.20 2.90
N GLY B 185 2.46 -2.17 3.65
CA GLY B 185 1.33 -2.96 3.24
C GLY B 185 1.14 -4.29 3.92
N LEU B 186 0.29 -5.09 3.32
CA LEU B 186 0.03 -6.37 3.90
C LEU B 186 1.33 -7.09 4.02
N THR B 187 1.42 -7.75 5.14
CA THR B 187 2.54 -8.54 5.53
C THR B 187 2.70 -9.80 4.66
N ARG B 188 3.93 -10.15 4.28
CA ARG B 188 4.13 -11.39 3.51
C ARG B 188 5.19 -12.14 4.26
N GLU B 189 5.20 -13.45 4.11
CA GLU B 189 6.19 -14.24 4.80
C GLU B 189 7.55 -13.95 4.23
N SER B 190 7.58 -13.61 2.94
CA SER B 190 8.83 -13.30 2.26
C SER B 190 9.52 -12.06 2.80
N GLU B 191 8.78 -11.13 3.40
CA GLU B 191 9.46 -9.96 3.95
C GLU B 191 9.90 -10.30 5.35
N VAL B 192 9.78 -11.56 5.74
CA VAL B 192 10.28 -11.94 7.06
C VAL B 192 11.65 -12.55 6.82
N HIS B 193 12.40 -12.78 7.90
CA HIS B 193 13.76 -13.32 7.86
C HIS B 193 14.55 -13.28 6.56
N HIS B 194 15.29 -12.28 6.40
N ALA C 2 2.35 -15.31 10.83
CA ALA C 2 3.26 -16.12 11.69
C ALA C 2 2.39 -16.93 12.67
N GLU C 3 1.46 -16.28 13.36
CA GLU C 3 0.53 -16.96 14.30
C GLU C 3 -0.86 -16.98 13.71
N PHE C 4 -1.64 -18.02 13.99
CA PHE C 4 -3.00 -18.07 13.47
C PHE C 4 -4.02 -18.40 14.52
N TYR C 5 -5.27 -18.16 14.18
CA TYR C 5 -6.38 -18.63 14.99
C TYR C 5 -7.05 -19.40 13.93
N GLY C 6 -7.04 -20.69 14.18
CA GLY C 6 -7.52 -21.61 13.21
C GLY C 6 -6.26 -21.74 12.39
N LEU C 7 -6.41 -22.14 11.15
CA LEU C 7 -5.31 -22.36 10.23
C LEU C 7 -5.76 -22.23 8.80
N PRO C 8 -4.84 -21.82 7.90
CA PRO C 8 -5.22 -21.71 6.50
C PRO C 8 -5.21 -23.15 6.09
N ASN C 9 -5.94 -23.45 5.02
CA ASN C 9 -5.99 -24.81 4.51
C ASN C 9 -4.85 -24.98 3.55
N ALA C 10 -3.64 -25.06 4.09
CA ALA C 10 -2.46 -25.16 3.26
C ALA C 10 -1.83 -26.52 3.29
N GLN C 11 -2.62 -27.51 3.62
CA GLN C 11 -2.10 -28.85 3.68
C GLN C 11 -2.17 -29.53 2.34
N GLU C 12 -1.35 -30.56 2.22
CA GLU C 12 -1.27 -31.35 1.02
C GLU C 12 -2.65 -31.81 0.58
N PHE C 13 -3.00 -31.46 -0.65
CA PHE C 13 -4.29 -31.84 -1.19
C PHE C 13 -4.15 -33.04 -2.11
N TRP C 14 -2.92 -33.30 -2.58
CA TRP C 14 -2.69 -34.45 -3.47
C TRP C 14 -1.62 -35.27 -2.78
N HIS C 15 -2.05 -36.45 -2.36
CA HIS C 15 -1.26 -37.37 -1.61
C HIS C 15 -0.41 -38.32 -2.39
N TRP C 16 0.23 -39.23 -1.67
CA TRP C 16 1.08 -40.21 -2.31
C TRP C 16 0.19 -40.97 -3.27
N THR C 17 -1.07 -41.06 -2.89
CA THR C 17 -2.07 -41.76 -3.65
C THR C 17 -2.19 -41.16 -5.04
N ASN C 18 -2.31 -39.85 -5.08
CA ASN C 18 -2.43 -39.19 -6.33
C ASN C 18 -1.13 -39.14 -7.12
N ALA C 19 0.00 -39.04 -6.42
CA ALA C 19 1.29 -38.99 -7.08
C ALA C 19 1.46 -40.30 -7.85
N LEU C 20 0.85 -41.33 -7.31
CA LEU C 20 0.85 -42.65 -7.90
C LEU C 20 0.02 -42.48 -9.18
N HIS C 21 -1.15 -41.88 -9.07
CA HIS C 21 -1.97 -41.68 -10.26
C HIS C 21 -1.12 -40.95 -11.28
N PHE C 22 -0.34 -39.99 -10.83
CA PHE C 22 0.50 -39.25 -11.74
C PHE C 22 1.52 -40.10 -12.44
N VAL C 23 2.12 -41.04 -11.75
CA VAL C 23 3.09 -41.88 -12.41
C VAL C 23 2.33 -42.77 -13.38
N LEU C 24 1.16 -43.22 -12.97
CA LEU C 24 0.40 -44.12 -13.80
C LEU C 24 -0.15 -43.54 -15.07
N VAL C 25 -0.78 -42.38 -14.99
CA VAL C 25 -1.33 -41.78 -16.18
C VAL C 25 -0.19 -41.49 -17.18
N GLY C 26 1.03 -41.42 -16.69
CA GLY C 26 2.19 -41.17 -17.55
C GLY C 26 2.34 -42.41 -18.39
N LEU C 27 2.39 -43.53 -17.69
CA LEU C 27 2.48 -44.85 -18.28
C LEU C 27 1.32 -45.07 -19.19
N ALA C 28 0.14 -44.86 -18.64
CA ALA C 28 -1.05 -45.07 -19.41
C ALA C 28 -0.95 -44.34 -20.74
N GLY C 29 -0.84 -43.02 -20.66
CA GLY C 29 -0.78 -42.18 -21.84
C GLY C 29 0.32 -42.49 -22.83
N GLY C 30 1.51 -42.71 -22.31
CA GLY C 30 2.64 -43.02 -23.15
C GLY C 30 2.53 -44.40 -23.74
N VAL C 31 1.84 -45.32 -23.08
CA VAL C 31 1.75 -46.63 -23.70
C VAL C 31 0.68 -46.54 -24.77
N ALA C 32 -0.31 -45.69 -24.55
CA ALA C 32 -1.35 -45.49 -25.53
C ALA C 32 -0.71 -44.79 -26.73
N LEU C 33 0.38 -44.06 -26.53
CA LEU C 33 1.02 -43.38 -27.65
C LEU C 33 1.77 -44.45 -28.43
N LEU C 34 2.42 -45.34 -27.71
CA LEU C 34 3.15 -46.43 -28.33
C LEU C 34 2.19 -47.27 -29.13
N ALA C 35 1.08 -47.66 -28.53
CA ALA C 35 0.11 -48.47 -29.26
C ALA C 35 -0.37 -47.74 -30.51
N ALA C 36 -0.55 -46.43 -30.41
CA ALA C 36 -1.03 -45.65 -31.55
C ALA C 36 0.00 -45.61 -32.67
N LEU C 37 1.24 -45.27 -32.32
CA LEU C 37 2.32 -45.19 -33.28
C LEU C 37 2.60 -46.57 -33.86
N LEU C 38 2.27 -47.61 -33.11
CA LEU C 38 2.52 -48.95 -33.60
C LEU C 38 1.45 -49.29 -34.60
N HIS C 39 0.20 -49.04 -34.24
CA HIS C 39 -0.83 -49.30 -35.20
C HIS C 39 -0.55 -48.53 -36.43
N LEU C 40 0.07 -47.36 -36.27
CA LEU C 40 0.33 -46.53 -37.41
C LEU C 40 1.46 -47.03 -38.28
N LYS C 41 2.44 -47.74 -37.73
CA LYS C 41 3.50 -48.28 -38.57
C LYS C 41 3.00 -49.61 -39.08
N GLY C 42 1.82 -50.00 -38.62
CA GLY C 42 1.28 -51.28 -39.03
C GLY C 42 2.10 -52.39 -38.39
N ASP C 43 2.87 -52.07 -37.35
CA ASP C 43 3.67 -53.09 -36.69
C ASP C 43 2.77 -54.05 -35.91
N ALA C 44 3.18 -55.31 -35.87
CA ALA C 44 2.42 -56.39 -35.23
C ALA C 44 2.16 -56.27 -33.74
N GLU C 45 3.04 -55.59 -33.05
CA GLU C 45 2.93 -55.41 -31.61
C GLU C 45 1.88 -54.40 -31.24
N ALA C 46 1.27 -53.80 -32.23
CA ALA C 46 0.31 -52.77 -31.97
C ALA C 46 -0.85 -53.26 -31.15
N ARG C 47 -1.10 -54.56 -31.22
CA ARG C 47 -2.24 -55.11 -30.56
C ARG C 47 -2.19 -55.27 -29.08
N ARG C 48 -1.06 -55.73 -28.62
CA ARG C 48 -0.92 -55.94 -27.21
C ARG C 48 -0.52 -54.63 -26.56
N TYR C 49 0.07 -53.72 -27.32
CA TYR C 49 0.38 -52.47 -26.67
C TYR C 49 -0.92 -51.77 -26.44
N THR C 50 -1.90 -52.06 -27.26
CA THR C 50 -3.19 -51.46 -27.09
C THR C 50 -3.86 -52.07 -25.87
N LEU C 51 -3.68 -53.37 -25.67
CA LEU C 51 -4.31 -53.98 -24.52
C LEU C 51 -3.82 -53.29 -23.25
N TYR C 52 -2.50 -53.11 -23.19
CA TYR C 52 -1.78 -52.50 -22.07
C TYR C 52 -2.16 -51.06 -21.80
N ALA C 53 -2.27 -50.30 -22.88
CA ALA C 53 -2.62 -48.92 -22.76
C ALA C 53 -4.03 -48.92 -22.21
N LEU C 54 -4.81 -49.93 -22.58
CA LEU C 54 -6.17 -50.02 -22.06
C LEU C 54 -6.13 -50.39 -20.60
N MET C 55 -5.23 -51.28 -20.25
CA MET C 55 -5.14 -51.74 -18.89
C MET C 55 -4.66 -50.67 -17.95
N LEU C 56 -3.65 -49.94 -18.42
CA LEU C 56 -3.10 -48.87 -17.64
C LEU C 56 -4.10 -47.74 -17.60
N ILE C 57 -4.95 -47.64 -18.61
CA ILE C 57 -5.95 -46.60 -18.58
C ILE C 57 -6.98 -47.01 -17.56
N ALA C 58 -7.31 -48.29 -17.55
CA ALA C 58 -8.28 -48.80 -16.60
C ALA C 58 -7.72 -48.68 -15.18
N LEU C 59 -6.48 -49.12 -15.01
CA LEU C 59 -5.83 -49.05 -13.71
C LEU C 59 -5.74 -47.61 -13.26
N ASP C 60 -5.54 -46.68 -14.20
CA ASP C 60 -5.45 -45.32 -13.77
C ASP C 60 -6.80 -44.71 -13.46
N LEU C 61 -7.83 -45.04 -14.23
CA LEU C 61 -9.12 -44.50 -13.88
C LEU C 61 -9.57 -45.15 -12.57
N PHE C 62 -9.23 -46.42 -12.37
CA PHE C 62 -9.64 -47.06 -11.13
C PHE C 62 -8.97 -46.40 -9.93
N ILE C 63 -7.69 -46.08 -10.01
CA ILE C 63 -7.15 -45.44 -8.82
C ILE C 63 -7.48 -43.94 -8.76
N LEU C 64 -7.96 -43.34 -9.85
CA LEU C 64 -8.38 -41.93 -9.82
C LEU C 64 -9.69 -41.90 -9.06
N TRP C 65 -10.43 -42.99 -9.21
CA TRP C 65 -11.71 -43.09 -8.56
C TRP C 65 -11.60 -43.65 -7.15
N ALA C 66 -10.73 -44.63 -6.97
CA ALA C 66 -10.56 -45.26 -5.66
C ALA C 66 -9.88 -44.34 -4.68
N GLU C 67 -9.38 -43.22 -5.17
CA GLU C 67 -8.67 -42.32 -4.30
C GLU C 67 -9.45 -41.03 -4.16
N SER C 68 -10.59 -40.99 -4.82
CA SER C 68 -11.39 -39.81 -4.76
C SER C 68 -12.26 -39.79 -3.52
N PRO C 69 -12.19 -38.69 -2.77
CA PRO C 69 -13.01 -38.56 -1.58
C PRO C 69 -14.48 -38.69 -1.97
N ALA C 70 -14.77 -38.48 -3.25
CA ALA C 70 -16.14 -38.57 -3.68
C ALA C 70 -16.34 -39.85 -4.45
N ARG C 71 -15.54 -40.84 -4.10
CA ARG C 71 -15.60 -42.12 -4.76
C ARG C 71 -16.97 -42.77 -4.63
N PHE C 72 -17.66 -42.58 -3.52
CA PHE C 72 -18.97 -43.21 -3.38
C PHE C 72 -20.12 -42.24 -3.57
N ARG C 73 -19.79 -41.01 -3.88
CA ARG C 73 -20.84 -40.03 -4.11
C ARG C 73 -21.25 -40.06 -5.56
N PHE C 74 -20.46 -40.79 -6.34
CA PHE C 74 -20.67 -40.96 -7.76
C PHE C 74 -21.01 -39.69 -8.47
N THR C 75 -20.04 -38.80 -8.49
CA THR C 75 -20.19 -37.54 -9.16
C THR C 75 -19.27 -37.45 -10.37
N HIS C 76 -18.41 -38.42 -10.59
CA HIS C 76 -17.53 -38.33 -11.75
C HIS C 76 -18.27 -38.34 -13.03
N ILE C 77 -19.53 -38.70 -12.94
CA ILE C 77 -20.29 -38.69 -14.14
C ILE C 77 -20.27 -37.28 -14.74
N TRP C 78 -20.16 -36.24 -13.90
CA TRP C 78 -20.15 -34.87 -14.41
C TRP C 78 -18.94 -34.49 -15.21
N LEU C 79 -17.92 -35.31 -15.06
CA LEU C 79 -16.69 -35.13 -15.79
C LEU C 79 -17.02 -35.26 -17.25
N PHE C 80 -18.04 -36.09 -17.49
CA PHE C 80 -18.46 -36.45 -18.82
C PHE C 80 -19.73 -35.87 -19.34
N LEU C 81 -20.38 -35.06 -18.53
CA LEU C 81 -21.60 -34.47 -18.99
C LEU C 81 -21.41 -32.99 -19.12
N SER C 82 -20.17 -32.54 -19.16
CA SER C 82 -19.99 -31.12 -19.30
C SER C 82 -18.78 -30.83 -20.12
N PHE C 83 -18.62 -29.56 -20.40
CA PHE C 83 -17.55 -29.11 -21.23
C PHE C 83 -16.69 -28.11 -20.49
N HIS C 84 -15.51 -28.54 -20.06
CA HIS C 84 -14.64 -27.63 -19.36
C HIS C 84 -13.28 -27.67 -19.99
N PRO C 85 -13.17 -27.04 -21.15
CA PRO C 85 -11.94 -26.97 -21.93
C PRO C 85 -10.78 -26.30 -21.26
N THR C 86 -11.05 -25.47 -20.25
CA THR C 86 -10.01 -24.74 -19.54
C THR C 86 -9.39 -25.58 -18.46
N SER C 87 -9.97 -26.76 -18.23
CA SER C 87 -9.51 -27.57 -17.13
C SER C 87 -8.68 -28.78 -17.48
N PRO C 88 -7.38 -28.77 -17.13
CA PRO C 88 -6.63 -29.96 -17.48
C PRO C 88 -7.20 -31.29 -17.11
N ILE C 89 -7.79 -31.38 -15.93
CA ILE C 89 -8.34 -32.64 -15.48
C ILE C 89 -9.50 -33.03 -16.34
N TRP C 90 -10.18 -32.05 -16.91
CA TRP C 90 -11.29 -32.38 -17.75
C TRP C 90 -10.68 -32.96 -19.03
N TRP C 91 -9.66 -32.30 -19.57
CA TRP C 91 -9.02 -32.82 -20.76
C TRP C 91 -8.57 -34.21 -20.46
N GLY C 92 -7.88 -34.40 -19.35
CA GLY C 92 -7.39 -35.72 -18.99
C GLY C 92 -8.45 -36.80 -18.92
N ALA C 93 -9.64 -36.44 -18.46
CA ALA C 93 -10.72 -37.42 -18.33
C ALA C 93 -11.21 -37.85 -19.68
N TRP C 94 -11.30 -36.89 -20.59
CA TRP C 94 -11.76 -37.20 -21.91
C TRP C 94 -10.72 -37.88 -22.76
N GLY C 95 -9.45 -37.52 -22.61
CA GLY C 95 -8.40 -38.13 -23.42
C GLY C 95 -8.24 -39.61 -23.16
N LEU C 96 -8.10 -39.93 -21.87
CA LEU C 96 -7.97 -41.29 -21.40
C LEU C 96 -9.25 -42.04 -21.77
N GLY C 97 -10.37 -41.53 -21.26
CA GLY C 97 -11.68 -42.11 -21.51
C GLY C 97 -11.89 -42.48 -22.97
N LEU C 98 -11.86 -41.48 -23.85
CA LEU C 98 -12.03 -41.71 -25.29
C LEU C 98 -10.87 -42.53 -25.81
N GLY C 99 -9.69 -42.33 -25.23
CA GLY C 99 -8.53 -43.08 -25.68
C GLY C 99 -8.70 -44.54 -25.33
N PHE C 100 -9.58 -44.82 -24.36
CA PHE C 100 -9.81 -46.16 -23.92
C PHE C 100 -10.88 -46.81 -24.79
N LEU C 101 -11.76 -45.99 -25.35
CA LEU C 101 -12.77 -46.51 -26.25
C LEU C 101 -12.05 -46.73 -27.55
N THR C 102 -11.36 -45.68 -28.01
CA THR C 102 -10.62 -45.74 -29.26
C THR C 102 -9.72 -46.95 -29.25
N GLY C 103 -9.03 -47.18 -28.15
CA GLY C 103 -8.16 -48.33 -28.05
C GLY C 103 -8.95 -49.59 -27.78
N GLY C 104 -10.22 -49.41 -27.41
CA GLY C 104 -11.05 -50.56 -27.16
C GLY C 104 -11.44 -51.14 -28.50
N LEU C 105 -11.89 -50.27 -29.40
CA LEU C 105 -12.30 -50.71 -30.72
C LEU C 105 -11.14 -51.25 -31.54
N LEU C 106 -9.96 -50.70 -31.32
CA LEU C 106 -8.75 -51.13 -32.01
C LEU C 106 -8.50 -52.57 -31.64
N TYR C 107 -8.72 -52.85 -30.38
CA TYR C 107 -8.51 -54.18 -29.86
C TYR C 107 -9.54 -55.15 -30.41
N LEU C 108 -10.75 -54.65 -30.60
CA LEU C 108 -11.85 -55.45 -31.09
C LEU C 108 -12.07 -55.31 -32.55
N GLY C 109 -11.10 -54.76 -33.27
CA GLY C 109 -11.25 -54.57 -34.70
C GLY C 109 -12.67 -54.24 -35.09
N LYS C 110 -13.17 -53.10 -34.61
CA LYS C 110 -14.52 -52.64 -34.92
C LYS C 110 -14.47 -51.10 -35.03
N GLY C 111 -15.34 -50.48 -35.81
CA GLY C 111 -15.32 -49.02 -35.92
C GLY C 111 -14.11 -48.35 -36.58
N SER C 112 -13.54 -49.00 -37.61
CA SER C 112 -12.37 -48.52 -38.40
C SER C 112 -10.97 -48.90 -37.84
N GLN C 113 -9.85 -48.30 -38.33
CA GLN C 113 -8.49 -48.69 -37.83
C GLN C 113 -7.20 -47.93 -38.02
N ARG C 114 -7.24 -46.77 -38.65
CA ARG C 114 -6.04 -45.99 -38.83
C ARG C 114 -6.62 -44.72 -38.25
N ALA C 115 -7.88 -44.52 -38.62
CA ALA C 115 -8.69 -43.38 -38.19
C ALA C 115 -8.99 -43.51 -36.71
N LEU C 116 -8.73 -44.71 -36.21
CA LEU C 116 -8.87 -45.01 -34.81
C LEU C 116 -7.46 -44.94 -34.27
N ALA C 117 -6.45 -45.23 -35.10
CA ALA C 117 -5.08 -45.15 -34.59
C ALA C 117 -4.59 -43.70 -34.48
N TRP C 118 -5.15 -42.81 -35.28
CA TRP C 118 -4.77 -41.40 -35.24
C TRP C 118 -5.51 -40.80 -34.07
N ALA C 119 -6.71 -41.31 -33.84
CA ALA C 119 -7.51 -40.86 -32.71
C ALA C 119 -6.74 -41.24 -31.47
N LEU C 120 -6.36 -42.51 -31.38
CA LEU C 120 -5.62 -42.93 -30.21
C LEU C 120 -4.40 -42.05 -30.14
N LEU C 121 -3.87 -41.67 -31.27
CA LEU C 121 -2.71 -40.84 -31.18
C LEU C 121 -3.03 -39.51 -30.55
N VAL C 122 -4.14 -38.90 -30.96
CA VAL C 122 -4.49 -37.61 -30.42
C VAL C 122 -4.93 -37.66 -28.97
N PHE C 123 -5.63 -38.71 -28.60
CA PHE C 123 -6.10 -38.81 -27.22
C PHE C 123 -4.99 -39.16 -26.31
N SER C 124 -3.99 -39.82 -26.85
CA SER C 124 -2.88 -40.17 -26.00
C SER C 124 -1.99 -38.95 -25.88
N LEU C 125 -2.16 -37.95 -26.74
CA LEU C 125 -1.33 -36.77 -26.59
C LEU C 125 -2.05 -35.89 -25.58
N VAL C 126 -3.37 -35.97 -25.55
CA VAL C 126 -4.13 -35.22 -24.58
C VAL C 126 -3.75 -35.77 -23.21
N ALA C 127 -3.81 -37.10 -23.05
CA ALA C 127 -3.49 -37.74 -21.77
C ALA C 127 -2.05 -37.59 -21.28
N LEU C 128 -1.12 -37.35 -22.21
CA LEU C 128 0.29 -37.19 -21.89
C LEU C 128 0.57 -35.77 -21.52
N SER C 129 -0.32 -34.92 -22.00
CA SER C 129 -0.22 -33.49 -21.83
C SER C 129 -0.93 -32.92 -20.64
N TYR C 130 -2.01 -33.55 -20.23
CA TYR C 130 -2.78 -32.95 -19.16
C TYR C 130 -2.18 -32.91 -17.77
N PRO C 131 -1.38 -33.92 -17.39
CA PRO C 131 -0.81 -33.88 -16.05
C PRO C 131 0.09 -32.68 -15.79
N GLY C 132 1.03 -32.41 -16.70
CA GLY C 132 1.93 -31.30 -16.50
C GLY C 132 1.15 -30.01 -16.46
N LEU C 133 0.05 -29.97 -17.20
CA LEU C 133 -0.75 -28.78 -17.21
C LEU C 133 -1.65 -28.75 -15.98
N ALA C 134 -1.97 -29.92 -15.40
CA ALA C 134 -2.82 -29.91 -14.21
C ALA C 134 -2.00 -29.25 -13.11
N LEU C 135 -0.69 -29.37 -13.22
CA LEU C 135 0.22 -28.74 -12.27
C LEU C 135 0.44 -27.29 -12.65
N ALA C 136 1.02 -27.12 -13.85
CA ALA C 136 1.43 -25.86 -14.42
C ALA C 136 0.46 -24.70 -14.54
N VAL C 137 -0.84 -24.98 -14.50
CA VAL C 137 -1.82 -23.92 -14.61
C VAL C 137 -1.98 -23.19 -13.29
N ASN C 138 -1.43 -23.79 -12.25
CA ASN C 138 -1.50 -23.22 -10.93
C ASN C 138 -0.31 -22.35 -10.74
N LEU C 139 -0.45 -21.16 -11.30
CA LEU C 139 0.60 -20.20 -11.28
C LEU C 139 0.87 -19.66 -9.88
N ASN C 140 0.08 -20.11 -8.91
CA ASN C 140 0.27 -19.64 -7.53
C ASN C 140 1.27 -20.54 -6.84
N ARG C 141 1.42 -21.74 -7.39
CA ARG C 141 2.37 -22.72 -6.87
C ARG C 141 3.68 -22.49 -7.59
N PRO C 142 4.65 -21.83 -6.95
CA PRO C 142 5.92 -21.58 -7.65
C PRO C 142 6.70 -22.75 -8.22
N LEU C 143 6.53 -23.96 -7.70
CA LEU C 143 7.31 -25.04 -8.27
C LEU C 143 6.69 -25.61 -9.53
N TRP C 144 5.40 -25.43 -9.68
CA TRP C 144 4.75 -25.95 -10.86
C TRP C 144 4.77 -25.01 -11.99
N ASN C 145 5.97 -24.66 -12.41
CA ASN C 145 6.06 -23.72 -13.47
C ASN C 145 5.91 -24.38 -14.81
N GLY C 146 6.11 -23.57 -15.84
CA GLY C 146 5.98 -24.02 -17.20
C GLY C 146 6.65 -25.32 -17.55
N LEU C 147 7.84 -25.58 -17.01
CA LEU C 147 8.56 -26.80 -17.32
C LEU C 147 7.77 -28.07 -17.01
N MET C 148 6.79 -27.95 -16.11
CA MET C 148 5.97 -29.09 -15.74
C MET C 148 5.24 -29.58 -16.97
N ALA C 149 4.99 -28.64 -17.88
CA ALA C 149 4.31 -28.99 -19.11
C ALA C 149 5.33 -29.66 -20.01
N GLY C 150 6.59 -29.58 -19.66
CA GLY C 150 7.61 -30.21 -20.48
C GLY C 150 8.08 -31.49 -19.82
N LEU C 151 8.25 -31.40 -18.51
CA LEU C 151 8.69 -32.53 -17.73
C LEU C 151 7.67 -33.64 -17.67
N PHE C 152 6.40 -33.30 -17.61
CA PHE C 152 5.50 -34.40 -17.51
C PHE C 152 5.31 -35.22 -18.78
N PRO C 153 5.22 -34.57 -19.95
CA PRO C 153 5.07 -35.35 -21.18
C PRO C 153 6.31 -36.22 -21.46
N LEU C 154 7.50 -35.64 -21.31
CA LEU C 154 8.71 -36.40 -21.59
C LEU C 154 8.89 -37.52 -20.61
N THR C 155 8.41 -37.33 -19.41
CA THR C 155 8.61 -38.33 -18.41
C THR C 155 7.64 -39.50 -18.55
N ALA C 156 6.48 -39.19 -19.11
CA ALA C 156 5.46 -40.20 -19.34
C ALA C 156 5.96 -41.11 -20.45
N LEU C 157 6.82 -40.55 -21.30
CA LEU C 157 7.39 -41.31 -22.40
C LEU C 157 8.49 -42.19 -21.87
N VAL C 158 9.31 -41.68 -20.98
CA VAL C 158 10.34 -42.52 -20.42
C VAL C 158 9.67 -43.72 -19.71
N LEU C 159 8.50 -43.50 -19.10
CA LEU C 159 7.80 -44.60 -18.44
C LEU C 159 7.30 -45.62 -19.43
N ALA C 160 6.65 -45.16 -20.48
CA ALA C 160 6.12 -46.10 -21.45
C ALA C 160 7.22 -46.87 -22.16
N LEU C 161 8.25 -46.15 -22.62
CA LEU C 161 9.33 -46.79 -23.34
C LEU C 161 10.17 -47.67 -22.44
N GLY C 162 10.24 -47.28 -21.18
CA GLY C 162 11.00 -48.03 -20.21
C GLY C 162 10.30 -49.36 -20.00
N LEU C 163 8.97 -49.33 -20.05
CA LEU C 163 8.14 -50.51 -19.86
C LEU C 163 8.26 -51.38 -21.10
N ALA C 164 8.13 -50.72 -22.26
CA ALA C 164 8.22 -51.39 -23.54
C ALA C 164 9.54 -52.14 -23.65
N ALA C 165 10.60 -51.55 -23.12
CA ALA C 165 11.91 -52.16 -23.18
C ALA C 165 12.07 -53.30 -22.19
N LEU C 166 11.27 -53.30 -21.13
CA LEU C 166 11.37 -54.39 -20.17
C LEU C 166 10.65 -55.56 -20.80
N LEU C 167 9.59 -55.25 -21.55
CA LEU C 167 8.81 -56.24 -22.27
C LEU C 167 9.59 -56.66 -23.52
N LYS C 168 10.85 -56.23 -23.57
CA LYS C 168 11.77 -56.55 -24.64
C LYS C 168 11.46 -56.11 -26.06
N SER C 169 10.64 -55.09 -26.21
CA SER C 169 10.38 -54.59 -27.55
C SER C 169 11.71 -53.93 -27.93
N PRO C 170 12.26 -54.32 -29.08
CA PRO C 170 13.55 -53.85 -29.61
C PRO C 170 13.67 -52.34 -29.93
N TRP C 171 12.57 -51.77 -30.41
CA TRP C 171 12.46 -50.35 -30.75
C TRP C 171 11.98 -49.66 -29.49
N ALA C 172 12.80 -48.92 -28.80
CA ALA C 172 12.31 -48.28 -27.59
C ALA C 172 13.53 -48.04 -26.73
N LEU C 173 14.48 -48.99 -26.72
CA LEU C 173 15.66 -48.75 -25.90
C LEU C 173 16.51 -47.63 -26.45
N PHE C 174 16.28 -47.22 -27.69
CA PHE C 174 17.05 -46.10 -28.19
C PHE C 174 16.18 -44.86 -27.89
N PRO C 175 14.88 -44.90 -28.26
CA PRO C 175 14.07 -43.73 -27.95
C PRO C 175 14.04 -43.52 -26.44
N LEU C 176 14.08 -44.61 -25.68
CA LEU C 176 14.06 -44.47 -24.24
C LEU C 176 15.28 -43.67 -23.78
N ARG C 177 16.42 -43.85 -24.44
CA ARG C 177 17.61 -43.12 -24.02
C ARG C 177 17.63 -41.66 -24.47
N VAL C 178 17.02 -41.41 -25.62
CA VAL C 178 16.92 -40.07 -26.15
C VAL C 178 15.98 -39.30 -25.24
N LEU C 179 14.78 -39.84 -25.05
CA LEU C 179 13.78 -39.21 -24.20
C LEU C 179 14.17 -39.15 -22.74
N ALA C 180 14.99 -40.08 -22.30
CA ALA C 180 15.40 -40.06 -20.91
C ALA C 180 16.51 -39.02 -20.77
N GLY C 181 17.25 -38.79 -21.85
CA GLY C 181 18.31 -37.80 -21.83
C GLY C 181 17.66 -36.42 -21.81
N ALA C 182 16.58 -36.29 -22.56
CA ALA C 182 15.84 -35.05 -22.63
C ALA C 182 15.27 -34.76 -21.24
N SER C 183 14.51 -35.73 -20.71
CA SER C 183 13.89 -35.59 -19.41
C SER C 183 14.90 -35.28 -18.34
N LEU C 184 16.03 -35.96 -18.36
CA LEU C 184 16.97 -35.68 -17.29
C LEU C 184 17.66 -34.36 -17.49
N LEU C 185 17.78 -33.93 -18.72
CA LEU C 185 18.44 -32.65 -18.88
C LEU C 185 17.47 -31.59 -18.37
N LEU C 186 16.21 -31.63 -18.81
CA LEU C 186 15.25 -30.63 -18.36
C LEU C 186 15.04 -30.72 -16.85
N ALA C 187 15.12 -31.93 -16.29
CA ALA C 187 14.91 -32.12 -14.85
C ALA C 187 16.05 -31.50 -14.06
N LEU C 188 17.23 -31.51 -14.67
CA LEU C 188 18.41 -30.95 -14.06
C LEU C 188 18.39 -29.43 -14.15
N LEU C 189 17.80 -28.90 -15.21
CA LEU C 189 17.76 -27.46 -15.36
C LEU C 189 16.51 -26.94 -14.70
N TYR C 190 15.65 -27.83 -14.26
CA TYR C 190 14.42 -27.39 -13.66
C TYR C 190 14.61 -26.44 -12.48
N PRO C 191 15.38 -26.84 -11.45
CA PRO C 191 15.59 -25.99 -10.28
C PRO C 191 16.17 -24.63 -10.59
N LEU C 192 16.91 -24.56 -11.68
CA LEU C 192 17.57 -23.32 -12.10
C LEU C 192 16.60 -22.38 -12.75
N THR C 193 15.41 -22.89 -12.95
CA THR C 193 14.35 -22.19 -13.58
C THR C 193 13.45 -21.58 -12.53
N LEU C 194 13.78 -21.81 -11.26
CA LEU C 194 12.91 -21.33 -10.21
C LEU C 194 13.40 -20.10 -9.51
N PRO C 195 12.47 -19.36 -8.92
CA PRO C 195 12.89 -18.19 -8.18
C PRO C 195 13.69 -18.81 -7.05
N PRO C 196 14.70 -18.13 -6.56
CA PRO C 196 15.57 -18.60 -5.47
C PRO C 196 14.88 -19.33 -4.32
N GLU C 197 13.85 -18.71 -3.76
CA GLU C 197 13.11 -19.25 -2.62
C GLU C 197 12.39 -20.54 -2.93
N ALA C 198 11.94 -20.69 -4.17
CA ALA C 198 11.24 -21.88 -4.59
C ALA C 198 12.26 -22.97 -4.81
N ARG C 199 13.40 -22.61 -5.41
CA ARG C 199 14.43 -23.62 -5.63
C ARG C 199 14.91 -24.09 -4.27
N GLY C 200 15.06 -23.14 -3.35
CA GLY C 200 15.50 -23.45 -2.02
C GLY C 200 14.46 -24.28 -1.32
N HIS C 201 13.19 -24.04 -1.65
CA HIS C 201 12.17 -24.83 -1.03
C HIS C 201 12.23 -26.24 -1.62
N LEU C 202 12.32 -26.36 -2.94
CA LEU C 202 12.44 -27.68 -3.57
C LEU C 202 13.66 -28.40 -2.98
N LEU C 203 14.80 -27.72 -2.90
CA LEU C 203 15.98 -28.37 -2.36
C LEU C 203 15.80 -28.79 -0.92
N GLU C 204 15.26 -27.94 -0.07
CA GLU C 204 15.06 -28.37 1.31
C GLU C 204 14.14 -29.57 1.41
N GLU C 205 12.91 -29.43 0.90
CA GLU C 205 11.91 -30.49 1.02
C GLU C 205 12.20 -31.74 0.22
N ALA C 206 12.84 -31.59 -0.90
CA ALA C 206 13.17 -32.73 -1.72
C ALA C 206 14.62 -32.54 -2.11
N GLY C 207 14.92 -32.85 -3.37
CA GLY C 207 16.26 -32.69 -3.86
C GLY C 207 16.97 -33.99 -3.66
N PHE C 208 17.70 -34.07 -2.57
CA PHE C 208 18.38 -35.31 -2.29
C PHE C 208 17.66 -36.51 -2.92
N TRP C 209 16.34 -36.42 -3.03
CA TRP C 209 15.53 -37.44 -3.67
C TRP C 209 15.61 -37.15 -5.15
N TYR C 210 15.47 -35.88 -5.44
CA TYR C 210 15.55 -35.33 -6.77
C TYR C 210 16.90 -35.67 -7.37
N GLY C 211 17.95 -35.24 -6.68
CA GLY C 211 19.31 -35.49 -7.12
C GLY C 211 19.57 -36.97 -7.26
N LEU C 212 18.87 -37.78 -6.47
CA LEU C 212 19.02 -39.22 -6.53
C LEU C 212 18.30 -39.73 -7.76
N PHE C 213 17.20 -39.09 -8.11
CA PHE C 213 16.44 -39.51 -9.26
C PHE C 213 17.12 -39.08 -10.55
N LEU C 214 17.89 -38.00 -10.48
CA LEU C 214 18.66 -37.50 -11.60
C LEU C 214 19.78 -38.52 -11.80
N LEU C 215 20.51 -38.84 -10.74
CA LEU C 215 21.57 -39.83 -10.92
C LEU C 215 20.98 -41.13 -11.43
N LEU C 216 20.04 -41.66 -10.68
CA LEU C 216 19.39 -42.91 -11.07
C LEU C 216 19.19 -42.99 -12.58
N GLY C 217 18.44 -42.04 -13.11
CA GLY C 217 18.11 -42.01 -14.51
C GLY C 217 19.29 -42.08 -15.45
N LEU C 218 20.49 -41.81 -14.92
CA LEU C 218 21.69 -41.84 -15.74
C LEU C 218 22.07 -43.25 -16.08
N GLY C 219 21.51 -44.18 -15.31
CA GLY C 219 21.76 -45.59 -15.51
C GLY C 219 20.98 -46.06 -16.72
N THR C 220 20.25 -45.15 -17.33
CA THR C 220 19.52 -45.53 -18.52
C THR C 220 20.50 -45.59 -19.71
N PHE C 221 21.72 -45.05 -19.53
CA PHE C 221 22.73 -45.00 -20.59
C PHE C 221 23.92 -45.93 -20.40
N TRP C 222 23.81 -46.75 -19.35
CA TRP C 222 24.81 -47.70 -18.92
C TRP C 222 24.60 -49.16 -19.35
N GLN C 223 24.25 -50.00 -18.36
CA GLN C 223 24.03 -51.42 -18.60
C GLN C 223 22.63 -51.60 -19.16
N GLU C 224 22.60 -52.36 -20.25
CA GLU C 224 21.40 -52.70 -21.01
C GLU C 224 20.19 -53.03 -20.15
N ARG C 225 20.24 -54.03 -19.27
CA ARG C 225 19.01 -54.29 -18.53
C ARG C 225 18.78 -53.56 -17.20
N LEU C 226 19.57 -52.52 -16.93
CA LEU C 226 19.33 -51.70 -15.74
C LEU C 226 18.64 -50.47 -16.32
N ALA C 227 19.05 -50.18 -17.54
CA ALA C 227 18.55 -49.02 -18.25
C ALA C 227 17.06 -48.76 -18.16
N PRO C 228 16.18 -49.78 -18.33
CA PRO C 228 14.75 -49.44 -18.20
C PRO C 228 14.30 -49.24 -16.76
N TRP C 229 14.91 -49.97 -15.84
CA TRP C 229 14.48 -49.81 -14.46
C TRP C 229 14.86 -48.44 -14.01
N ALA C 230 16.11 -48.11 -14.22
CA ALA C 230 16.64 -46.81 -13.84
C ALA C 230 15.83 -45.68 -14.47
N GLY C 231 15.50 -45.83 -15.74
CA GLY C 231 14.74 -44.81 -16.45
C GLY C 231 13.32 -44.71 -15.92
N LEU C 232 12.75 -45.86 -15.57
CA LEU C 232 11.40 -45.92 -15.02
C LEU C 232 11.34 -45.29 -13.66
N LEU C 233 12.27 -45.68 -12.79
CA LEU C 233 12.27 -45.14 -11.47
C LEU C 233 12.64 -43.68 -11.47
N ALA C 234 13.51 -43.25 -12.37
CA ALA C 234 13.85 -41.83 -12.35
C ALA C 234 12.62 -41.05 -12.77
N ALA C 235 12.02 -41.48 -13.87
CA ALA C 235 10.85 -40.79 -14.39
C ALA C 235 9.65 -40.80 -13.44
N ALA C 236 9.49 -41.86 -12.66
CA ALA C 236 8.35 -41.94 -11.74
C ALA C 236 8.69 -41.23 -10.46
N GLY C 237 9.94 -41.36 -10.04
CA GLY C 237 10.34 -40.69 -8.85
C GLY C 237 10.21 -39.21 -9.13
N LEU C 238 10.67 -38.77 -10.30
CA LEU C 238 10.61 -37.34 -10.57
C LEU C 238 9.20 -36.81 -10.64
N ARG C 239 8.29 -37.58 -11.21
CA ARG C 239 6.90 -37.17 -11.33
C ARG C 239 6.22 -37.07 -9.97
N ALA C 240 6.45 -38.06 -9.12
CA ALA C 240 5.80 -38.07 -7.83
C ALA C 240 6.37 -37.00 -6.93
N LEU C 241 7.68 -36.81 -7.01
CA LEU C 241 8.32 -35.82 -6.17
C LEU C 241 7.86 -34.42 -6.53
N LEU C 242 7.64 -34.14 -7.81
CA LEU C 242 7.21 -32.81 -8.18
C LEU C 242 5.79 -32.60 -7.77
N VAL C 243 5.02 -33.68 -7.73
CA VAL C 243 3.63 -33.59 -7.37
C VAL C 243 3.46 -33.33 -5.88
N LEU C 244 4.29 -33.98 -5.09
CA LEU C 244 4.19 -33.81 -3.65
C LEU C 244 4.87 -32.53 -3.20
N ALA C 245 6.03 -32.24 -3.77
CA ALA C 245 6.77 -31.08 -3.35
C ALA C 245 6.29 -29.76 -3.91
N GLY C 246 5.46 -29.80 -4.93
CA GLY C 246 5.05 -28.54 -5.52
C GLY C 246 3.78 -27.93 -4.98
N GLN C 247 3.19 -28.58 -3.98
CA GLN C 247 1.95 -28.09 -3.38
C GLN C 247 2.29 -27.09 -2.34
N TRP C 248 2.79 -25.97 -2.81
CA TRP C 248 3.26 -24.95 -1.93
C TRP C 248 2.92 -23.64 -2.60
N GLN C 249 2.42 -22.69 -1.83
CA GLN C 249 2.02 -21.40 -2.34
C GLN C 249 3.14 -20.45 -2.12
N GLY C 250 3.71 -20.77 -0.97
CA GLY C 250 4.80 -20.11 -0.30
C GLY C 250 5.37 -18.78 -0.65
N LEU C 251 5.41 -17.92 0.36
CA LEU C 251 6.10 -16.66 0.16
C LEU C 251 7.44 -16.78 0.92
N GLY C 252 8.01 -15.72 1.22
N ALA D 30 36.64 11.47 -19.88
CA ALA D 30 35.72 12.03 -20.91
C ALA D 30 34.46 12.73 -20.34
N PRO D 31 34.11 12.54 -19.03
CA PRO D 31 32.91 13.25 -18.60
C PRO D 31 33.22 14.68 -18.26
N TRP D 32 32.33 15.59 -18.65
CA TRP D 32 32.59 16.99 -18.38
C TRP D 32 33.05 17.28 -16.96
N TYR D 33 32.57 16.53 -15.97
CA TYR D 33 32.98 16.82 -14.61
C TYR D 33 34.34 16.34 -14.14
N ALA D 34 35.03 15.46 -14.87
CA ALA D 34 36.38 14.97 -14.54
C ALA D 34 37.12 15.31 -15.85
N GLN D 35 37.22 16.66 -15.98
CA GLN D 35 37.77 17.54 -17.03
C GLN D 35 37.62 19.02 -16.52
N GLU D 36 38.07 19.92 -17.38
CA GLU D 36 38.05 21.38 -17.24
C GLU D 36 36.66 21.90 -17.02
N VAL D 37 36.52 22.72 -16.02
CA VAL D 37 35.25 23.25 -15.71
C VAL D 37 35.59 24.71 -15.43
N LYS D 38 34.63 25.61 -15.62
CA LYS D 38 34.80 27.03 -15.30
C LYS D 38 33.38 27.26 -14.88
N SER D 39 33.19 27.86 -13.73
CA SER D 39 31.86 28.04 -13.21
C SER D 39 31.42 29.44 -12.95
N VAL D 40 30.61 30.01 -13.83
CA VAL D 40 30.16 31.36 -13.58
C VAL D 40 28.82 31.43 -12.91
N TYR D 41 28.54 32.57 -12.31
CA TYR D 41 27.21 32.73 -11.78
C TYR D 41 26.44 33.15 -13.01
N GLN D 42 25.27 32.58 -13.19
CA GLN D 42 24.48 32.92 -14.35
C GLN D 42 23.06 33.26 -13.95
N ILE D 43 22.21 33.43 -14.96
CA ILE D 43 20.81 33.67 -14.76
C ILE D 43 20.16 32.86 -15.83
N CYS D 44 19.15 32.09 -15.48
CA CYS D 44 18.53 31.27 -16.48
C CYS D 44 17.65 32.04 -17.46
N GLU D 45 17.86 31.81 -18.75
CA GLU D 45 17.01 32.45 -19.73
C GLU D 45 16.05 31.36 -20.19
N GLY D 46 15.72 30.42 -19.30
CA GLY D 46 14.84 29.34 -19.68
C GLY D 46 13.43 29.85 -19.85
N CYS D 47 13.09 30.82 -19.03
CA CYS D 47 11.78 31.43 -19.14
C CYS D 47 12.04 32.73 -18.44
N PHE D 48 11.00 33.48 -18.12
CA PHE D 48 11.26 34.78 -17.52
C PHE D 48 11.31 34.84 -16.04
N TRP D 49 11.39 33.67 -15.47
CA TRP D 49 11.46 33.60 -14.04
C TRP D 49 12.89 33.97 -13.71
N ARG D 50 13.75 33.81 -14.72
CA ARG D 50 15.18 34.13 -14.62
C ARG D 50 15.77 33.69 -13.26
N CYS D 51 15.74 32.38 -13.05
CA CYS D 51 16.29 31.77 -11.84
C CYS D 51 17.77 32.03 -11.85
N GLY D 52 18.35 32.23 -10.68
CA GLY D 52 19.78 32.46 -10.60
C GLY D 52 20.44 31.10 -10.66
N ILE D 53 21.46 30.96 -11.46
CA ILE D 53 22.05 29.66 -11.62
C ILE D 53 23.55 29.70 -11.59
N VAL D 54 24.15 28.54 -11.61
CA VAL D 54 25.58 28.47 -11.73
C VAL D 54 25.75 27.69 -13.00
N ALA D 55 26.62 28.16 -13.87
CA ALA D 55 26.84 27.50 -15.14
C ALA D 55 28.22 26.92 -15.07
N HIS D 56 28.34 25.65 -15.45
CA HIS D 56 29.61 24.93 -15.44
C HIS D 56 29.96 24.57 -16.86
N ALA D 57 31.02 25.19 -17.36
CA ALA D 57 31.45 24.95 -18.72
C ALA D 57 32.80 24.28 -18.70
N VAL D 58 33.10 23.63 -19.80
CA VAL D 58 34.38 22.98 -19.98
C VAL D 58 34.66 23.45 -21.40
N GLY D 59 35.54 24.45 -21.52
CA GLY D 59 35.81 25.04 -22.81
C GLY D 59 34.67 26.01 -23.07
N ASN D 60 34.09 25.89 -24.27
CA ASN D 60 32.96 26.71 -24.71
C ASN D 60 31.72 25.87 -24.78
N ARG D 61 31.35 25.26 -23.67
CA ARG D 61 30.20 24.42 -23.67
C ARG D 61 29.84 24.33 -22.23
N VAL D 62 28.65 24.81 -21.92
CA VAL D 62 28.18 24.75 -20.56
C VAL D 62 27.54 23.38 -20.53
N TYR D 63 28.02 22.50 -19.65
CA TYR D 63 27.49 21.15 -19.56
C TYR D 63 26.40 20.98 -18.55
N LYS D 64 26.47 21.74 -17.47
CA LYS D 64 25.46 21.61 -16.46
C LYS D 64 25.21 22.99 -15.92
N VAL D 65 24.00 23.19 -15.44
CA VAL D 65 23.66 24.45 -14.88
C VAL D 65 23.00 24.06 -13.57
N GLU D 66 23.12 24.88 -12.55
CA GLU D 66 22.56 24.49 -11.28
C GLU D 66 22.02 25.67 -10.54
N GLY D 67 20.99 25.44 -9.74
CA GLY D 67 20.46 26.54 -8.98
C GLY D 67 21.46 26.73 -7.87
N TYR D 68 21.34 27.81 -7.11
CA TYR D 68 22.27 27.96 -6.01
C TYR D 68 21.51 28.55 -4.82
N GLU D 69 21.76 28.07 -3.62
CA GLU D 69 21.05 28.71 -2.52
C GLU D 69 21.74 30.04 -2.45
N ALA D 70 21.05 31.03 -1.94
CA ALA D 70 21.60 32.36 -1.88
C ALA D 70 20.98 33.04 -3.08
N ASN D 71 20.28 32.27 -3.90
CA ASN D 71 19.55 32.91 -4.95
C ASN D 71 18.14 32.58 -4.53
N PRO D 72 17.39 33.60 -4.12
CA PRO D 72 16.01 33.36 -3.68
C PRO D 72 15.08 32.70 -4.69
N LYS D 73 15.50 32.67 -5.96
CA LYS D 73 14.63 32.08 -6.94
C LYS D 73 14.93 30.61 -7.10
N SER D 74 16.19 30.27 -7.35
CA SER D 74 16.44 28.85 -7.51
C SER D 74 16.73 28.07 -6.22
N ARG D 75 17.25 28.74 -5.20
CA ARG D 75 17.64 28.12 -3.91
C ARG D 75 18.13 26.71 -4.00
N GLY D 76 19.07 26.48 -4.90
CA GLY D 76 19.66 25.18 -5.08
C GLY D 76 18.97 24.28 -6.10
N ARG D 77 17.72 24.56 -6.39
CA ARG D 77 16.95 23.74 -7.29
C ARG D 77 16.76 24.37 -8.66
N LEU D 78 16.28 23.57 -9.60
CA LEU D 78 16.07 24.12 -10.91
C LEU D 78 14.97 23.36 -11.56
N CYS D 79 14.29 23.95 -12.52
CA CYS D 79 13.25 23.19 -13.13
C CYS D 79 13.87 22.45 -14.32
N PRO D 80 13.07 21.61 -14.98
CA PRO D 80 13.58 20.86 -16.14
C PRO D 80 14.14 21.71 -17.26
N ARG D 81 13.41 22.79 -17.58
CA ARG D 81 13.77 23.70 -18.65
C ARG D 81 15.06 24.41 -18.33
N GLY D 82 15.25 24.75 -17.08
CA GLY D 82 16.48 25.42 -16.73
C GLY D 82 17.65 24.46 -16.95
N GLN D 83 17.43 23.19 -16.63
CA GLN D 83 18.50 22.23 -16.76
C GLN D 83 18.82 21.96 -18.22
N GLY D 84 17.79 22.00 -19.05
CA GLY D 84 18.00 21.72 -20.45
C GLY D 84 18.21 22.95 -21.31
N ALA D 85 17.94 24.12 -20.72
CA ALA D 85 18.07 25.39 -21.44
C ALA D 85 19.40 25.54 -22.14
N PRO D 86 20.49 25.06 -21.52
CA PRO D 86 21.77 25.22 -22.20
C PRO D 86 21.88 24.67 -23.62
N GLN D 87 21.08 23.67 -23.96
CA GLN D 87 21.20 23.08 -25.27
C GLN D 87 21.10 24.03 -26.44
N THR D 88 20.26 25.05 -26.36
CA THR D 88 20.15 25.94 -27.50
C THR D 88 21.47 26.49 -27.98
N THR D 89 22.37 26.77 -27.05
CA THR D 89 23.67 27.26 -27.40
C THR D 89 24.42 26.23 -28.27
N TYR D 90 24.20 24.96 -27.98
CA TYR D 90 24.86 23.89 -28.70
C TYR D 90 23.89 23.20 -29.62
N ASP D 91 22.99 24.00 -30.15
CA ASP D 91 22.01 23.48 -31.07
C ASP D 91 22.66 23.65 -32.42
N PRO D 92 22.64 22.61 -33.29
CA PRO D 92 23.24 22.93 -34.58
C PRO D 92 22.22 24.03 -34.96
N ASP D 93 21.26 23.76 -35.84
CA ASP D 93 20.21 24.73 -36.15
C ASP D 93 20.21 26.18 -35.59
N ARG D 94 20.88 26.47 -34.47
CA ARG D 94 20.88 27.84 -33.94
C ARG D 94 21.41 28.85 -34.96
N LEU D 95 21.04 30.12 -34.79
CA LEU D 95 21.50 31.16 -35.72
C LEU D 95 22.93 31.51 -35.45
N LYS D 96 23.66 31.66 -36.54
CA LYS D 96 25.09 31.90 -36.46
C LYS D 96 25.70 33.22 -36.88
N ARG D 97 25.18 33.81 -37.94
CA ARG D 97 25.72 35.05 -38.50
C ARG D 97 24.55 35.89 -38.93
N PRO D 98 24.75 37.21 -39.03
CA PRO D 98 23.61 38.02 -39.46
C PRO D 98 23.19 37.57 -40.85
N LEU D 99 21.96 37.87 -41.23
CA LEU D 99 21.45 37.51 -42.55
C LEU D 99 20.60 38.61 -43.11
N ILE D 100 20.69 38.84 -44.41
CA ILE D 100 19.86 39.85 -44.97
C ILE D 100 19.03 39.23 -46.05
N ARG D 101 17.77 39.55 -46.00
CA ARG D 101 16.85 39.05 -46.98
C ARG D 101 17.40 39.41 -48.33
N VAL D 102 17.36 38.45 -49.23
CA VAL D 102 17.82 38.62 -50.60
C VAL D 102 16.87 39.60 -51.27
N GLU D 103 17.41 40.73 -51.75
CA GLU D 103 16.53 41.70 -52.36
C GLU D 103 15.75 41.09 -53.49
N GLY D 104 14.49 41.47 -53.56
CA GLY D 104 13.64 40.96 -54.61
C GLY D 104 12.84 39.79 -54.09
N SER D 105 13.29 39.14 -53.02
CA SER D 105 12.51 38.03 -52.56
C SER D 105 11.55 38.43 -51.46
N GLN D 106 10.45 37.73 -51.57
CA GLN D 106 9.28 37.81 -50.76
C GLN D 106 9.55 37.40 -49.32
N ARG D 107 9.03 38.19 -48.37
CA ARG D 107 9.24 37.91 -46.97
C ARG D 107 8.88 36.47 -46.61
N GLY D 108 7.76 35.96 -47.07
CA GLY D 108 7.50 34.56 -46.79
C GLY D 108 8.76 33.73 -47.05
N GLU D 109 9.14 33.57 -48.33
CA GLU D 109 10.31 32.79 -48.81
C GLU D 109 11.48 32.84 -47.87
N GLY D 110 12.43 31.93 -48.02
CA GLY D 110 13.48 31.96 -47.03
C GLY D 110 14.84 32.33 -47.50
N LYS D 111 14.90 33.20 -48.49
CA LYS D 111 16.17 33.57 -49.05
C LYS D 111 16.84 34.71 -48.37
N TYR D 112 17.97 34.38 -47.81
CA TYR D 112 18.79 35.29 -47.07
C TYR D 112 20.20 35.17 -47.55
N ARG D 113 21.00 36.16 -47.23
CA ARG D 113 22.39 36.09 -47.59
C ARG D 113 23.13 36.53 -46.38
N VAL D 114 24.25 35.89 -46.13
CA VAL D 114 24.93 36.28 -44.94
C VAL D 114 25.61 37.63 -45.09
N ALA D 115 25.34 38.40 -44.06
CA ALA D 115 25.82 39.73 -43.99
C ALA D 115 26.82 39.82 -42.90
N THR D 116 27.34 41.02 -42.79
CA THR D 116 28.34 41.30 -41.84
C THR D 116 27.58 41.96 -40.73
N TRP D 117 28.12 41.96 -39.53
CA TRP D 117 27.37 42.60 -38.48
C TRP D 117 27.19 44.05 -38.85
N GLU D 118 28.23 44.56 -39.50
CA GLU D 118 28.27 45.94 -39.92
C GLU D 118 27.30 46.22 -41.04
N GLU D 119 27.29 45.35 -42.01
CA GLU D 119 26.44 45.61 -43.12
C GLU D 119 24.97 45.48 -42.67
N ALA D 120 24.70 44.52 -41.79
CA ALA D 120 23.35 44.32 -41.28
C ALA D 120 22.89 45.51 -40.45
N LEU D 121 23.75 45.97 -39.56
CA LEU D 121 23.37 47.08 -38.72
C LEU D 121 23.15 48.36 -39.53
N ASP D 122 23.90 48.52 -40.62
CA ASP D 122 23.74 49.71 -41.47
C ASP D 122 22.49 49.62 -42.27
N HIS D 123 22.24 48.43 -42.77
CA HIS D 123 21.06 48.19 -43.53
C HIS D 123 19.81 48.54 -42.71
N ILE D 124 19.82 48.13 -41.44
CA ILE D 124 18.72 48.36 -40.51
C ILE D 124 18.58 49.83 -40.16
N ALA D 125 19.71 50.45 -39.83
CA ALA D 125 19.70 51.86 -39.47
C ALA D 125 19.27 52.70 -40.67
N LYS D 126 19.61 52.24 -41.86
CA LYS D 126 19.26 52.94 -43.08
C LYS D 126 17.73 52.94 -43.21
N LYS D 127 17.16 51.74 -43.23
CA LYS D 127 15.72 51.56 -43.34
C LYS D 127 14.88 52.22 -42.24
N MET D 128 15.42 52.22 -41.03
CA MET D 128 14.75 52.80 -39.89
C MET D 128 14.70 54.30 -40.05
N LEU D 129 15.82 54.88 -40.46
CA LEU D 129 15.84 56.33 -40.64
C LEU D 129 14.94 56.71 -41.82
N GLU D 130 14.91 55.90 -42.87
CA GLU D 130 14.02 56.21 -43.98
C GLU D 130 12.61 56.38 -43.41
N ILE D 131 12.14 55.35 -42.70
CA ILE D 131 10.82 55.32 -42.03
C ILE D 131 10.69 56.50 -41.07
N ARG D 132 11.75 56.78 -40.33
CA ARG D 132 11.68 57.87 -39.39
C ARG D 132 11.48 59.17 -40.15
N GLU D 133 12.30 59.38 -41.17
CA GLU D 133 12.20 60.63 -41.89
C GLU D 133 11.02 60.69 -42.84
N LYS D 134 10.17 59.67 -42.86
CA LYS D 134 9.01 59.65 -43.75
C LYS D 134 7.68 59.51 -43.02
N TYR D 135 7.75 58.83 -41.87
CA TYR D 135 6.58 58.55 -41.05
C TYR D 135 6.72 58.94 -39.60
N GLY D 136 7.95 59.09 -39.14
CA GLY D 136 8.12 59.41 -37.75
C GLY D 136 8.63 58.14 -37.08
N PRO D 137 9.23 58.26 -35.90
CA PRO D 137 9.76 57.10 -35.17
C PRO D 137 8.70 56.08 -34.77
N GLU D 138 7.57 56.59 -34.29
CA GLU D 138 6.43 55.79 -33.86
C GLU D 138 5.95 54.82 -34.91
N ALA D 139 6.53 54.89 -36.09
CA ALA D 139 6.09 53.97 -37.11
C ALA D 139 6.95 52.73 -37.03
N ILE D 140 7.86 52.64 -36.05
CA ILE D 140 8.57 51.39 -35.90
C ILE D 140 8.10 50.81 -34.58
N ALA D 141 7.65 49.56 -34.66
CA ALA D 141 7.17 48.87 -33.49
C ALA D 141 8.26 47.94 -33.05
N PHE D 142 8.36 47.85 -31.73
CA PHE D 142 9.35 47.03 -31.07
C PHE D 142 8.69 45.96 -30.19
N PHE D 143 8.71 44.73 -30.67
CA PHE D 143 8.12 43.65 -29.92
C PHE D 143 9.24 42.89 -29.32
N GLY D 144 9.12 42.57 -28.05
CA GLY D 144 10.20 41.82 -27.46
C GLY D 144 9.85 41.08 -26.22
N HIS D 145 10.75 40.17 -25.91
CA HIS D 145 10.62 39.35 -24.75
C HIS D 145 12.00 38.91 -24.35
N GLY D 146 12.16 38.46 -23.11
CA GLY D 146 13.48 38.05 -22.68
C GLY D 146 14.20 39.12 -21.91
N THR D 147 15.34 38.77 -21.35
CA THR D 147 16.08 39.74 -20.56
C THR D 147 16.54 40.91 -21.41
N GLY D 148 16.94 40.60 -22.65
CA GLY D 148 17.42 41.59 -23.57
C GLY D 148 16.36 42.57 -23.99
N ASP D 149 15.10 42.28 -23.68
CA ASP D 149 14.03 43.16 -24.05
C ASP D 149 14.05 44.44 -23.28
N TYR D 150 15.02 44.58 -22.40
CA TYR D 150 15.13 45.84 -21.73
C TYR D 150 15.66 46.74 -22.84
N TRP D 151 16.59 46.23 -23.64
CA TRP D 151 17.14 47.02 -24.71
C TRP D 151 16.15 47.19 -25.84
N PHE D 152 15.65 46.10 -26.36
CA PHE D 152 14.75 46.22 -27.48
C PHE D 152 13.30 46.53 -27.26
N VAL D 153 12.89 46.72 -26.01
CA VAL D 153 11.50 47.06 -25.81
C VAL D 153 11.39 48.23 -24.88
N ASP D 154 12.15 48.25 -23.79
CA ASP D 154 11.98 49.34 -22.83
C ASP D 154 12.83 50.56 -22.90
N PHE D 155 13.89 50.50 -23.67
CA PHE D 155 14.80 51.60 -23.63
C PHE D 155 15.06 52.16 -24.99
N LEU D 156 15.54 51.28 -25.86
CA LEU D 156 15.89 51.65 -27.20
C LEU D 156 14.70 52.21 -27.99
N PRO D 157 13.49 51.65 -27.82
CA PRO D 157 12.40 52.24 -28.59
C PRO D 157 12.01 53.58 -27.98
N ALA D 158 12.35 53.76 -26.71
CA ALA D 158 11.98 55.00 -26.04
C ALA D 158 13.00 56.10 -26.32
N ALA D 159 14.20 55.69 -26.71
CA ALA D 159 15.28 56.62 -27.06
C ALA D 159 14.97 57.13 -28.45
N TRP D 160 14.43 56.23 -29.24
CA TRP D 160 14.07 56.48 -30.61
C TRP D 160 12.70 57.07 -30.72
N GLY D 161 12.04 57.23 -29.59
CA GLY D 161 10.73 57.82 -29.65
C GLY D 161 9.55 57.05 -30.22
N SER D 162 9.54 55.72 -30.13
CA SER D 162 8.39 54.98 -30.59
C SER D 162 7.62 54.55 -29.35
N PRO D 163 6.30 54.73 -29.36
CA PRO D 163 5.60 54.29 -28.15
C PRO D 163 5.07 52.89 -28.39
N ASN D 164 5.32 52.38 -29.59
CA ASN D 164 4.81 51.09 -29.96
C ASN D 164 5.72 49.93 -29.69
N ALA D 165 6.11 49.86 -28.42
CA ALA D 165 6.97 48.82 -27.91
C ALA D 165 6.06 47.89 -27.08
N ALA D 166 6.15 46.59 -27.34
CA ALA D 166 5.24 45.68 -26.65
C ALA D 166 5.85 44.34 -26.31
N LYS D 167 5.41 43.77 -25.20
CA LYS D 167 5.86 42.45 -24.80
C LYS D 167 4.65 41.58 -24.74
N PRO D 168 4.77 40.30 -25.11
CA PRO D 168 3.55 39.49 -25.04
C PRO D 168 3.16 39.14 -23.61
N SER D 169 4.10 39.27 -22.69
CA SER D 169 3.81 38.97 -21.29
C SER D 169 2.81 39.96 -20.69
N VAL D 170 2.41 40.94 -21.49
CA VAL D 170 1.46 41.91 -21.01
C VAL D 170 0.08 41.55 -21.55
N SER D 171 -0.22 41.92 -22.78
CA SER D 171 -1.56 41.64 -23.25
C SER D 171 -1.84 40.21 -23.63
N LEU D 172 -0.79 39.37 -23.62
CA LEU D 172 -1.02 37.95 -23.89
C LEU D 172 -0.80 37.11 -22.67
N CYS D 173 -0.74 37.75 -21.52
CA CYS D 173 -0.53 36.99 -20.31
C CYS D 173 -1.13 37.64 -19.10
N THR D 174 -0.35 38.58 -18.64
CA THR D 174 -0.49 39.23 -17.41
C THR D 174 -1.31 40.48 -17.21
N ALA D 175 -1.56 41.14 -18.33
CA ALA D 175 -2.24 42.40 -18.27
C ALA D 175 -3.51 42.47 -17.45
N PRO D 176 -4.39 41.46 -17.53
CA PRO D 176 -5.59 41.64 -16.71
C PRO D 176 -5.35 41.65 -15.22
N ARG D 177 -4.31 40.95 -14.80
CA ARG D 177 -4.07 40.88 -13.38
C ARG D 177 -3.29 42.09 -12.93
N GLU D 178 -2.43 42.62 -13.79
CA GLU D 178 -1.68 43.81 -13.40
C GLU D 178 -2.59 45.02 -13.38
N VAL D 179 -3.53 45.08 -14.31
CA VAL D 179 -4.43 46.20 -14.30
C VAL D 179 -5.24 46.09 -13.00
N ALA D 180 -5.85 44.93 -12.77
CA ALA D 180 -6.66 44.69 -11.58
C ALA D 180 -5.92 44.93 -10.28
N SER D 181 -4.65 44.55 -10.25
CA SER D 181 -3.87 44.73 -9.05
C SER D 181 -3.45 46.17 -8.87
N GLN D 182 -3.33 46.90 -9.97
CA GLN D 182 -2.97 48.30 -9.85
C GLN D 182 -4.20 49.05 -9.40
N TRP D 183 -5.38 48.53 -9.69
CA TRP D 183 -6.61 49.19 -9.32
C TRP D 183 -6.98 48.99 -7.87
N VAL D 184 -6.82 47.76 -7.42
CA VAL D 184 -7.12 47.32 -6.07
C VAL D 184 -6.16 47.60 -4.93
N PHE D 185 -4.86 47.55 -5.16
CA PHE D 185 -3.85 47.79 -4.12
C PHE D 185 -3.28 48.81 -5.02
N GLY D 186 -2.13 49.36 -4.80
CA GLY D 186 -1.77 50.25 -5.87
C GLY D 186 -0.50 49.63 -6.37
N ARG D 187 -0.51 48.32 -6.46
CA ARG D 187 0.73 47.67 -6.84
C ARG D 187 0.57 46.60 -7.85
N PRO D 188 1.69 46.20 -8.40
CA PRO D 188 1.86 45.16 -9.42
C PRO D 188 1.80 43.81 -8.72
N ILE D 189 1.49 42.75 -9.45
CA ILE D 189 1.56 41.44 -8.82
C ILE D 189 2.98 41.15 -9.23
N GLY D 190 3.31 41.42 -10.49
CA GLY D 190 4.69 41.28 -10.88
C GLY D 190 5.23 39.96 -11.31
N GLY D 191 6.52 39.97 -11.60
CA GLY D 191 7.16 38.79 -12.12
C GLY D 191 7.24 37.58 -11.24
N HIS D 192 7.64 37.79 -10.01
CA HIS D 192 7.78 36.71 -9.08
C HIS D 192 6.67 37.01 -8.13
N GLU D 193 5.52 36.43 -8.38
CA GLU D 193 4.42 36.87 -7.56
C GLU D 193 4.51 36.59 -6.09
N PRO D 194 4.21 37.63 -5.31
CA PRO D 194 4.26 37.68 -3.86
C PRO D 194 3.28 36.93 -3.01
N ILE D 195 3.26 35.62 -3.20
CA ILE D 195 2.39 34.77 -2.45
C ILE D 195 3.26 34.19 -1.36
N ASP D 196 2.82 34.36 -0.13
CA ASP D 196 3.55 33.85 1.01
C ASP D 196 3.10 32.41 1.13
N TRP D 197 3.56 31.63 0.18
CA TRP D 197 3.22 30.22 0.11
C TRP D 197 3.46 29.41 1.36
N GLU D 198 4.61 29.63 2.00
CA GLU D 198 4.97 28.84 3.17
C GLU D 198 4.03 28.86 4.36
N ASN D 199 3.33 29.95 4.58
CA ASN D 199 2.42 30.04 5.70
C ASN D 199 0.97 29.90 5.29
N ALA D 200 0.72 29.63 4.01
CA ALA D 200 -0.64 29.50 3.55
C ALA D 200 -1.19 28.19 4.06
N ARG D 201 -2.45 28.21 4.43
CA ARG D 201 -3.05 27.04 5.01
C ARG D 201 -4.12 26.53 4.14
N TYR D 202 -4.50 27.36 3.18
CA TYR D 202 -5.58 27.05 2.30
C TYR D 202 -5.29 27.81 1.03
N ILE D 203 -5.05 27.07 -0.03
CA ILE D 203 -4.71 27.70 -1.28
C ILE D 203 -5.77 27.41 -2.31
N VAL D 204 -6.32 28.45 -2.93
CA VAL D 204 -7.31 28.25 -3.98
C VAL D 204 -6.67 28.67 -5.30
N LEU D 205 -6.63 27.72 -6.22
CA LEU D 205 -6.06 27.93 -7.54
C LEU D 205 -7.11 27.97 -8.61
N ILE D 206 -7.22 29.12 -9.23
CA ILE D 206 -8.17 29.28 -10.29
C ILE D 206 -7.26 29.37 -11.50
N GLY D 207 -7.20 28.27 -12.25
CA GLY D 207 -6.33 28.19 -13.41
C GLY D 207 -5.08 27.78 -12.70
N HIS D 208 -3.99 28.47 -12.94
CA HIS D 208 -2.78 28.24 -12.19
C HIS D 208 -2.30 26.82 -12.15
N HIS D 209 -2.13 26.23 -13.30
CA HIS D 209 -1.72 24.84 -13.34
C HIS D 209 -0.28 24.56 -12.91
N ILE D 210 0.03 24.88 -11.64
CA ILE D 210 1.36 24.66 -11.06
C ILE D 210 1.79 23.20 -11.27
N GLY D 211 3.06 22.97 -11.55
CA GLY D 211 3.48 21.60 -11.80
C GLY D 211 3.55 21.39 -13.31
N GLU D 212 2.76 22.17 -14.05
CA GLU D 212 2.79 22.10 -15.51
C GLU D 212 3.53 23.37 -15.82
N ASP D 213 3.09 24.42 -15.14
CA ASP D 213 3.74 25.71 -15.15
C ASP D 213 4.75 25.31 -14.13
N THR D 214 5.98 25.33 -14.57
CA THR D 214 7.05 24.80 -13.82
C THR D 214 8.04 25.89 -13.39
N HIS D 215 7.48 27.07 -13.13
CA HIS D 215 8.29 28.18 -12.64
C HIS D 215 8.84 27.64 -11.39
N ASN D 216 10.14 27.72 -11.31
CA ASN D 216 10.89 27.13 -10.24
C ASN D 216 10.56 27.42 -8.77
N THR D 217 10.68 28.65 -8.32
CA THR D 217 10.38 28.92 -6.94
C THR D 217 8.91 28.66 -6.60
N GLN D 218 8.05 28.78 -7.60
CA GLN D 218 6.64 28.62 -7.35
C GLN D 218 6.31 27.19 -7.05
N LEU D 219 7.01 26.32 -7.73
CA LEU D 219 6.78 24.94 -7.56
C LEU D 219 7.34 24.51 -6.21
N GLN D 220 8.50 25.06 -5.87
CA GLN D 220 9.12 24.75 -4.57
C GLN D 220 8.21 25.24 -3.45
N ASP D 221 7.64 26.41 -3.66
CA ASP D 221 6.77 26.99 -2.65
C ASP D 221 5.46 26.27 -2.54
N PHE D 222 5.02 25.74 -3.65
CA PHE D 222 3.77 25.04 -3.65
C PHE D 222 4.00 23.68 -3.02
N ALA D 223 5.13 23.08 -3.33
CA ALA D 223 5.41 21.76 -2.79
C ALA D 223 5.53 21.83 -1.29
N LEU D 224 6.26 22.83 -0.86
CA LEU D 224 6.47 23.07 0.53
C LEU D 224 5.15 23.26 1.26
N ALA D 225 4.27 24.05 0.69
CA ALA D 225 2.99 24.31 1.31
C ALA D 225 2.14 23.06 1.38
N LEU D 226 2.37 22.16 0.44
CA LEU D 226 1.61 20.92 0.45
C LEU D 226 2.17 20.16 1.61
N LYS D 227 3.49 20.20 1.71
CA LYS D 227 4.18 19.51 2.78
C LYS D 227 3.77 19.99 4.18
N ASN D 228 3.60 21.30 4.37
CA ASN D 228 3.20 21.83 5.67
C ASN D 228 1.73 21.65 5.98
N GLY D 229 1.04 20.85 5.18
CA GLY D 229 -0.35 20.59 5.45
C GLY D 229 -1.33 21.56 4.82
N ALA D 230 -0.87 22.37 3.89
CA ALA D 230 -1.77 23.35 3.32
C ALA D 230 -2.75 22.67 2.42
N LYS D 231 -3.95 23.13 2.35
CA LYS D 231 -4.93 22.46 1.57
C LYS D 231 -5.13 23.25 0.29
N VAL D 232 -5.24 22.55 -0.82
CA VAL D 232 -5.34 23.17 -2.12
C VAL D 232 -6.69 22.91 -2.77
N VAL D 233 -7.25 23.92 -3.41
CA VAL D 233 -8.48 23.75 -4.12
C VAL D 233 -8.15 24.25 -5.49
N VAL D 234 -8.36 23.40 -6.48
CA VAL D 234 -8.04 23.80 -7.82
C VAL D 234 -9.37 23.97 -8.53
N VAL D 235 -9.54 25.13 -9.17
CA VAL D 235 -10.74 25.43 -9.92
C VAL D 235 -10.21 25.43 -11.34
N ASP D 236 -10.76 24.54 -12.17
CA ASP D 236 -10.19 24.38 -13.48
C ASP D 236 -11.01 23.27 -14.12
N PRO D 237 -11.37 23.45 -15.39
CA PRO D 237 -12.16 22.42 -16.08
C PRO D 237 -11.34 21.18 -16.41
N ARG D 238 -10.06 21.25 -16.16
CA ARG D 238 -9.18 20.15 -16.48
C ARG D 238 -8.58 19.60 -15.21
N PHE D 239 -8.50 18.28 -15.07
CA PHE D 239 -7.85 17.76 -13.86
C PHE D 239 -6.41 17.90 -14.17
N SER D 240 -5.80 18.90 -13.68
CA SER D 240 -4.47 19.07 -14.05
C SER D 240 -3.55 18.61 -12.92
N THR D 241 -2.25 18.78 -13.09
CA THR D 241 -1.27 18.41 -12.08
C THR D 241 -1.52 19.03 -10.71
N ALA D 242 -1.88 20.31 -10.69
CA ALA D 242 -2.15 20.98 -9.43
C ALA D 242 -3.44 20.43 -8.85
N ALA D 243 -4.38 20.01 -9.70
CA ALA D 243 -5.61 19.45 -9.21
C ALA D 243 -5.26 18.08 -8.66
N ALA D 244 -4.27 17.43 -9.23
CA ALA D 244 -3.87 16.12 -8.74
C ALA D 244 -3.38 16.17 -7.31
N LYS D 245 -3.02 17.35 -6.83
CA LYS D 245 -2.48 17.49 -5.48
C LYS D 245 -3.41 18.21 -4.56
N ALA D 246 -4.58 18.47 -5.08
CA ALA D 246 -5.58 19.26 -4.41
C ALA D 246 -6.56 18.51 -3.57
N HIS D 247 -7.11 19.18 -2.58
CA HIS D 247 -8.03 18.51 -1.73
C HIS D 247 -9.40 18.64 -2.30
N ARG D 248 -9.60 19.63 -3.14
CA ARG D 248 -10.87 19.76 -3.82
C ARG D 248 -10.55 20.21 -5.23
N TRP D 249 -11.21 19.59 -6.19
CA TRP D 249 -11.04 20.01 -7.56
C TRP D 249 -12.42 20.49 -7.96
N LEU D 250 -12.55 21.74 -8.38
CA LEU D 250 -13.88 22.15 -8.81
C LEU D 250 -13.79 22.16 -10.33
N PRO D 251 -14.40 21.19 -10.98
CA PRO D 251 -14.27 21.25 -12.44
C PRO D 251 -15.21 22.24 -13.06
N ILE D 252 -14.86 23.49 -12.90
CA ILE D 252 -15.67 24.58 -13.35
C ILE D 252 -15.91 24.62 -14.82
N LYS D 253 -17.07 25.15 -15.18
CA LYS D 253 -17.38 25.26 -16.56
C LYS D 253 -16.55 26.42 -17.04
N PRO D 254 -15.85 26.24 -18.15
CA PRO D 254 -15.02 27.34 -18.64
C PRO D 254 -15.69 28.69 -18.85
N GLY D 255 -14.93 29.71 -18.46
CA GLY D 255 -15.31 31.11 -18.59
C GLY D 255 -16.28 31.61 -17.55
N THR D 256 -16.44 30.80 -16.52
CA THR D 256 -17.42 30.93 -15.47
C THR D 256 -16.88 31.24 -14.08
N ASP D 257 -15.57 31.44 -14.05
CA ASP D 257 -14.87 31.69 -12.82
C ASP D 257 -15.30 32.90 -12.05
N THR D 258 -15.76 33.90 -12.77
CA THR D 258 -16.16 35.12 -12.13
C THR D 258 -17.43 34.91 -11.38
N ALA D 259 -18.27 34.04 -11.89
CA ALA D 259 -19.50 33.76 -11.18
C ALA D 259 -19.14 33.07 -9.87
N LEU D 260 -18.15 32.19 -9.89
CA LEU D 260 -17.77 31.49 -8.69
C LEU D 260 -17.23 32.47 -7.68
N LEU D 261 -16.38 33.37 -8.16
CA LEU D 261 -15.72 34.34 -7.28
C LEU D 261 -16.67 35.33 -6.65
N LEU D 262 -17.68 35.73 -7.41
CA LEU D 262 -18.68 36.63 -6.91
C LEU D 262 -19.47 35.88 -5.84
N ALA D 263 -19.74 34.59 -6.03
CA ALA D 263 -20.49 33.84 -5.03
C ALA D 263 -19.63 33.63 -3.81
N TRP D 264 -18.32 33.70 -3.99
CA TRP D 264 -17.51 33.58 -2.83
C TRP D 264 -17.52 34.92 -2.12
N ILE D 265 -17.47 36.02 -2.86
CA ILE D 265 -17.52 37.32 -2.21
C ILE D 265 -18.82 37.42 -1.44
N HIS D 266 -19.88 36.88 -2.00
CA HIS D 266 -21.15 36.90 -1.35
C HIS D 266 -21.19 36.01 -0.11
N VAL D 267 -20.62 34.81 -0.14
CA VAL D 267 -20.66 34.05 1.09
C VAL D 267 -19.75 34.72 2.10
N LEU D 268 -18.62 35.25 1.66
CA LEU D 268 -17.75 35.92 2.61
C LEU D 268 -18.42 37.13 3.25
N ILE D 269 -19.21 37.85 2.50
CA ILE D 269 -19.85 39.03 3.06
C ILE D 269 -21.14 38.70 3.76
N TYR D 270 -22.04 38.05 3.05
CA TYR D 270 -23.32 37.76 3.65
C TYR D 270 -23.33 36.76 4.77
N GLU D 271 -22.35 35.89 4.84
CA GLU D 271 -22.33 34.99 5.97
C GLU D 271 -21.42 35.62 6.97
N ASP D 272 -20.90 36.78 6.58
CA ASP D 272 -20.11 37.54 7.49
C ASP D 272 -18.87 36.86 7.95
N LEU D 273 -18.10 36.39 7.00
CA LEU D 273 -16.92 35.67 7.34
C LEU D 273 -15.66 36.44 7.05
N TYR D 274 -15.78 37.61 6.44
CA TYR D 274 -14.58 38.36 6.11
C TYR D 274 -13.93 38.96 7.31
N ASP D 275 -12.73 39.45 7.06
CA ASP D 275 -11.93 40.06 8.07
C ASP D 275 -12.36 41.50 8.16
N LYS D 276 -13.12 41.84 9.19
CA LYS D 276 -13.64 43.19 9.25
C LYS D 276 -12.67 44.28 9.48
N GLU D 277 -11.71 44.07 10.34
CA GLU D 277 -10.88 45.21 10.56
C GLU D 277 -9.91 45.43 9.45
N TYR D 278 -9.61 44.37 8.71
CA TYR D 278 -8.74 44.52 7.58
C TYR D 278 -9.58 45.32 6.64
N VAL D 279 -10.81 44.88 6.43
CA VAL D 279 -11.62 45.68 5.53
C VAL D 279 -11.62 47.09 6.10
N ALA D 280 -12.14 47.28 7.30
CA ALA D 280 -12.20 48.61 7.93
C ALA D 280 -10.93 49.46 7.88
N LYS D 281 -9.76 48.86 7.98
CA LYS D 281 -8.61 49.74 7.94
C LYS D 281 -7.74 49.89 6.71
N TYR D 282 -7.82 48.99 5.75
CA TYR D 282 -6.94 49.16 4.60
C TYR D 282 -7.64 49.24 3.32
N THR D 283 -8.94 49.38 3.46
CA THR D 283 -9.84 49.35 2.37
C THR D 283 -10.70 50.56 2.29
N VAL D 284 -11.12 50.84 1.07
CA VAL D 284 -11.95 51.97 0.82
C VAL D 284 -13.00 51.50 -0.15
N GLY D 285 -14.25 51.74 0.16
CA GLY D 285 -15.30 51.38 -0.78
C GLY D 285 -15.95 50.02 -0.78
N PHE D 286 -15.90 49.25 0.31
CA PHE D 286 -16.53 47.91 0.28
C PHE D 286 -18.05 47.95 0.40
N GLU D 287 -18.57 49.12 0.74
CA GLU D 287 -20.00 49.32 0.95
C GLU D 287 -20.69 49.42 -0.32
N GLU D 288 -19.96 48.98 -1.30
CA GLU D 288 -20.39 49.00 -2.63
C GLU D 288 -20.30 47.55 -3.03
N LEU D 289 -19.29 46.85 -2.51
CA LEU D 289 -19.17 45.46 -2.89
C LEU D 289 -20.30 44.62 -2.37
N LYS D 290 -20.75 44.90 -1.15
CA LYS D 290 -21.80 44.08 -0.57
C LYS D 290 -23.09 44.13 -1.32
N ALA D 291 -23.44 45.33 -1.76
CA ALA D 291 -24.69 45.55 -2.48
C ALA D 291 -24.61 44.96 -3.88
N HIS D 292 -23.41 45.04 -4.44
CA HIS D 292 -23.17 44.54 -5.79
C HIS D 292 -23.39 43.04 -5.86
N VAL D 293 -22.90 42.38 -4.84
CA VAL D 293 -22.91 40.95 -4.80
C VAL D 293 -24.13 40.30 -4.19
N LYS D 294 -25.11 41.13 -3.91
CA LYS D 294 -26.29 40.68 -3.22
C LYS D 294 -26.98 39.45 -3.76
N ASP D 295 -27.13 39.41 -5.07
CA ASP D 295 -27.81 38.32 -5.73
C ASP D 295 -26.89 37.23 -6.24
N PHE D 296 -25.59 37.41 -6.03
CA PHE D 296 -24.59 36.47 -6.53
C PHE D 296 -24.32 35.45 -5.51
N THR D 297 -25.25 34.55 -5.54
CA THR D 297 -25.42 33.50 -4.64
C THR D 297 -24.82 32.17 -5.03
N PRO D 298 -24.48 31.34 -4.05
CA PRO D 298 -23.94 30.05 -4.41
C PRO D 298 -24.93 29.31 -5.29
N GLU D 299 -26.20 29.71 -5.31
CA GLU D 299 -27.14 28.99 -6.16
C GLU D 299 -27.15 29.63 -7.53
N TRP D 300 -26.92 30.94 -7.55
CA TRP D 300 -26.87 31.67 -8.80
C TRP D 300 -25.59 31.20 -9.49
N ALA D 301 -24.48 31.23 -8.76
CA ALA D 301 -23.18 30.77 -9.27
C ALA D 301 -23.27 29.33 -9.73
N GLU D 302 -23.99 28.51 -9.00
CA GLU D 302 -24.05 27.12 -9.41
C GLU D 302 -24.70 26.90 -10.76
N LYS D 303 -25.63 27.76 -11.13
CA LYS D 303 -26.28 27.59 -12.41
C LYS D 303 -25.30 27.70 -13.55
N HIS D 304 -24.43 28.68 -13.42
CA HIS D 304 -23.47 29.02 -14.45
C HIS D 304 -22.19 28.29 -14.45
N THR D 305 -21.85 27.93 -13.25
CA THR D 305 -20.60 27.35 -12.90
C THR D 305 -20.57 25.84 -12.96
N GLU D 306 -21.70 25.30 -12.56
CA GLU D 306 -21.93 23.88 -12.46
C GLU D 306 -21.23 23.35 -11.23
N ILE D 307 -20.70 24.24 -10.39
CA ILE D 307 -20.09 23.80 -9.16
C ILE D 307 -21.30 23.84 -8.20
N PRO D 308 -21.56 22.73 -7.50
CA PRO D 308 -22.71 22.72 -6.60
C PRO D 308 -22.63 23.77 -5.50
N ALA D 309 -23.77 24.42 -5.30
CA ALA D 309 -23.92 25.51 -4.35
C ALA D 309 -23.28 25.21 -3.04
N GLN D 310 -23.42 23.96 -2.66
CA GLN D 310 -22.90 23.53 -1.42
C GLN D 310 -21.38 23.54 -1.40
N VAL D 311 -20.74 23.14 -2.50
CA VAL D 311 -19.29 23.12 -2.54
C VAL D 311 -18.77 24.54 -2.60
N ILE D 312 -19.55 25.39 -3.25
CA ILE D 312 -19.19 26.78 -3.36
C ILE D 312 -19.19 27.42 -2.00
N ARG D 313 -20.22 27.10 -1.24
CA ARG D 313 -20.40 27.66 0.07
C ARG D 313 -19.34 27.16 1.00
N GLU D 314 -19.10 25.88 0.88
CA GLU D 314 -18.11 25.18 1.65
C GLU D 314 -16.71 25.72 1.45
N VAL D 315 -16.32 25.96 0.20
CA VAL D 315 -14.98 26.45 -0.01
C VAL D 315 -14.83 27.84 0.60
N ALA D 316 -15.86 28.67 0.48
CA ALA D 316 -15.81 30.04 1.01
C ALA D 316 -15.60 29.99 2.52
N ARG D 317 -16.38 29.14 3.16
CA ARG D 317 -16.29 28.91 4.59
C ARG D 317 -14.95 28.37 4.99
N GLU D 318 -14.43 27.46 4.17
CA GLU D 318 -13.14 26.88 4.47
C GLU D 318 -12.02 27.87 4.33
N MET D 319 -12.06 28.76 3.35
CA MET D 319 -10.96 29.72 3.27
C MET D 319 -11.12 30.75 4.39
N ALA D 320 -12.36 31.09 4.76
CA ALA D 320 -12.63 32.02 5.84
C ALA D 320 -12.08 31.40 7.12
N ALA D 321 -12.40 30.13 7.36
CA ALA D 321 -11.92 29.45 8.56
C ALA D 321 -10.41 29.55 8.69
N HIS D 322 -9.70 29.77 7.59
CA HIS D 322 -8.25 29.87 7.69
C HIS D 322 -7.81 31.30 7.60
N LYS D 323 -8.77 32.23 7.74
CA LYS D 323 -8.46 33.65 7.51
C LYS D 323 -7.07 33.90 8.30
N PRO D 324 -5.99 34.68 7.73
CA PRO D 324 -5.31 35.54 6.78
C PRO D 324 -4.25 34.44 6.28
N ARG D 325 -4.62 33.18 6.34
CA ARG D 325 -3.71 32.15 5.81
C ARG D 325 -4.42 31.30 4.75
N ALA D 326 -5.30 31.98 4.03
CA ALA D 326 -6.02 31.41 2.91
C ALA D 326 -5.75 32.44 1.82
N VAL D 327 -5.32 31.93 0.66
CA VAL D 327 -5.04 32.78 -0.48
C VAL D 327 -5.63 32.21 -1.73
N LEU D 328 -5.90 33.12 -2.65
CA LEU D 328 -6.28 32.75 -3.98
C LEU D 328 -5.22 33.50 -4.73
N PRO D 329 -4.07 32.88 -4.91
CA PRO D 329 -2.93 33.47 -5.61
C PRO D 329 -3.42 33.70 -7.03
N PRO D 330 -3.27 34.93 -7.52
CA PRO D 330 -3.74 35.14 -8.89
C PRO D 330 -2.86 34.43 -9.89
N THR D 331 -3.46 33.84 -10.91
CA THR D 331 -2.63 33.18 -11.88
C THR D 331 -1.90 34.20 -12.75
N ARG D 332 -0.97 33.70 -13.54
CA ARG D 332 -0.17 34.56 -14.40
C ARG D 332 -0.81 34.71 -15.75
N HIS D 333 -0.97 33.62 -16.48
CA HIS D 333 -1.58 33.81 -17.76
C HIS D 333 -3.08 34.02 -17.52
N ASN D 334 -3.53 35.25 -17.73
CA ASN D 334 -4.90 35.61 -17.43
C ASN D 334 -5.79 36.00 -18.56
N VAL D 335 -5.22 35.91 -19.72
CA VAL D 335 -5.85 36.39 -20.88
C VAL D 335 -6.75 35.32 -21.52
N TRP D 336 -7.87 35.08 -20.85
CA TRP D 336 -8.86 34.06 -21.24
C TRP D 336 -10.19 34.73 -21.54
N TYR D 337 -11.01 34.28 -22.47
CA TYR D 337 -12.32 34.99 -22.51
C TYR D 337 -12.48 36.51 -22.63
N GLY D 338 -11.50 37.34 -22.33
CA GLY D 338 -11.77 38.76 -22.55
C GLY D 338 -12.52 39.66 -21.58
N ASP D 339 -12.82 39.17 -20.38
CA ASP D 339 -13.43 40.02 -19.38
C ASP D 339 -12.60 39.73 -18.17
N ASP D 340 -11.36 39.37 -18.45
CA ASP D 340 -10.40 38.96 -17.45
C ASP D 340 -9.98 39.87 -16.33
N THR D 341 -10.03 41.17 -16.53
CA THR D 341 -9.61 42.05 -15.43
C THR D 341 -10.68 41.90 -14.36
N TYR D 342 -11.89 41.63 -14.79
CA TYR D 342 -12.98 41.46 -13.86
C TYR D 342 -12.79 40.25 -13.01
N ARG D 343 -12.35 39.19 -13.66
CA ARG D 343 -12.13 37.97 -12.95
C ARG D 343 -11.04 38.19 -11.94
N VAL D 344 -9.97 38.89 -12.32
CA VAL D 344 -8.90 39.08 -11.38
C VAL D 344 -9.30 40.01 -10.25
N MET D 345 -10.00 41.09 -10.57
CA MET D 345 -10.45 41.98 -9.53
C MET D 345 -11.19 41.18 -8.45
N ALA D 346 -12.21 40.46 -8.87
CA ALA D 346 -13.05 39.67 -8.00
C ALA D 346 -12.29 38.75 -7.07
N LEU D 347 -11.25 38.16 -7.63
CA LEU D 347 -10.43 37.23 -6.91
C LEU D 347 -9.54 37.97 -5.94
N LEU D 348 -9.14 39.17 -6.34
CA LEU D 348 -8.32 39.96 -5.46
C LEU D 348 -9.21 40.42 -4.31
N TYR D 349 -10.49 40.71 -4.58
CA TYR D 349 -11.37 41.06 -3.46
C TYR D 349 -11.51 39.90 -2.50
N VAL D 350 -11.55 38.67 -3.01
CA VAL D 350 -11.72 37.59 -2.08
C VAL D 350 -10.54 37.65 -1.14
N ASN D 351 -9.35 37.80 -1.69
CA ASN D 351 -8.15 37.91 -0.89
C ASN D 351 -8.26 39.04 0.14
N VAL D 352 -8.73 40.21 -0.30
CA VAL D 352 -8.87 41.35 0.58
C VAL D 352 -9.79 40.97 1.72
N LEU D 353 -10.89 40.33 1.37
CA LEU D 353 -11.90 39.88 2.32
C LEU D 353 -11.40 38.82 3.27
N LEU D 354 -10.27 38.21 2.95
CA LEU D 354 -9.72 37.23 3.86
C LEU D 354 -8.65 37.99 4.60
N GLY D 355 -8.51 39.27 4.24
CA GLY D 355 -7.55 40.14 4.88
C GLY D 355 -6.17 39.57 4.90
N ASN D 356 -5.79 39.00 3.76
CA ASN D 356 -4.51 38.33 3.63
C ASN D 356 -3.40 39.09 2.95
N TYR D 357 -3.72 40.25 2.42
CA TYR D 357 -2.74 41.01 1.69
C TYR D 357 -1.79 41.74 2.60
N GLY D 358 -0.55 41.27 2.58
CA GLY D 358 0.47 41.88 3.39
C GLY D 358 0.60 41.16 4.72
N ARG D 359 0.10 39.94 4.78
CA ARG D 359 0.20 39.19 6.02
C ARG D 359 0.74 37.83 5.72
N PRO D 360 1.26 37.18 6.74
CA PRO D 360 1.78 35.85 6.47
C PRO D 360 0.66 34.93 6.05
N GLY D 361 0.91 34.16 5.02
CA GLY D 361 -0.11 33.22 4.61
C GLY D 361 -0.85 33.59 3.38
N GLY D 362 -0.63 34.79 2.87
CA GLY D 362 -1.32 35.14 1.66
C GLY D 362 -0.34 35.80 0.74
N PHE D 363 -0.19 37.07 0.93
CA PHE D 363 0.64 37.82 0.06
C PHE D 363 1.56 38.61 0.89
N TYR D 364 2.82 38.75 0.49
CA TYR D 364 3.68 39.62 1.24
C TYR D 364 3.82 40.83 0.33
N ILE D 365 4.41 41.90 0.85
CA ILE D 365 4.61 43.09 0.06
C ILE D 365 5.99 42.96 -0.59
N ALA D 366 6.00 43.01 -1.91
CA ALA D 366 7.24 42.89 -2.65
C ALA D 366 7.76 44.28 -3.00
N GLN D 367 9.01 44.52 -2.62
CA GLN D 367 9.64 45.78 -2.89
C GLN D 367 10.76 45.54 -3.87
N SER D 368 10.91 46.46 -4.80
CA SER D 368 11.96 46.36 -5.78
C SER D 368 13.21 46.70 -5.06
N PRO D 369 14.32 46.17 -5.54
CA PRO D 369 15.62 46.40 -4.96
C PRO D 369 16.21 47.67 -5.52
N TYR D 370 17.10 48.24 -4.74
CA TYR D 370 17.78 49.43 -5.18
C TYR D 370 19.01 49.10 -6.04
N LEU D 371 19.08 49.69 -7.21
CA LEU D 371 20.27 49.53 -8.04
C LEU D 371 20.06 50.69 -8.94
N GLU D 372 21.03 51.56 -8.92
CA GLU D 372 20.91 52.75 -9.69
C GLU D 372 21.12 52.52 -11.14
N LYS D 373 20.23 53.14 -11.90
CA LYS D 373 20.27 53.06 -13.33
C LYS D 373 21.54 53.70 -13.84
N TYR D 374 21.84 53.46 -15.09
CA TYR D 374 23.00 54.08 -15.63
C TYR D 374 22.56 55.55 -15.83
N PRO D 375 23.41 56.53 -15.45
CA PRO D 375 23.06 57.94 -15.61
C PRO D 375 22.96 58.33 -17.06
N LEU D 376 21.81 58.87 -17.41
CA LEU D 376 21.60 59.25 -18.78
C LEU D 376 20.62 60.35 -18.83
N PRO D 377 20.53 60.99 -19.98
CA PRO D 377 19.57 62.07 -20.11
C PRO D 377 18.22 61.38 -20.13
N PRO D 378 17.16 62.11 -19.81
CA PRO D 378 15.87 61.42 -19.86
C PRO D 378 15.62 60.93 -21.28
N LEU D 379 14.70 59.99 -21.38
CA LEU D 379 14.35 59.42 -22.65
C LEU D 379 13.29 60.25 -23.31
N PRO D 380 13.21 60.19 -24.63
CA PRO D 380 12.19 60.94 -25.34
C PRO D 380 10.84 60.52 -24.75
N LEU D 381 10.65 59.22 -24.55
CA LEU D 381 9.44 58.69 -23.93
C LEU D 381 9.81 57.81 -22.75
N GLU D 382 9.13 58.03 -21.64
CA GLU D 382 9.32 57.27 -20.43
C GLU D 382 7.89 56.98 -20.03
N PRO D 383 7.51 55.71 -19.92
CA PRO D 383 6.13 55.47 -19.56
C PRO D 383 5.85 55.21 -18.09
N ALA D 384 4.57 55.15 -17.76
CA ALA D 384 4.14 54.79 -16.42
C ALA D 384 3.41 53.49 -16.68
N ALA D 385 3.60 52.52 -15.79
CA ALA D 385 3.04 51.20 -15.97
C ALA D 385 2.03 50.71 -14.95
N GLY D 386 0.89 51.38 -14.90
CA GLY D 386 -0.14 50.94 -13.98
C GLY D 386 -0.77 51.98 -13.09
N GLY D 387 0.09 52.76 -12.43
CA GLY D 387 -0.28 53.81 -11.48
C GLY D 387 -1.12 54.91 -12.02
N CYS D 388 -2.24 54.77 -11.76
CA CYS D 388 -2.96 55.64 -12.50
C CYS D 388 -3.59 56.92 -12.19
N SER D 389 -4.88 56.74 -12.16
CA SER D 389 -5.73 57.86 -11.96
C SER D 389 -5.22 58.91 -12.96
N GLY D 390 -5.77 58.74 -14.17
CA GLY D 390 -5.42 59.51 -15.34
C GLY D 390 -4.58 58.40 -15.96
N PRO D 391 -5.21 57.25 -16.27
CA PRO D 391 -4.52 56.09 -16.85
C PRO D 391 -4.00 56.25 -18.26
N SER D 392 -4.90 56.08 -19.21
CA SER D 392 -4.48 56.16 -20.58
C SER D 392 -4.70 57.53 -21.21
N GLY D 393 -5.94 57.98 -21.14
CA GLY D 393 -6.32 59.25 -21.72
C GLY D 393 -5.59 60.46 -21.17
N GLY D 394 -5.64 60.59 -19.86
CA GLY D 394 -4.99 61.70 -19.18
C GLY D 394 -3.53 61.38 -18.96
N ASP D 395 -2.99 60.51 -19.81
CA ASP D 395 -1.59 60.13 -19.72
C ASP D 395 -1.00 59.37 -20.91
N HIS D 396 -0.93 60.08 -22.03
CA HIS D 396 -0.31 59.60 -23.25
C HIS D 396 -0.41 60.57 -24.40
N GLU D 397 -1.37 61.49 -24.30
CA GLU D 397 -1.63 62.43 -25.39
C GLU D 397 -0.57 63.48 -25.84
N PRO D 398 -0.84 64.80 -25.72
CA PRO D 398 0.25 65.67 -26.20
C PRO D 398 1.34 65.94 -25.19
N GLU D 399 2.46 65.25 -25.34
CA GLU D 399 3.58 65.39 -24.43
C GLU D 399 4.92 64.94 -25.05
N GLY D 400 4.99 63.73 -25.60
CA GLY D 400 6.21 63.27 -26.29
C GLY D 400 5.76 63.60 -27.70
N PHE D 401 5.40 62.59 -28.48
CA PHE D 401 4.70 62.93 -29.70
C PHE D 401 3.56 61.97 -30.04
N LYS D 402 3.67 61.04 -30.98
CA LYS D 402 2.47 60.22 -31.24
C LYS D 402 2.12 59.19 -30.20
N PRO D 403 0.82 58.99 -29.96
CA PRO D 403 0.56 58.00 -28.93
C PRO D 403 0.66 56.56 -29.40
N ARG D 404 0.76 55.65 -28.43
CA ARG D 404 0.87 54.25 -28.75
C ARG D 404 -0.26 53.99 -29.70
N ALA D 405 0.05 53.29 -30.76
CA ALA D 405 -0.95 53.06 -31.77
C ALA D 405 -2.19 52.30 -31.38
N ASP D 406 -2.28 51.82 -30.14
CA ASP D 406 -3.47 51.06 -29.74
C ASP D 406 -4.21 51.83 -28.68
N LYS D 407 -3.70 53.02 -28.45
CA LYS D 407 -4.21 53.94 -27.47
C LYS D 407 -5.69 53.95 -27.18
N GLY D 408 -6.57 53.85 -28.15
CA GLY D 408 -7.94 53.93 -27.69
C GLY D 408 -8.71 52.64 -27.56
N LYS D 409 -8.04 51.51 -27.73
CA LYS D 409 -8.80 50.27 -27.73
C LYS D 409 -9.26 49.61 -26.48
N PHE D 410 -8.69 50.05 -25.38
CA PHE D 410 -9.07 49.50 -24.12
C PHE D 410 -8.68 50.56 -23.15
N PHE D 411 -9.17 50.41 -21.95
CA PHE D 411 -8.96 51.42 -20.97
C PHE D 411 -7.56 51.59 -20.43
N ALA D 412 -6.89 50.48 -20.21
CA ALA D 412 -5.57 50.55 -19.62
C ALA D 412 -4.54 51.17 -20.52
N ARG D 413 -3.48 51.68 -19.89
CA ARG D 413 -2.40 52.35 -20.62
C ARG D 413 -1.36 51.40 -21.16
N SER D 414 -1.37 50.15 -20.74
CA SER D 414 -0.34 49.28 -21.26
C SER D 414 -0.58 49.07 -22.73
N THR D 415 0.53 48.90 -23.43
CA THR D 415 0.51 48.65 -24.84
C THR D 415 0.14 47.20 -25.02
N ALA D 416 -0.75 46.92 -25.96
CA ALA D 416 -1.16 45.55 -26.20
C ALA D 416 -0.57 45.05 -27.51
N ILE D 417 0.42 44.18 -27.40
CA ILE D 417 1.09 43.67 -28.57
C ILE D 417 0.21 43.28 -29.75
N GLN D 418 -0.92 42.64 -29.48
CA GLN D 418 -1.75 42.25 -30.59
C GLN D 418 -2.55 43.41 -31.15
N GLU D 419 -2.50 44.57 -30.51
CA GLU D 419 -3.23 45.74 -31.01
C GLU D 419 -2.34 46.64 -31.88
N LEU D 420 -1.03 46.47 -31.78
CA LEU D 420 -0.11 47.22 -32.64
C LEU D 420 0.15 46.63 -34.04
N ILE D 421 -0.53 45.59 -34.45
CA ILE D 421 -0.24 44.95 -35.72
C ILE D 421 -1.44 45.25 -36.59
N GLU D 422 -2.31 46.13 -36.18
CA GLU D 422 -3.39 46.41 -37.08
C GLU D 422 -2.87 47.61 -37.85
N PRO D 423 -2.18 48.54 -37.15
CA PRO D 423 -1.66 49.67 -37.91
C PRO D 423 -0.76 49.22 -39.05
N MET D 424 -0.13 48.06 -38.87
CA MET D 424 0.77 47.52 -39.88
C MET D 424 0.06 47.17 -41.17
N ILE D 425 -1.24 47.04 -41.07
CA ILE D 425 -2.02 46.65 -42.21
C ILE D 425 -2.87 47.77 -42.72
N THR D 426 -3.81 48.20 -41.90
CA THR D 426 -4.71 49.25 -42.35
C THR D 426 -4.02 50.58 -42.28
N GLY D 427 -2.81 50.58 -41.74
CA GLY D 427 -2.11 51.82 -41.56
C GLY D 427 -3.03 52.76 -40.81
N GLU D 428 -4.13 52.28 -40.22
CA GLU D 428 -4.99 53.31 -39.61
C GLU D 428 -4.52 54.24 -38.49
N PRO D 429 -4.99 54.14 -37.18
CA PRO D 429 -4.45 55.25 -36.33
C PRO D 429 -3.38 56.00 -37.02
N TYR D 430 -2.33 55.28 -37.35
CA TYR D 430 -1.27 55.81 -38.17
C TYR D 430 -0.51 54.59 -38.59
N PRO D 431 0.31 54.73 -39.63
CA PRO D 431 1.09 53.63 -40.16
C PRO D 431 2.26 53.12 -39.37
N ILE D 432 2.31 51.80 -39.28
CA ILE D 432 3.43 51.18 -38.64
C ILE D 432 4.12 50.41 -39.76
N LYS D 433 5.26 50.95 -40.14
CA LYS D 433 6.12 50.39 -41.15
C LYS D 433 7.29 49.98 -40.28
N GLY D 434 7.97 48.89 -40.56
CA GLY D 434 9.07 48.60 -39.67
C GLY D 434 8.64 48.09 -38.30
N LEU D 435 9.12 46.88 -38.03
CA LEU D 435 8.86 46.15 -36.80
C LEU D 435 10.10 45.39 -36.37
N PHE D 436 10.38 45.42 -35.08
CA PHE D 436 11.49 44.65 -34.52
C PHE D 436 10.91 43.52 -33.74
N ALA D 437 11.54 42.36 -33.82
CA ALA D 437 11.05 41.26 -33.05
C ALA D 437 12.23 40.72 -32.33
N TYR D 438 12.43 41.19 -31.12
CA TYR D 438 13.53 40.70 -30.35
C TYR D 438 13.07 39.56 -29.42
N GLY D 439 13.62 38.37 -29.62
CA GLY D 439 13.26 37.22 -28.82
C GLY D 439 11.78 37.13 -28.50
N ILE D 440 10.98 37.19 -29.55
CA ILE D 440 9.56 37.13 -29.34
C ILE D 440 9.00 36.44 -30.55
N ASN D 441 8.27 35.39 -30.27
CA ASN D 441 7.67 34.56 -31.28
C ASN D 441 6.47 35.20 -31.89
N LEU D 442 6.61 35.70 -33.09
CA LEU D 442 5.49 36.36 -33.71
C LEU D 442 4.39 35.42 -34.10
N PHE D 443 4.75 34.23 -34.54
CA PHE D 443 3.69 33.34 -34.96
C PHE D 443 3.23 32.37 -33.93
N HIS D 444 3.76 32.48 -32.72
CA HIS D 444 3.29 31.56 -31.69
C HIS D 444 2.73 32.27 -30.52
N SER D 445 3.22 33.48 -30.34
CA SER D 445 2.78 34.24 -29.21
C SER D 445 1.72 35.26 -29.46
N ILE D 446 1.41 35.57 -30.71
CA ILE D 446 0.38 36.56 -30.96
C ILE D 446 -0.74 35.84 -31.67
N PRO D 447 -1.99 36.00 -31.19
CA PRO D 447 -3.02 35.27 -31.90
C PRO D 447 -3.18 35.82 -33.29
N ASN D 448 -3.94 35.05 -34.07
CA ASN D 448 -4.26 35.41 -35.41
C ASN D 448 -3.06 35.50 -36.31
N VAL D 449 -2.41 34.37 -36.50
CA VAL D 449 -1.22 34.35 -37.32
C VAL D 449 -1.36 34.88 -38.74
N PRO D 450 -2.49 34.64 -39.42
CA PRO D 450 -2.58 35.17 -40.79
C PRO D 450 -2.52 36.69 -40.82
N ARG D 451 -3.05 37.32 -39.79
CA ARG D 451 -3.03 38.75 -39.75
C ARG D 451 -1.62 39.23 -39.53
N THR D 452 -0.91 38.56 -38.64
CA THR D 452 0.45 38.96 -38.34
C THR D 452 1.30 38.85 -39.60
N LYS D 453 1.09 37.77 -40.36
CA LYS D 453 1.82 37.54 -41.61
C LYS D 453 1.51 38.66 -42.60
N GLU D 454 0.25 39.02 -42.69
CA GLU D 454 -0.13 40.07 -43.60
C GLU D 454 0.57 41.37 -43.20
N ALA D 455 0.62 41.60 -41.91
CA ALA D 455 1.24 42.80 -41.36
C ALA D 455 2.72 42.83 -41.70
N LEU D 456 3.38 41.69 -41.60
CA LEU D 456 4.80 41.65 -41.91
C LEU D 456 5.04 42.01 -43.38
N LYS D 457 4.34 41.39 -44.30
CA LYS D 457 4.58 41.71 -45.70
C LYS D 457 4.50 43.22 -45.99
N ASN D 458 3.54 43.85 -45.34
CA ASN D 458 3.27 45.25 -45.49
C ASN D 458 4.32 46.22 -44.96
N LEU D 459 5.19 45.66 -44.13
CA LEU D 459 6.25 46.41 -43.54
C LEU D 459 7.32 46.85 -44.52
N ASP D 460 7.91 47.98 -44.15
CA ASP D 460 9.00 48.62 -44.86
C ASP D 460 10.27 48.03 -44.29
N LEU D 461 10.21 47.74 -43.00
CA LEU D 461 11.33 47.09 -42.35
C LEU D 461 10.85 46.04 -41.37
N TYR D 462 11.59 44.96 -41.31
CA TYR D 462 11.29 43.92 -40.34
C TYR D 462 12.64 43.37 -39.97
N VAL D 463 12.82 43.32 -38.68
CA VAL D 463 14.04 42.82 -38.11
C VAL D 463 13.64 41.69 -37.18
N ALA D 464 14.53 40.73 -37.01
CA ALA D 464 14.23 39.61 -36.13
C ALA D 464 15.51 39.18 -35.45
N ILE D 465 15.64 39.54 -34.18
CA ILE D 465 16.80 39.23 -33.36
C ILE D 465 16.49 38.05 -32.47
N ASP D 466 17.29 37.01 -32.59
CA ASP D 466 16.97 35.86 -31.80
C ASP D 466 17.73 34.67 -32.32
N VAL D 467 17.98 33.82 -31.33
CA VAL D 467 18.76 32.61 -31.36
C VAL D 467 18.61 31.38 -32.30
N LEU D 468 17.45 30.80 -32.50
CA LEU D 468 17.42 29.68 -33.43
C LEU D 468 16.76 30.24 -34.66
N PRO D 469 16.33 29.37 -35.59
CA PRO D 469 15.63 29.83 -36.79
C PRO D 469 14.20 29.31 -36.62
N GLN D 470 13.30 30.24 -36.41
CA GLN D 470 11.90 29.93 -36.20
C GLN D 470 11.09 30.60 -37.26
N GLU D 471 10.06 29.94 -37.76
CA GLU D 471 9.23 30.54 -38.79
C GLU D 471 9.22 32.10 -38.89
N HIS D 472 8.91 32.79 -37.80
CA HIS D 472 8.82 34.24 -37.87
C HIS D 472 10.13 34.93 -38.14
N VAL D 473 11.21 34.36 -37.66
CA VAL D 473 12.49 34.98 -37.93
C VAL D 473 12.81 34.90 -39.42
N MET D 474 12.53 33.78 -40.03
CA MET D 474 12.88 33.66 -41.43
C MET D 474 12.20 34.70 -42.33
N TRP D 475 11.06 35.21 -41.91
CA TRP D 475 10.32 36.20 -42.66
C TRP D 475 10.90 37.59 -42.59
N ALA D 476 12.01 37.74 -41.90
CA ALA D 476 12.58 39.07 -41.73
C ALA D 476 13.53 39.54 -42.82
N ASP D 477 13.84 40.82 -42.79
CA ASP D 477 14.71 41.43 -43.80
C ASP D 477 16.14 41.38 -43.31
N VAL D 478 16.34 41.16 -42.07
CA VAL D 478 17.72 41.15 -41.71
C VAL D 478 17.48 40.69 -40.28
N ILE D 479 18.05 39.51 -40.10
CA ILE D 479 18.03 38.64 -38.94
C ILE D 479 19.29 38.99 -38.20
N LEU D 480 19.26 38.82 -36.89
CA LEU D 480 20.43 39.07 -36.07
C LEU D 480 20.53 37.97 -35.02
N PRO D 481 21.60 37.16 -35.10
CA PRO D 481 21.80 36.07 -34.15
C PRO D 481 22.22 36.76 -32.87
N GLU D 482 21.57 36.40 -31.78
CA GLU D 482 21.92 37.02 -30.52
C GLU D 482 22.60 36.07 -29.58
N ALA D 483 23.75 36.46 -29.06
CA ALA D 483 24.44 35.62 -28.11
C ALA D 483 23.50 35.06 -27.04
N THR D 484 23.56 33.73 -26.93
CA THR D 484 22.79 32.89 -26.04
C THR D 484 22.96 33.34 -24.59
N TYR D 485 21.97 33.12 -23.72
CA TYR D 485 22.15 33.64 -22.38
C TYR D 485 23.47 33.25 -21.74
N LEU D 486 24.00 32.08 -22.05
CA LEU D 486 25.25 31.67 -21.42
C LEU D 486 26.45 32.38 -22.03
N GLU D 487 26.26 33.05 -23.16
CA GLU D 487 27.39 33.70 -23.84
C GLU D 487 27.44 35.20 -23.69
N ARG D 488 26.49 35.75 -22.96
CA ARG D 488 26.50 37.18 -22.87
C ARG D 488 26.35 37.71 -21.46
N TYR D 489 26.62 39.00 -21.36
CA TYR D 489 26.45 39.75 -20.14
C TYR D 489 25.18 40.52 -20.35
N ASP D 490 24.29 40.47 -19.38
CA ASP D 490 23.02 41.17 -19.46
C ASP D 490 22.87 42.08 -18.31
N ASP D 491 22.34 43.26 -18.58
CA ASP D 491 22.13 44.23 -17.53
C ASP D 491 21.39 43.57 -16.37
N PHE D 492 21.75 43.94 -15.15
CA PHE D 492 21.12 43.32 -13.98
C PHE D 492 19.64 43.08 -14.00
N VAL D 493 19.30 41.93 -13.40
CA VAL D 493 17.92 41.51 -13.24
C VAL D 493 17.57 41.87 -11.78
N LEU D 494 16.49 42.63 -11.61
CA LEU D 494 16.00 43.05 -10.29
C LEU D 494 14.56 42.55 -10.16
N VAL D 495 14.37 41.73 -9.15
CA VAL D 495 13.09 41.10 -8.86
C VAL D 495 12.48 41.60 -7.57
N ALA D 496 11.28 42.20 -7.62
CA ALA D 496 10.64 42.66 -6.38
C ALA D 496 10.29 41.42 -5.58
N HIS D 497 10.61 41.49 -4.31
CA HIS D 497 10.46 40.30 -3.51
C HIS D 497 10.47 40.62 -2.05
N LYS D 498 10.11 39.61 -1.25
CA LYS D 498 10.10 39.75 0.20
C LYS D 498 11.35 40.57 0.41
N THR D 499 12.41 39.88 0.03
CA THR D 499 13.79 40.32 0.05
C THR D 499 14.12 40.70 -1.36
N PRO D 500 14.46 41.96 -1.58
CA PRO D 500 14.78 42.39 -2.94
C PRO D 500 16.20 42.04 -3.28
N PHE D 501 16.35 41.40 -4.41
CA PHE D 501 17.65 40.98 -4.82
C PHE D 501 18.00 41.36 -6.25
N ILE D 502 19.27 41.26 -6.55
CA ILE D 502 19.70 41.58 -7.88
C ILE D 502 20.52 40.42 -8.40
N GLN D 503 20.35 40.17 -9.70
CA GLN D 503 21.07 39.10 -10.33
C GLN D 503 21.99 39.63 -11.40
N LEU D 504 23.01 38.86 -11.65
CA LEU D 504 24.01 39.20 -12.64
C LEU D 504 24.40 37.94 -13.40
N ARG D 505 24.38 38.03 -14.71
CA ARG D 505 24.76 36.90 -15.52
C ARG D 505 26.03 37.27 -16.24
N THR D 506 27.06 36.45 -16.01
CA THR D 506 28.38 36.60 -16.63
C THR D 506 28.43 35.59 -17.76
N PRO D 507 29.18 35.85 -18.85
CA PRO D 507 29.17 34.82 -19.90
C PRO D 507 30.08 33.67 -19.56
N ALA D 508 29.49 32.49 -19.46
CA ALA D 508 30.24 31.29 -19.14
C ALA D 508 31.38 31.07 -20.15
N HIS D 509 31.10 31.38 -21.40
CA HIS D 509 32.07 31.29 -22.46
C HIS D 509 31.56 32.27 -23.49
N GLU D 510 32.47 32.72 -24.35
CA GLU D 510 32.17 33.70 -25.39
C GLU D 510 31.22 33.26 -26.47
N PRO D 511 30.48 34.22 -27.04
CA PRO D 511 29.53 33.90 -28.10
C PRO D 511 30.14 32.92 -29.08
N LEU D 512 29.27 32.16 -29.71
CA LEU D 512 29.70 31.18 -30.68
C LEU D 512 29.27 31.62 -32.07
N PHE D 513 30.20 31.40 -33.01
CA PHE D 513 30.02 31.73 -34.40
C PHE D 513 30.17 33.24 -34.57
N ASP D 514 29.22 33.86 -35.25
CA ASP D 514 29.24 35.29 -35.45
C ASP D 514 28.01 35.81 -34.72
N THR D 515 27.99 35.48 -33.44
CA THR D 515 26.88 35.80 -32.59
C THR D 515 27.22 36.97 -31.71
N LYS D 516 26.21 37.76 -31.34
CA LYS D 516 26.49 38.91 -30.50
C LYS D 516 25.51 39.02 -29.36
N PRO D 517 25.92 39.68 -28.29
CA PRO D 517 25.08 39.90 -27.11
C PRO D 517 24.10 41.01 -27.51
N GLY D 518 22.92 41.03 -26.87
CA GLY D 518 21.90 42.03 -27.16
C GLY D 518 22.24 43.46 -26.76
N TRP D 519 22.99 43.62 -25.68
CA TRP D 519 23.34 44.97 -25.25
C TRP D 519 24.23 45.59 -26.32
N TRP D 520 24.99 44.76 -27.00
CA TRP D 520 25.90 45.22 -28.03
C TRP D 520 25.17 45.59 -29.29
N ILE D 521 24.15 44.82 -29.62
CA ILE D 521 23.39 45.08 -30.80
C ILE D 521 22.65 46.39 -30.58
N ALA D 522 22.09 46.56 -29.38
CA ALA D 522 21.33 47.78 -29.05
C ALA D 522 22.24 48.97 -29.07
N ARG D 523 23.47 48.78 -28.64
CA ARG D 523 24.43 49.86 -28.63
C ARG D 523 24.80 50.33 -30.04
N GLU D 524 24.99 49.38 -30.93
CA GLU D 524 25.38 49.71 -32.29
C GLU D 524 24.24 50.41 -33.01
N LEU D 525 23.03 49.87 -32.84
CA LEU D 525 21.81 50.38 -33.44
C LEU D 525 21.42 51.68 -32.79
N GLY D 526 22.12 51.97 -31.71
CA GLY D 526 21.89 53.20 -30.97
C GLY D 526 22.81 54.23 -31.58
N LEU D 527 24.07 53.85 -31.78
CA LEU D 527 25.05 54.75 -32.37
C LEU D 527 24.73 55.01 -33.82
N ARG D 528 24.27 53.98 -34.51
CA ARG D 528 23.91 54.14 -35.90
C ARG D 528 22.73 55.09 -36.05
N LEU D 529 21.84 55.15 -35.06
CA LEU D 529 20.68 56.04 -35.14
C LEU D 529 20.89 57.38 -34.46
N GLY D 530 22.11 57.66 -34.00
CA GLY D 530 22.39 58.93 -33.37
C GLY D 530 21.87 59.02 -31.95
N LEU D 531 21.73 57.87 -31.31
CA LEU D 531 21.23 57.86 -29.95
C LEU D 531 22.40 57.61 -29.04
N GLU D 532 23.57 58.09 -29.47
CA GLU D 532 24.76 57.83 -28.68
C GLU D 532 24.73 58.38 -27.27
N GLN D 533 23.96 59.43 -27.03
CA GLN D 533 23.89 59.96 -25.67
C GLN D 533 23.26 58.91 -24.74
N TYR D 534 22.46 58.01 -25.30
CA TYR D 534 21.84 57.01 -24.44
C TYR D 534 22.79 55.89 -24.16
N PHE D 535 23.77 55.75 -25.04
CA PHE D 535 24.77 54.71 -24.90
C PHE D 535 26.12 55.30 -24.74
N PRO D 536 26.31 56.07 -23.68
CA PRO D 536 27.59 56.70 -23.44
C PRO D 536 28.68 55.79 -22.94
N TRP D 537 28.30 54.57 -22.58
CA TRP D 537 29.23 53.59 -22.06
C TRP D 537 29.70 52.72 -23.19
N LYS D 538 31.00 52.55 -23.32
CA LYS D 538 31.48 51.74 -24.42
C LYS D 538 31.26 50.24 -24.28
N THR D 539 31.37 49.76 -23.05
CA THR D 539 31.34 48.33 -22.78
C THR D 539 30.29 47.90 -21.73
N ILE D 540 29.76 46.68 -21.72
CA ILE D 540 28.77 46.40 -20.66
C ILE D 540 29.43 46.19 -19.34
N GLU D 541 30.69 45.80 -19.35
CA GLU D 541 31.34 45.63 -18.07
C GLU D 541 31.41 47.03 -17.47
N GLU D 542 31.71 48.02 -18.31
CA GLU D 542 31.80 49.40 -17.84
C GLU D 542 30.43 49.84 -17.30
N TYR D 543 29.40 49.54 -18.09
CA TYR D 543 28.02 49.85 -17.79
C TYR D 543 27.61 49.23 -16.46
N LEU D 544 27.97 47.96 -16.27
CA LEU D 544 27.62 47.22 -15.06
C LEU D 544 28.34 47.78 -13.85
N GLU D 545 29.60 48.15 -14.05
CA GLU D 545 30.38 48.70 -12.96
C GLU D 545 29.78 50.02 -12.47
N THR D 546 29.50 50.91 -13.41
CA THR D 546 28.93 52.18 -13.03
C THR D 546 27.69 51.93 -12.16
N ARG D 547 26.83 51.00 -12.58
CA ARG D 547 25.63 50.69 -11.82
C ARG D 547 25.98 50.06 -10.49
N LEU D 548 26.94 49.16 -10.53
CA LEU D 548 27.34 48.48 -9.32
C LEU D 548 27.87 49.43 -8.28
N GLN D 549 28.57 50.46 -8.74
CA GLN D 549 29.17 51.48 -7.88
C GLN D 549 28.20 52.12 -6.89
N SER D 550 26.92 52.17 -7.25
CA SER D 550 25.91 52.80 -6.41
C SER D 550 25.73 52.04 -5.12
N LEU D 551 25.83 50.72 -5.22
CA LEU D 551 25.80 49.91 -4.01
C LEU D 551 27.28 49.66 -3.87
N GLY D 552 27.96 50.41 -3.02
CA GLY D 552 29.40 50.23 -2.85
C GLY D 552 29.87 48.87 -3.32
N LEU D 553 29.75 48.63 -4.63
CA LEU D 553 30.12 47.34 -5.12
C LEU D 553 30.82 47.39 -6.42
N ASP D 554 31.66 46.41 -6.67
CA ASP D 554 32.29 46.46 -7.95
C ASP D 554 31.98 45.15 -8.69
N LEU D 555 31.98 45.20 -10.02
CA LEU D 555 31.67 44.05 -10.92
C LEU D 555 32.29 42.71 -10.52
N GLU D 556 33.59 42.71 -10.25
CA GLU D 556 34.29 41.50 -9.83
C GLU D 556 33.59 40.85 -8.66
N THR D 557 33.25 41.70 -7.71
CA THR D 557 32.61 41.27 -6.49
C THR D 557 31.25 40.63 -6.70
N MET D 558 30.49 41.21 -7.61
CA MET D 558 29.17 40.69 -7.89
C MET D 558 29.36 39.37 -8.60
N LYS D 559 30.41 39.26 -9.41
CA LYS D 559 30.65 38.04 -10.13
C LYS D 559 30.92 36.89 -9.20
N GLY D 560 31.41 37.19 -8.02
CA GLY D 560 31.61 36.10 -7.10
C GLY D 560 30.37 35.78 -6.28
N MET D 561 29.39 36.68 -6.24
CA MET D 561 28.15 36.50 -5.45
C MET D 561 26.97 35.98 -6.22
N GLY D 562 26.84 36.57 -7.42
CA GLY D 562 25.77 36.28 -8.35
C GLY D 562 24.63 37.24 -8.04
N THR D 563 23.96 36.89 -6.95
CA THR D 563 22.77 37.51 -6.37
C THR D 563 23.09 38.39 -5.18
N LEU D 564 22.67 39.65 -5.21
CA LEU D 564 22.92 40.53 -4.09
C LEU D 564 21.54 40.78 -3.48
N VAL D 565 21.25 40.15 -2.35
CA VAL D 565 19.93 40.31 -1.76
C VAL D 565 19.82 41.44 -0.76
N GLN D 566 18.86 42.32 -1.00
CA GLN D 566 18.64 43.46 -0.13
C GLN D 566 17.48 43.19 0.82
N ARG D 567 17.22 44.11 1.72
CA ARG D 567 16.21 43.90 2.76
C ARG D 567 14.77 43.76 2.30
N GLY D 568 14.04 44.85 2.45
CA GLY D 568 12.68 44.82 1.97
C GLY D 568 11.62 44.50 2.98
N LYS D 569 10.56 45.28 2.87
CA LYS D 569 9.45 45.11 3.76
C LYS D 569 8.43 44.16 3.18
N PRO D 570 8.07 43.14 3.98
CA PRO D 570 7.09 42.13 3.57
C PRO D 570 5.69 42.20 4.15
N TRP D 571 5.56 42.60 5.40
CA TRP D 571 4.23 42.60 6.00
C TRP D 571 3.63 43.97 6.21
N LEU D 572 2.31 44.04 6.34
CA LEU D 572 1.68 45.35 6.54
C LEU D 572 2.25 46.03 7.78
N GLU D 573 2.46 45.25 8.84
CA GLU D 573 3.00 45.74 10.10
C GLU D 573 4.31 46.48 9.94
N ASP D 574 5.07 46.15 8.90
CA ASP D 574 6.35 46.81 8.67
C ASP D 574 6.10 48.17 8.06
N TRP D 575 4.99 48.27 7.35
CA TRP D 575 4.61 49.50 6.71
C TRP D 575 3.96 50.42 7.70
N GLU D 576 2.97 49.88 8.36
CA GLU D 576 2.23 50.59 9.35
C GLU D 576 3.02 51.09 10.51
N LYS D 577 3.87 50.26 11.09
CA LYS D 577 4.57 50.77 12.25
C LYS D 577 5.48 51.93 11.85
N GLU D 578 5.51 52.17 10.56
CA GLU D 578 6.33 53.15 9.88
C GLU D 578 5.57 54.41 9.48
N GLY D 579 4.27 54.29 9.59
CA GLY D 579 3.45 55.41 9.25
C GLY D 579 2.94 55.32 7.84
N ARG D 580 3.26 54.27 7.08
CA ARG D 580 2.70 54.24 5.76
C ARG D 580 2.14 52.92 5.31
N LEU D 581 1.25 53.06 4.34
CA LEU D 581 0.52 51.97 3.72
C LEU D 581 0.89 52.04 2.27
N PRO D 582 1.13 50.86 1.67
CA PRO D 582 1.53 50.74 0.26
C PRO D 582 0.80 51.04 -1.05
N PHE D 583 -0.43 50.64 -1.16
CA PHE D 583 -1.31 50.92 -2.29
C PHE D 583 -1.30 52.01 -3.42
N GLY D 584 -2.54 52.18 -3.93
CA GLY D 584 -2.98 53.09 -4.99
C GLY D 584 -4.05 53.92 -4.30
N THR D 585 -4.11 55.20 -4.74
CA THR D 585 -4.82 56.29 -4.15
C THR D 585 -4.51 56.11 -2.66
N ALA D 586 -5.41 55.98 -1.72
CA ALA D 586 -5.07 55.90 -0.32
C ALA D 586 -4.89 54.44 0.17
N SER D 587 -6.00 53.69 0.19
CA SER D 587 -5.98 52.29 0.58
C SER D 587 -6.31 51.41 -0.61
N GLY D 588 -6.63 50.16 -0.32
CA GLY D 588 -6.99 49.22 -1.34
C GLY D 588 -8.35 49.58 -1.83
N LYS D 589 -8.46 49.83 -3.09
CA LYS D 589 -9.78 50.17 -3.46
C LYS D 589 -10.50 48.86 -3.78
N ILE D 590 -11.59 48.56 -3.04
CA ILE D 590 -12.39 47.38 -3.34
C ILE D 590 -13.45 47.82 -4.27
N GLU D 591 -13.59 47.02 -5.31
CA GLU D 591 -14.54 47.23 -6.38
C GLU D 591 -14.42 48.64 -6.94
N LEU D 592 -13.29 49.29 -6.67
CA LEU D 592 -13.05 50.65 -7.11
C LEU D 592 -11.93 50.97 -8.02
N TYR D 593 -11.92 52.24 -8.37
CA TYR D 593 -10.88 52.87 -9.17
C TYR D 593 -11.78 53.77 -9.75
N CYS D 594 -11.42 54.97 -9.52
CA CYS D 594 -12.29 56.01 -9.90
C CYS D 594 -12.57 56.55 -11.33
N GLN D 595 -11.58 56.72 -12.12
CA GLN D 595 -11.67 57.27 -13.43
C GLN D 595 -12.21 56.39 -14.58
N ARG D 596 -12.62 55.22 -14.17
CA ARG D 596 -13.12 54.19 -15.03
C ARG D 596 -14.62 54.29 -14.86
N PHE D 597 -15.02 54.39 -13.60
CA PHE D 597 -16.42 54.52 -13.22
C PHE D 597 -16.90 55.91 -13.59
N LYS D 598 -15.94 56.83 -13.59
CA LYS D 598 -16.11 58.25 -13.88
C LYS D 598 -16.30 58.42 -15.36
N GLU D 599 -15.44 57.74 -16.08
CA GLU D 599 -15.53 57.76 -17.51
C GLU D 599 -14.93 56.45 -17.96
N ALA D 600 -15.56 55.90 -18.96
CA ALA D 600 -15.16 54.62 -19.53
C ALA D 600 -15.29 53.40 -18.63
N GLY D 601 -16.50 52.89 -18.68
CA GLY D 601 -16.88 51.66 -18.02
C GLY D 601 -17.35 51.59 -16.59
N HIS D 602 -18.35 50.72 -16.42
CA HIS D 602 -18.96 50.39 -15.15
C HIS D 602 -17.84 49.74 -14.31
N GLN D 603 -17.85 50.06 -13.02
CA GLN D 603 -16.80 49.68 -12.07
C GLN D 603 -16.52 48.30 -11.54
N PRO D 604 -17.55 47.50 -11.33
CA PRO D 604 -17.24 46.20 -10.78
C PRO D 604 -17.29 45.05 -11.69
N LEU D 605 -17.10 43.91 -11.08
CA LEU D 605 -17.08 42.66 -11.75
C LEU D 605 -18.41 42.05 -11.70
N PRO D 606 -19.22 42.42 -12.68
CA PRO D 606 -20.53 41.81 -12.72
C PRO D 606 -20.28 40.90 -13.88
N VAL D 607 -19.52 41.43 -14.86
CA VAL D 607 -19.21 40.70 -16.09
C VAL D 607 -18.92 39.27 -15.82
N PHE D 608 -19.80 38.58 -15.16
CA PHE D 608 -19.47 37.19 -15.03
C PHE D 608 -19.59 36.76 -16.54
N THR D 609 -20.50 37.47 -17.24
CA THR D 609 -20.91 37.34 -18.65
C THR D 609 -20.68 36.03 -19.34
N PRO D 610 -21.67 35.14 -19.21
CA PRO D 610 -21.61 33.81 -19.80
C PRO D 610 -20.83 33.73 -21.08
N PRO D 611 -19.76 32.98 -21.03
CA PRO D 611 -18.95 32.83 -22.21
C PRO D 611 -19.78 32.23 -23.30
N GLU D 612 -19.35 32.55 -24.51
CA GLU D 612 -19.97 32.03 -25.69
C GLU D 612 -19.55 30.57 -25.69
N GLU D 613 -20.51 29.68 -25.81
CA GLU D 613 -20.18 28.29 -25.76
C GLU D 613 -19.84 27.69 -27.07
N PRO D 614 -18.97 26.67 -27.04
CA PRO D 614 -18.60 26.06 -28.30
C PRO D 614 -19.75 25.52 -29.10
N PRO D 615 -19.65 25.68 -30.43
CA PRO D 615 -20.68 25.21 -31.35
C PRO D 615 -20.72 23.70 -31.21
N GLU D 616 -21.75 23.11 -31.77
CA GLU D 616 -21.83 21.68 -31.71
C GLU D 616 -20.67 21.12 -32.51
N GLY D 617 -20.09 20.06 -31.96
CA GLY D 617 -19.00 19.36 -32.59
C GLY D 617 -17.64 19.98 -32.36
N PHE D 618 -17.65 20.93 -31.45
CA PHE D 618 -16.46 21.65 -31.13
C PHE D 618 -16.24 21.51 -29.63
N TYR D 619 -15.08 21.99 -29.25
CA TYR D 619 -14.67 21.98 -27.88
C TYR D 619 -14.13 23.35 -27.63
N ARG D 620 -14.09 23.78 -26.38
CA ARG D 620 -13.50 25.11 -26.19
C ARG D 620 -12.02 24.84 -26.03
N LEU D 621 -11.24 25.20 -27.04
CA LEU D 621 -9.80 24.98 -27.00
C LEU D 621 -9.27 25.49 -25.69
N LEU D 622 -8.29 24.79 -25.18
CA LEU D 622 -7.70 25.27 -23.97
C LEU D 622 -6.22 25.19 -24.30
N TYR D 623 -5.37 25.31 -23.32
CA TYR D 623 -3.94 25.23 -23.57
C TYR D 623 -3.29 25.50 -22.24
N GLY D 624 -2.03 25.10 -22.18
CA GLY D 624 -1.30 25.25 -20.95
C GLY D 624 0.19 25.07 -21.22
N ARG D 625 0.85 24.46 -20.26
CA ARG D 625 2.29 24.26 -20.35
C ARG D 625 2.66 22.86 -20.01
N SER D 626 3.71 22.38 -20.64
CA SER D 626 4.21 21.05 -20.37
C SER D 626 5.53 21.30 -19.66
N PRO D 627 5.58 20.93 -18.37
CA PRO D 627 6.72 21.12 -17.48
C PRO D 627 8.07 21.18 -18.06
N VAL D 628 8.27 20.42 -19.10
CA VAL D 628 9.58 20.38 -19.68
C VAL D 628 9.85 21.56 -20.65
N HIS D 629 8.81 22.00 -21.34
CA HIS D 629 8.84 23.10 -22.32
C HIS D 629 8.29 24.44 -21.85
N THR D 630 9.07 25.46 -22.22
CA THR D 630 8.84 26.90 -21.98
C THR D 630 8.40 27.48 -23.32
N PHE D 631 7.12 27.84 -23.47
CA PHE D 631 6.60 28.30 -24.75
C PHE D 631 7.24 27.53 -25.90
N ALA D 632 7.05 28.03 -27.11
CA ALA D 632 7.54 27.39 -28.31
C ALA D 632 9.03 27.41 -28.60
N ARG D 633 9.82 28.09 -27.78
CA ARG D 633 11.26 28.19 -28.06
C ARG D 633 12.07 27.02 -27.56
N THR D 634 11.41 25.93 -27.28
CA THR D 634 12.19 24.88 -26.71
C THR D 634 11.97 23.56 -27.39
N GLN D 635 11.14 23.61 -28.43
CA GLN D 635 10.85 22.42 -29.17
C GLN D 635 12.08 21.84 -29.87
N ASN D 636 13.01 22.68 -30.35
CA ASN D 636 14.22 22.20 -31.07
C ASN D 636 15.31 21.71 -30.14
N ASN D 637 15.05 21.86 -28.85
CA ASN D 637 15.99 21.41 -27.86
C ASN D 637 15.86 19.89 -27.79
N TRP D 638 16.95 19.16 -28.08
CA TRP D 638 16.80 17.72 -28.07
C TRP D 638 16.66 17.17 -26.67
N VAL D 639 17.38 17.74 -25.74
CA VAL D 639 17.26 17.26 -24.38
C VAL D 639 15.81 17.37 -23.92
N LEU D 640 15.19 18.50 -24.23
CA LEU D 640 13.82 18.71 -23.79
C LEU D 640 12.80 18.06 -24.69
N MET D 641 13.08 17.94 -25.99
CA MET D 641 12.11 17.32 -26.90
C MET D 641 12.02 15.82 -26.67
N GLU D 642 13.11 15.30 -26.13
CA GLU D 642 13.23 13.90 -25.84
C GLU D 642 12.32 13.53 -24.68
N MET D 643 12.13 14.49 -23.79
CA MET D 643 11.26 14.27 -22.67
C MET D 643 9.81 14.42 -23.13
N ASP D 644 9.56 15.34 -24.05
CA ASP D 644 8.20 15.56 -24.53
C ASP D 644 8.25 15.99 -25.99
N PRO D 645 8.35 15.01 -26.90
CA PRO D 645 8.44 15.23 -28.34
C PRO D 645 7.23 15.79 -29.03
N GLU D 646 6.08 15.84 -28.36
CA GLU D 646 4.92 16.33 -29.04
C GLU D 646 3.87 16.68 -28.04
N ASN D 647 2.89 17.47 -28.46
CA ASN D 647 1.87 17.69 -27.49
C ASN D 647 0.82 16.66 -27.77
N GLU D 648 -0.20 16.68 -26.95
CA GLU D 648 -1.22 15.68 -27.01
C GLU D 648 -2.57 16.36 -26.67
N VAL D 649 -3.63 16.07 -27.42
CA VAL D 649 -4.91 16.69 -27.10
C VAL D 649 -5.68 15.91 -26.07
N TRP D 650 -6.11 16.63 -25.05
CA TRP D 650 -6.88 16.04 -23.98
C TRP D 650 -8.35 16.20 -24.37
N ILE D 651 -9.09 15.09 -24.39
CA ILE D 651 -10.53 15.05 -24.68
C ILE D 651 -11.00 14.03 -23.69
N HIS D 652 -12.25 14.16 -23.29
CA HIS D 652 -12.75 13.23 -22.36
C HIS D 652 -12.90 11.90 -23.03
N LYS D 653 -12.62 10.87 -22.25
CA LYS D 653 -12.72 9.49 -22.64
C LYS D 653 -13.98 9.17 -23.41
N GLU D 654 -15.10 9.65 -22.88
CA GLU D 654 -16.37 9.36 -23.51
C GLU D 654 -16.60 10.18 -24.72
N GLU D 655 -15.92 11.31 -24.82
CA GLU D 655 -16.09 12.10 -26.00
C GLU D 655 -15.29 11.47 -27.09
N ALA D 656 -14.08 11.07 -26.75
CA ALA D 656 -13.19 10.42 -27.69
C ALA D 656 -13.82 9.14 -28.18
N LYS D 657 -14.51 8.46 -27.28
CA LYS D 657 -15.18 7.21 -27.61
C LYS D 657 -16.32 7.48 -28.60
N ARG D 658 -17.06 8.57 -28.40
CA ARG D 658 -18.14 8.94 -29.32
C ARG D 658 -17.62 9.33 -30.68
N LEU D 659 -16.53 10.09 -30.70
CA LEU D 659 -15.88 10.43 -31.96
C LEU D 659 -15.32 9.04 -32.05
N GLY D 660 -14.48 8.67 -32.99
CA GLY D 660 -14.11 7.27 -32.87
C GLY D 660 -12.66 7.21 -32.56
N LEU D 661 -12.25 7.82 -31.47
CA LEU D 661 -10.83 7.90 -31.22
C LEU D 661 -10.28 7.09 -30.10
N LYS D 662 -9.11 6.55 -30.35
CA LYS D 662 -8.50 5.78 -29.32
C LYS D 662 -7.16 6.33 -29.00
N GLU D 663 -6.52 5.65 -28.07
CA GLU D 663 -5.25 6.10 -27.60
C GLU D 663 -4.13 6.20 -28.61
N GLY D 664 -4.19 5.43 -29.67
CA GLY D 664 -3.07 5.58 -30.59
C GLY D 664 -3.27 6.71 -31.56
N ASP D 665 -4.51 7.15 -31.68
CA ASP D 665 -4.87 8.12 -32.69
C ASP D 665 -4.33 9.51 -32.74
N TYR D 666 -4.28 9.99 -33.99
CA TYR D 666 -3.89 11.36 -34.26
C TYR D 666 -5.08 12.03 -34.85
N VAL D 667 -5.03 13.32 -34.78
CA VAL D 667 -6.19 14.04 -35.14
C VAL D 667 -5.69 15.37 -35.65
N MET D 668 -6.53 16.05 -36.43
CA MET D 668 -6.21 17.41 -36.85
C MET D 668 -7.23 18.16 -36.03
N LEU D 669 -6.83 19.33 -35.60
CA LEU D 669 -7.73 20.17 -34.85
C LEU D 669 -8.06 21.22 -35.85
N VAL D 670 -9.34 21.46 -36.04
CA VAL D 670 -9.74 22.44 -36.99
C VAL D 670 -10.45 23.44 -36.13
N ASN D 671 -10.11 24.71 -36.29
CA ASN D 671 -10.81 25.63 -35.45
C ASN D 671 -12.06 26.13 -36.12
N GLN D 672 -12.79 26.99 -35.42
CA GLN D 672 -14.05 27.42 -35.95
C GLN D 672 -13.92 28.13 -37.26
N ASP D 673 -12.73 28.67 -37.50
CA ASP D 673 -12.43 29.38 -38.71
C ASP D 673 -11.77 28.52 -39.75
N GLY D 674 -11.85 27.21 -39.59
CA GLY D 674 -11.27 26.35 -40.59
C GLY D 674 -9.78 26.09 -40.54
N VAL D 675 -9.02 26.76 -39.67
CA VAL D 675 -7.59 26.48 -39.62
C VAL D 675 -7.38 25.11 -39.00
N LYS D 676 -6.48 24.38 -39.62
CA LYS D 676 -6.17 23.00 -39.28
C LYS D 676 -4.77 22.89 -38.70
N GLU D 677 -4.59 22.13 -37.62
CA GLU D 677 -3.27 22.00 -37.05
C GLU D 677 -2.74 20.58 -37.06
N GLY D 678 -1.58 20.45 -37.75
CA GLY D 678 -0.79 19.24 -37.99
C GLY D 678 -1.23 18.08 -37.17
N PRO D 679 -1.08 16.83 -37.61
CA PRO D 679 -1.61 15.86 -36.63
C PRO D 679 -1.07 15.90 -35.20
N VAL D 680 -1.98 15.83 -34.22
CA VAL D 680 -1.64 15.78 -32.78
C VAL D 680 -2.19 14.50 -32.23
N ARG D 681 -1.44 13.88 -31.34
CA ARG D 681 -1.92 12.67 -30.71
C ARG D 681 -3.11 12.98 -29.84
N VAL D 682 -4.02 12.01 -29.81
CA VAL D 682 -5.23 12.10 -29.04
C VAL D 682 -5.00 11.49 -27.67
N LYS D 683 -5.37 12.21 -26.63
CA LYS D 683 -5.24 11.71 -25.29
C LYS D 683 -6.63 11.71 -24.65
N PRO D 684 -7.34 10.56 -24.70
CA PRO D 684 -8.69 10.44 -24.14
C PRO D 684 -8.66 10.61 -22.64
N THR D 685 -7.73 9.94 -22.05
CA THR D 685 -7.57 10.10 -20.65
C THR D 685 -8.26 11.37 -19.90
N ALA D 686 -9.42 11.00 -19.29
CA ALA D 686 -10.45 11.61 -18.39
C ALA D 686 -10.38 12.81 -17.41
N ARG D 687 -9.32 13.57 -17.51
CA ARG D 687 -9.10 14.67 -16.63
C ARG D 687 -9.62 15.94 -17.25
N ILE D 688 -10.72 15.88 -17.97
CA ILE D 688 -11.19 17.12 -18.56
C ILE D 688 -12.67 17.09 -18.79
N ARG D 689 -13.31 18.23 -18.77
CA ARG D 689 -14.72 18.23 -19.04
C ARG D 689 -14.92 17.86 -20.50
N LYS D 690 -16.16 17.55 -20.85
CA LYS D 690 -16.53 17.13 -22.19
C LYS D 690 -16.70 18.30 -23.11
N ASP D 691 -16.58 19.42 -22.45
CA ASP D 691 -16.76 20.79 -22.86
C ASP D 691 -15.60 21.44 -23.58
N CYS D 692 -14.48 20.78 -23.33
CA CYS D 692 -13.15 21.27 -23.60
C CYS D 692 -12.19 20.34 -24.20
N VAL D 693 -11.09 20.91 -24.64
CA VAL D 693 -10.05 20.06 -25.13
C VAL D 693 -8.80 20.85 -24.68
N TYR D 694 -7.67 20.17 -24.51
CA TYR D 694 -6.48 20.85 -24.03
C TYR D 694 -5.22 20.48 -24.78
N ILE D 695 -4.44 21.46 -25.19
CA ILE D 695 -3.16 21.13 -25.79
C ILE D 695 -2.13 22.04 -25.24
N VAL D 696 -0.94 21.48 -25.05
CA VAL D 696 0.16 22.26 -24.54
C VAL D 696 0.55 23.20 -25.63
N HIS D 697 0.88 24.40 -25.22
CA HIS D 697 1.23 25.46 -26.12
C HIS D 697 2.62 25.40 -26.65
N GLY D 698 2.78 25.83 -27.89
CA GLY D 698 4.13 25.93 -28.40
C GLY D 698 4.61 24.87 -29.32
N PHE D 699 3.71 23.99 -29.72
CA PHE D 699 4.13 22.99 -30.64
C PHE D 699 3.68 23.39 -31.99
N GLY D 700 3.71 22.45 -32.91
CA GLY D 700 3.28 22.72 -34.25
C GLY D 700 4.08 23.75 -35.01
N HIS D 701 5.38 23.76 -34.79
CA HIS D 701 6.20 24.70 -35.51
C HIS D 701 6.23 24.40 -36.94
N LYS D 702 6.36 25.43 -37.75
CA LYS D 702 6.61 25.15 -39.13
C LYS D 702 7.83 26.01 -39.36
N ALA D 703 8.93 25.33 -39.21
CA ALA D 703 10.21 25.98 -39.27
C ALA D 703 11.14 24.88 -39.68
N PRO D 704 11.29 24.68 -40.98
CA PRO D 704 12.17 23.59 -41.38
C PRO D 704 13.59 23.65 -40.89
N LEU D 705 14.08 24.83 -40.55
CA LEU D 705 15.45 24.87 -40.09
C LEU D 705 15.56 24.53 -38.63
N MET D 706 14.45 24.50 -37.91
CA MET D 706 14.52 24.06 -36.53
C MET D 706 14.11 22.65 -36.80
N ARG D 707 15.12 21.87 -37.11
CA ARG D 707 14.90 20.52 -37.51
C ARG D 707 14.15 19.58 -36.61
N LEU D 708 14.28 19.76 -35.32
CA LEU D 708 13.55 18.93 -34.38
C LEU D 708 12.15 19.44 -34.18
N ALA D 709 12.04 20.75 -34.03
CA ALA D 709 10.75 21.35 -33.77
C ALA D 709 9.77 21.21 -34.87
N HIS D 710 10.34 21.14 -36.05
CA HIS D 710 9.55 21.24 -37.20
C HIS D 710 8.18 20.65 -37.38
N GLY D 711 7.91 19.40 -37.58
CA GLY D 711 6.48 19.26 -37.82
C GLY D 711 5.68 18.59 -36.76
N ARG D 712 5.97 18.91 -35.52
CA ARG D 712 5.41 18.13 -34.46
C ARG D 712 4.33 18.73 -33.59
N GLY D 713 3.24 18.00 -33.42
CA GLY D 713 2.19 18.50 -32.56
C GLY D 713 1.31 19.51 -33.26
N ALA D 714 0.41 20.08 -32.49
CA ALA D 714 -0.49 21.07 -33.01
C ALA D 714 -0.18 22.33 -32.30
N SER D 715 -0.40 23.43 -32.99
CA SER D 715 -0.14 24.73 -32.44
C SER D 715 -1.44 25.39 -32.00
N ASP D 716 -1.51 25.77 -30.73
CA ASP D 716 -2.74 26.40 -30.30
C ASP D 716 -2.79 27.79 -30.89
N ASN D 717 -1.66 28.47 -30.97
CA ASN D 717 -1.73 29.82 -31.51
C ASN D 717 -2.28 29.86 -32.91
N TYR D 718 -1.92 28.86 -33.73
CA TYR D 718 -2.43 28.80 -35.10
C TYR D 718 -3.91 28.47 -35.09
N LEU D 719 -4.41 27.86 -34.04
CA LEU D 719 -5.83 27.61 -34.01
C LEU D 719 -6.50 28.77 -33.31
N GLN D 720 -5.72 29.72 -32.80
CA GLN D 720 -6.30 30.84 -32.08
C GLN D 720 -6.38 31.98 -32.99
N THR D 721 -7.36 31.84 -33.85
CA THR D 721 -7.57 32.77 -34.87
C THR D 721 -8.30 33.99 -34.33
N ARG D 722 -9.02 33.81 -33.23
CA ARG D 722 -9.73 34.92 -32.62
C ARG D 722 -9.29 35.16 -31.23
N TYR D 723 -9.75 36.26 -30.69
CA TYR D 723 -9.45 36.52 -29.31
C TYR D 723 -10.45 37.56 -28.94
N LYS D 724 -10.82 37.58 -27.69
CA LYS D 724 -11.73 38.59 -27.28
C LYS D 724 -10.92 39.56 -26.46
N LEU D 725 -10.84 40.77 -26.96
CA LEU D 725 -10.07 41.81 -26.31
C LEU D 725 -10.69 42.25 -25.00
N ASP D 726 -9.85 42.47 -24.01
CA ASP D 726 -10.33 42.90 -22.73
C ASP D 726 -10.37 44.43 -22.85
N PRO D 727 -11.57 45.02 -22.77
CA PRO D 727 -11.72 46.47 -22.87
C PRO D 727 -11.01 47.19 -21.77
N ILE D 728 -10.74 46.51 -20.68
CA ILE D 728 -10.06 47.17 -19.57
C ILE D 728 -8.56 47.06 -19.76
N SER D 729 -8.04 45.85 -19.68
CA SER D 729 -6.61 45.65 -19.86
C SER D 729 -6.32 45.41 -21.33
N GLY D 730 -5.07 45.30 -21.72
CA GLY D 730 -4.94 45.07 -23.14
C GLY D 730 -5.24 43.65 -23.59
N GLY D 731 -5.54 42.75 -22.66
CA GLY D 731 -5.71 41.34 -22.97
C GLY D 731 -6.34 40.71 -24.19
N ALA D 732 -5.60 39.80 -24.84
CA ALA D 732 -6.17 39.10 -25.96
C ALA D 732 -6.79 37.81 -25.40
N GLY D 733 -8.08 37.85 -25.09
CA GLY D 733 -8.74 36.67 -24.55
C GLY D 733 -8.70 35.54 -25.54
N LEU D 734 -7.82 34.58 -25.28
CA LEU D 734 -7.61 33.43 -26.13
C LEU D 734 -8.49 32.21 -26.03
N ARG D 735 -9.11 31.98 -24.88
CA ARG D 735 -9.86 30.73 -24.69
C ARG D 735 -11.25 30.77 -25.22
N VAL D 736 -11.34 31.56 -26.25
CA VAL D 736 -12.57 31.88 -26.86
C VAL D 736 -12.64 31.17 -28.21
N ASN D 737 -11.67 30.30 -28.44
CA ASN D 737 -11.59 29.56 -29.69
C ASN D 737 -12.07 28.17 -29.45
N PHE D 738 -12.62 27.61 -30.51
CA PHE D 738 -13.16 26.29 -30.46
C PHE D 738 -12.47 25.47 -31.50
N VAL D 739 -12.51 24.17 -31.28
CA VAL D 739 -11.77 23.32 -32.13
C VAL D 739 -12.53 22.02 -32.34
N ARG D 740 -12.38 21.43 -33.53
CA ARG D 740 -13.02 20.15 -33.81
C ARG D 740 -11.95 19.13 -34.15
N LEU D 741 -12.27 17.87 -34.00
CA LEU D 741 -11.27 16.86 -34.24
C LEU D 741 -11.58 16.07 -35.48
N GLU D 742 -10.61 16.01 -36.38
CA GLU D 742 -10.79 15.22 -37.57
C GLU D 742 -9.73 14.20 -37.47
N LYS D 743 -10.11 12.99 -37.80
CA LYS D 743 -9.16 11.94 -37.70
C LYS D 743 -8.07 12.15 -38.76
N ALA D 744 -6.86 11.79 -38.37
CA ALA D 744 -5.73 11.98 -39.24
C ALA D 744 -4.80 10.83 -39.04
N GLU D 745 -3.94 10.66 -40.02
CA GLU D 745 -2.96 9.59 -39.96
C GLU D 745 -1.85 10.02 -39.05
N ARG D 746 -1.24 9.03 -38.42
CA ARG D 746 -0.14 9.29 -37.54
C ARG D 746 0.92 9.91 -38.45
N PRO D 747 1.57 10.96 -37.97
CA PRO D 747 2.54 11.58 -38.86
C PRO D 747 3.84 10.89 -39.04
N ARG D 748 4.44 11.21 -40.16
CA ARG D 748 5.71 10.65 -40.56
C ARG D 748 6.69 11.72 -40.22
N LEU D 749 7.62 11.41 -39.34
CA LEU D 749 8.52 12.46 -38.94
C LEU D 749 9.90 11.93 -38.78
N PRO D 750 10.90 12.79 -38.93
CA PRO D 750 12.22 12.22 -38.76
C PRO D 750 12.45 11.76 -37.34
N SER D 751 13.41 10.86 -37.22
CA SER D 751 13.71 10.38 -35.91
C SER D 751 14.35 11.52 -35.19
N LEU D 752 13.83 11.72 -34.01
CA LEU D 752 14.25 12.77 -33.15
C LEU D 752 15.59 12.46 -32.53
N THR D 753 15.84 11.18 -32.29
CA THR D 753 17.11 10.80 -31.69
C THR D 753 18.19 11.03 -32.73
N GLY D 754 17.86 10.66 -33.97
CA GLY D 754 18.78 10.82 -35.08
C GLY D 754 19.11 12.28 -35.22
N LEU D 755 18.09 13.12 -35.09
CA LEU D 755 18.37 14.54 -35.17
C LEU D 755 19.10 14.97 -33.91
N ALA D 756 18.77 14.38 -32.76
CA ALA D 756 19.43 14.86 -31.55
C ALA D 756 20.92 14.61 -31.58
N LYS D 757 21.31 13.60 -32.33
CA LYS D 757 22.69 13.20 -32.39
C LYS D 757 23.68 14.00 -33.21
N ARG D 758 23.16 14.77 -34.16
CA ARG D 758 24.00 15.64 -34.95
C ARG D 758 24.82 16.34 -33.93
N PRO D 759 26.12 16.29 -34.10
CA PRO D 759 27.02 16.92 -33.15
C PRO D 759 27.04 18.41 -33.35
N PHE D 760 27.30 19.07 -32.24
CA PHE D 760 27.38 20.49 -32.28
C PHE D 760 28.76 20.91 -32.67
N ASP D 761 28.80 21.50 -33.84
CA ASP D 761 30.02 21.97 -34.44
C ASP D 761 30.15 23.46 -34.17
N GLU D 762 31.01 23.76 -33.20
CA GLU D 762 31.30 25.11 -32.73
C GLU D 762 31.90 25.99 -33.80
N ARG D 763 32.11 25.37 -34.96
CA ARG D 763 32.87 25.91 -36.10
C ARG D 763 34.16 26.47 -35.59
N ARG D 764 34.27 27.70 -35.36
N MET E 1 29.35 -0.24 3.25
CA MET E 1 28.76 -0.50 4.59
C MET E 1 27.41 0.22 4.89
N PRO E 2 27.09 1.32 4.14
CA PRO E 2 25.78 1.96 4.35
C PRO E 2 24.91 1.21 3.35
N ARG E 3 23.65 1.60 3.23
CA ARG E 3 22.75 1.02 2.23
C ARG E 3 22.12 2.20 1.55
N TYR E 4 22.67 2.56 0.41
CA TYR E 4 22.19 3.69 -0.32
C TYR E 4 20.84 3.65 -0.86
N ALA E 5 20.05 4.66 -0.56
CA ALA E 5 18.72 4.67 -1.12
C ALA E 5 18.15 6.02 -1.43
N MET E 6 17.12 5.93 -2.23
CA MET E 6 16.44 7.06 -2.76
C MET E 6 14.98 6.90 -2.39
N ALA E 7 14.34 7.99 -2.00
CA ALA E 7 12.94 7.87 -1.71
C ALA E 7 12.31 8.98 -2.48
N ILE E 8 11.14 8.70 -3.02
CA ILE E 8 10.44 9.70 -3.76
C ILE E 8 9.07 9.80 -3.19
N ASP E 9 8.80 10.97 -2.68
CA ASP E 9 7.52 11.22 -2.10
C ASP E 9 6.58 11.57 -3.23
N LEU E 10 5.76 10.62 -3.66
CA LEU E 10 4.85 10.84 -4.76
C LEU E 10 3.72 11.80 -4.44
N SER E 11 3.54 12.12 -3.16
CA SER E 11 2.48 13.03 -2.84
C SER E 11 2.95 14.43 -3.25
N LEU E 12 4.26 14.59 -3.43
CA LEU E 12 4.81 15.87 -3.82
C LEU E 12 5.30 15.90 -5.26
N CYS E 13 5.59 14.74 -5.82
CA CYS E 13 6.05 14.70 -7.18
C CYS E 13 4.95 15.23 -8.06
N VAL E 14 5.33 16.16 -8.93
CA VAL E 14 4.42 16.76 -9.88
C VAL E 14 4.87 16.30 -11.23
N GLY E 15 5.91 15.49 -11.28
CA GLY E 15 6.34 14.97 -12.56
C GLY E 15 6.77 15.97 -13.62
N CYS E 16 7.31 17.09 -13.17
CA CYS E 16 7.89 18.16 -14.01
C CYS E 16 9.09 17.32 -14.40
N ALA E 17 9.78 17.36 -15.51
CA ALA E 17 10.82 16.33 -15.42
C ALA E 17 12.19 16.83 -15.08
N ALA E 18 12.30 17.59 -14.00
CA ALA E 18 13.58 18.22 -13.67
C ALA E 18 14.74 17.34 -13.35
N CYS E 19 14.44 16.31 -12.59
CA CYS E 19 15.39 15.32 -12.16
C CYS E 19 15.84 14.62 -13.42
N ALA E 20 14.87 14.23 -14.23
CA ALA E 20 15.17 13.55 -15.47
C ALA E 20 16.09 14.39 -16.33
N VAL E 21 15.84 15.68 -16.43
CA VAL E 21 16.69 16.51 -17.28
C VAL E 21 18.02 16.77 -16.59
N ALA E 22 18.00 16.95 -15.28
CA ALA E 22 19.25 17.19 -14.56
C ALA E 22 20.20 15.99 -14.76
N CYS E 23 19.64 14.78 -14.71
CA CYS E 23 20.36 13.54 -14.95
C CYS E 23 21.04 13.58 -16.35
N LYS E 24 20.24 13.77 -17.39
CA LYS E 24 20.72 13.84 -18.77
C LYS E 24 21.86 14.83 -19.01
N MET E 25 21.87 15.89 -18.21
CA MET E 25 22.87 16.91 -18.42
C MET E 25 24.16 16.51 -17.78
N GLU E 26 24.00 16.06 -16.55
CA GLU E 26 25.08 15.63 -15.68
C GLU E 26 25.85 14.44 -16.18
N ASN E 27 25.12 13.39 -16.49
CA ASN E 27 25.72 12.16 -16.91
C ASN E 27 25.81 12.09 -18.39
N GLU E 28 25.52 13.23 -18.99
CA GLU E 28 25.56 13.35 -20.42
C GLU E 28 25.01 12.07 -20.99
N VAL E 29 23.82 11.71 -20.56
CA VAL E 29 23.19 10.51 -21.05
C VAL E 29 22.82 10.93 -22.47
N PRO E 30 23.19 10.11 -23.44
CA PRO E 30 22.98 10.25 -24.89
C PRO E 30 21.52 10.26 -25.30
N PRO E 31 21.22 10.83 -26.47
CA PRO E 31 19.84 10.87 -26.96
C PRO E 31 19.26 9.48 -27.11
N GLY E 32 17.98 9.34 -26.76
CA GLY E 32 17.31 8.07 -26.96
C GLY E 32 17.32 7.15 -25.79
N VAL E 33 18.14 7.46 -24.80
CA VAL E 33 18.17 6.60 -23.64
C VAL E 33 18.13 7.45 -22.40
N PHE E 34 17.62 6.84 -21.35
CA PHE E 34 17.36 7.57 -20.14
C PHE E 34 17.75 6.84 -18.89
N ASN E 35 18.44 7.52 -17.99
CA ASN E 35 18.72 6.86 -16.73
C ASN E 35 17.46 7.01 -15.87
N LEU E 36 16.73 8.07 -16.15
CA LEU E 36 15.56 8.42 -15.39
C LEU E 36 14.51 8.95 -16.31
N TRP E 37 13.27 8.56 -16.05
CA TRP E 37 12.15 9.03 -16.83
C TRP E 37 10.97 9.13 -15.87
N ILE E 38 9.93 9.82 -16.29
CA ILE E 38 8.76 9.99 -15.43
C ILE E 38 7.61 9.23 -16.07
N ARG E 39 6.76 8.64 -15.25
CA ARG E 39 5.63 7.92 -15.74
C ARG E 39 4.49 8.62 -15.08
N GLU E 40 3.45 8.93 -15.83
CA GLU E 40 2.33 9.64 -15.28
C GLU E 40 1.13 8.84 -15.66
N ARG E 41 0.30 8.51 -14.68
CA ARG E 41 -0.84 7.71 -14.97
C ARG E 41 -2.04 8.20 -14.19
N GLU E 42 -3.21 8.23 -14.83
CA GLU E 42 -4.42 8.64 -14.15
C GLU E 42 -5.17 7.37 -13.74
N VAL E 43 -5.87 7.44 -12.61
CA VAL E 43 -6.65 6.32 -12.08
C VAL E 43 -7.88 7.11 -11.98
N GLY E 44 -8.88 6.62 -12.68
CA GLY E 44 -9.94 7.52 -12.89
C GLY E 44 -11.33 7.64 -12.42
N GLU E 45 -12.00 8.59 -13.07
CA GLU E 45 -13.39 8.93 -12.83
C GLU E 45 -13.53 10.03 -11.82
N TYR E 46 -14.02 11.14 -12.33
CA TYR E 46 -14.22 12.40 -11.62
C TYR E 46 -14.08 12.64 -10.14
N PRO E 47 -15.10 12.30 -9.32
CA PRO E 47 -15.01 12.54 -7.88
C PRO E 47 -13.83 11.85 -7.28
N ASN E 48 -13.31 10.94 -8.08
CA ASN E 48 -12.24 10.10 -7.64
C ASN E 48 -11.11 9.95 -8.63
N LEU E 49 -10.64 11.06 -9.15
CA LEU E 49 -9.54 11.06 -10.11
C LEU E 49 -8.27 11.10 -9.30
N VAL E 50 -7.29 10.32 -9.70
CA VAL E 50 -5.97 10.30 -9.05
C VAL E 50 -4.90 10.25 -10.14
N VAL E 51 -3.88 11.08 -10.05
CA VAL E 51 -2.79 11.05 -11.03
C VAL E 51 -1.53 10.78 -10.25
N GLU E 52 -0.82 9.79 -10.73
CA GLU E 52 0.40 9.37 -10.11
C GLU E 52 1.52 9.80 -11.01
N PHE E 53 2.42 10.59 -10.46
CA PHE E 53 3.59 11.04 -11.18
C PHE E 53 4.63 10.21 -10.54
N ARG E 54 5.30 9.45 -11.35
CA ARG E 54 6.26 8.54 -10.83
C ARG E 54 7.56 8.53 -11.60
N PRO E 55 8.62 8.99 -10.95
CA PRO E 55 9.89 8.98 -11.67
C PRO E 55 10.44 7.57 -11.54
N GLU E 56 10.96 7.04 -12.63
CA GLU E 56 11.50 5.70 -12.57
C GLU E 56 12.95 5.73 -12.97
N GLN E 57 13.71 4.83 -12.41
CA GLN E 57 15.14 4.75 -12.71
C GLN E 57 15.61 3.51 -12.00
N CYS E 58 16.90 3.24 -12.09
CA CYS E 58 17.47 2.10 -11.41
C CYS E 58 17.17 2.28 -9.94
N LEU E 59 16.65 1.21 -9.36
CA LEU E 59 16.25 1.22 -7.97
C LEU E 59 17.40 0.68 -7.16
N HIS E 60 18.47 0.33 -7.87
CA HIS E 60 19.64 -0.19 -7.20
C HIS E 60 19.16 -1.17 -6.17
N CYS E 61 18.46 -2.18 -6.71
CA CYS E 61 17.86 -3.25 -5.95
C CYS E 61 18.84 -3.87 -5.02
N GLU E 62 18.37 -4.33 -3.88
CA GLU E 62 19.33 -4.88 -2.98
C GLU E 62 19.67 -6.29 -3.35
N ASN E 63 18.86 -6.85 -4.22
CA ASN E 63 19.06 -8.21 -4.60
C ASN E 63 18.80 -8.13 -6.08
N PRO E 64 19.69 -7.42 -6.79
CA PRO E 64 19.59 -7.19 -8.23
C PRO E 64 19.69 -8.30 -9.20
N PRO E 65 18.59 -8.54 -9.90
CA PRO E 65 18.71 -9.63 -10.83
C PRO E 65 19.70 -9.41 -11.98
N CYS E 66 20.11 -8.15 -12.20
CA CYS E 66 20.99 -7.82 -13.32
C CYS E 66 22.47 -8.10 -13.14
N VAL E 67 22.84 -8.32 -11.89
CA VAL E 67 24.22 -8.62 -11.52
C VAL E 67 24.55 -10.09 -11.82
N PRO E 68 23.87 -11.07 -11.17
CA PRO E 68 24.09 -12.52 -11.36
C PRO E 68 24.10 -13.04 -12.77
N VAL E 69 23.44 -12.29 -13.60
CA VAL E 69 23.18 -12.64 -14.96
C VAL E 69 24.33 -12.28 -15.91
N CYS E 70 25.16 -11.37 -15.42
CA CYS E 70 26.29 -10.85 -16.16
C CYS E 70 27.39 -11.89 -16.27
N PRO E 71 27.87 -12.16 -17.48
CA PRO E 71 28.93 -13.17 -17.62
C PRO E 71 30.31 -12.62 -17.35
N THR E 72 30.43 -11.36 -17.66
CA THR E 72 31.66 -10.66 -17.55
C THR E 72 32.04 -10.22 -16.15
N GLY E 73 31.05 -9.80 -15.37
CA GLY E 73 31.30 -9.32 -14.04
C GLY E 73 31.30 -7.80 -14.05
N ALA E 74 30.92 -7.22 -15.18
CA ALA E 74 30.88 -5.77 -15.32
C ALA E 74 29.75 -5.17 -14.52
N SER E 75 28.74 -6.01 -14.25
CA SER E 75 27.56 -5.64 -13.51
C SER E 75 27.89 -6.10 -12.12
N TYR E 76 28.14 -5.16 -11.23
CA TYR E 76 28.51 -5.57 -9.90
C TYR E 76 27.72 -4.76 -8.92
N GLN E 77 27.59 -5.30 -7.72
CA GLN E 77 26.85 -4.62 -6.72
C GLN E 77 27.90 -4.23 -5.73
N THR E 78 27.86 -2.96 -5.38
CA THR E 78 28.82 -2.37 -4.51
C THR E 78 28.61 -2.63 -3.04
N LYS E 79 29.61 -2.35 -2.22
CA LYS E 79 29.44 -2.62 -0.81
C LYS E 79 28.36 -1.80 -0.10
N ASP E 80 27.96 -0.69 -0.70
CA ASP E 80 26.92 0.15 -0.10
C ASP E 80 25.63 0.05 -0.84
N GLY E 81 25.59 -0.82 -1.83
CA GLY E 81 24.35 -1.01 -2.52
C GLY E 81 24.06 -0.28 -3.79
N LEU E 82 25.10 -0.03 -4.57
CA LEU E 82 24.89 0.62 -5.84
C LEU E 82 25.11 -0.48 -6.83
N VAL E 83 24.31 -0.51 -7.86
CA VAL E 83 24.55 -1.49 -8.88
C VAL E 83 25.17 -0.58 -9.91
N LEU E 84 26.34 -0.96 -10.37
CA LEU E 84 27.08 -0.18 -11.35
C LEU E 84 27.55 -1.08 -12.46
N VAL E 85 28.03 -0.47 -13.52
CA VAL E 85 28.58 -1.24 -14.61
C VAL E 85 29.96 -0.73 -14.81
N ASP E 86 30.88 -1.65 -14.96
CA ASP E 86 32.25 -1.31 -15.24
C ASP E 86 32.23 -1.59 -16.74
N PRO E 87 32.33 -0.54 -17.54
CA PRO E 87 32.28 -0.76 -18.99
C PRO E 87 33.46 -1.43 -19.62
N LYS E 88 34.47 -1.63 -18.80
CA LYS E 88 35.67 -2.26 -19.28
C LYS E 88 35.48 -3.71 -19.51
N LYS E 89 34.60 -4.29 -18.70
CA LYS E 89 34.35 -5.71 -18.86
C LYS E 89 33.05 -5.95 -19.60
N CYS E 90 32.29 -4.90 -19.85
CA CYS E 90 31.01 -5.12 -20.50
C CYS E 90 31.10 -5.55 -21.94
N ILE E 91 30.47 -6.68 -22.24
CA ILE E 91 30.47 -7.19 -23.59
C ILE E 91 29.16 -6.86 -24.30
N ALA E 92 28.41 -5.93 -23.71
CA ALA E 92 27.13 -5.48 -24.25
C ALA E 92 26.29 -6.63 -24.78
N CYS E 93 26.07 -7.65 -23.92
CA CYS E 93 25.27 -8.83 -24.28
C CYS E 93 23.80 -8.64 -23.92
N GLY E 94 23.51 -7.65 -23.08
CA GLY E 94 22.14 -7.40 -22.69
C GLY E 94 21.54 -8.33 -21.64
N ALA E 95 22.31 -9.25 -21.08
CA ALA E 95 21.67 -10.16 -20.12
C ALA E 95 21.06 -9.45 -18.96
N CYS E 96 21.71 -8.36 -18.57
CA CYS E 96 21.25 -7.56 -17.47
C CYS E 96 19.99 -6.79 -17.83
N ILE E 97 19.90 -6.36 -19.08
CA ILE E 97 18.72 -5.65 -19.52
C ILE E 97 17.58 -6.66 -19.46
N ALA E 98 17.85 -7.89 -19.91
CA ALA E 98 16.83 -8.92 -19.86
C ALA E 98 16.39 -9.21 -18.41
N ALA E 99 17.35 -9.20 -17.49
CA ALA E 99 17.03 -9.50 -16.10
C ALA E 99 16.55 -8.30 -15.28
N CYS E 100 16.71 -7.09 -15.81
CA CYS E 100 16.24 -5.91 -15.07
C CYS E 100 14.73 -5.87 -15.29
N PRO E 101 13.96 -5.82 -14.19
CA PRO E 101 12.49 -5.80 -14.27
C PRO E 101 11.88 -4.44 -14.48
N TYR E 102 12.74 -3.45 -14.52
CA TYR E 102 12.33 -2.08 -14.51
C TYR E 102 12.64 -1.18 -15.66
N ASP E 103 13.30 -1.76 -16.67
CA ASP E 103 13.71 -1.04 -17.86
C ASP E 103 14.66 0.08 -17.57
N ALA E 104 15.47 -0.11 -16.54
CA ALA E 104 16.39 0.93 -16.11
C ALA E 104 17.70 0.98 -16.87
N ARG E 105 17.93 -0.09 -17.61
CA ARG E 105 19.16 -0.30 -18.35
C ARG E 105 19.16 -0.08 -19.82
N TYR E 106 20.24 0.48 -20.34
CA TYR E 106 20.32 0.64 -21.78
C TYR E 106 21.72 0.43 -22.27
N LEU E 107 21.78 0.21 -23.56
CA LEU E 107 23.01 0.03 -24.26
C LEU E 107 23.47 1.42 -24.62
N HIS E 108 24.62 1.79 -24.11
CA HIS E 108 25.15 3.09 -24.42
C HIS E 108 25.69 3.01 -25.83
N PRO E 109 25.56 4.09 -26.63
CA PRO E 109 26.07 4.07 -28.01
C PRO E 109 27.57 3.88 -28.09
N ALA E 110 28.21 3.87 -26.92
CA ALA E 110 29.64 3.65 -26.91
C ALA E 110 29.91 2.17 -26.64
N GLY E 111 28.89 1.35 -26.84
CA GLY E 111 29.05 -0.09 -26.71
C GLY E 111 29.08 -0.81 -25.39
N TYR E 112 28.41 -0.26 -24.40
CA TYR E 112 28.33 -0.89 -23.10
C TYR E 112 27.02 -0.46 -22.49
N VAL E 113 26.58 -1.25 -21.52
CA VAL E 113 25.32 -1.02 -20.88
C VAL E 113 25.44 0.05 -19.83
N SER E 114 24.43 0.88 -19.77
CA SER E 114 24.47 1.93 -18.81
C SER E 114 23.13 2.09 -18.16
N LYS E 115 23.09 2.92 -17.14
CA LYS E 115 21.87 3.07 -16.41
C LYS E 115 22.28 4.04 -15.36
N CYS E 116 21.29 4.48 -14.61
CA CYS E 116 21.49 5.37 -13.50
C CYS E 116 22.54 4.72 -12.64
N THR E 117 23.26 5.59 -11.99
CA THR E 117 24.47 5.23 -11.30
C THR E 117 24.50 5.68 -9.88
N PHE E 118 23.35 6.17 -9.43
CA PHE E 118 23.21 6.81 -8.14
C PHE E 118 24.19 7.94 -8.06
N CYS E 119 24.58 8.46 -9.22
CA CYS E 119 25.55 9.54 -9.30
C CYS E 119 26.75 9.15 -8.47
N ALA E 120 27.28 7.96 -8.76
CA ALA E 120 28.43 7.47 -8.04
C ALA E 120 29.51 8.54 -7.99
N HIS E 121 29.75 9.17 -9.13
CA HIS E 121 30.78 10.20 -9.23
C HIS E 121 30.60 11.33 -8.24
N ARG E 122 29.37 11.55 -7.80
CA ARG E 122 29.12 12.63 -6.87
C ARG E 122 29.13 12.12 -5.48
N LEU E 123 28.71 10.88 -5.33
CA LEU E 123 28.63 10.31 -4.02
C LEU E 123 29.99 10.23 -3.42
N GLU E 124 30.99 9.95 -4.24
CA GLU E 124 32.32 9.87 -3.69
C GLU E 124 32.84 11.25 -3.33
N LYS E 125 32.51 12.27 -4.11
CA LYS E 125 32.99 13.58 -3.71
C LYS E 125 32.10 14.13 -2.61
N GLY E 126 31.21 13.29 -2.08
CA GLY E 126 30.37 13.72 -0.98
C GLY E 126 29.20 14.58 -1.36
N LYS E 127 28.70 14.41 -2.56
CA LYS E 127 27.55 15.18 -2.98
C LYS E 127 26.35 14.30 -3.19
N VAL E 128 25.20 14.94 -3.28
CA VAL E 128 23.98 14.20 -3.49
C VAL E 128 23.79 14.17 -4.99
N PRO E 129 23.10 13.14 -5.46
CA PRO E 129 22.82 12.99 -6.88
C PRO E 129 22.22 14.27 -7.46
N ALA E 130 22.39 14.40 -8.76
CA ALA E 130 21.94 15.55 -9.51
C ALA E 130 20.42 15.70 -9.54
N CYS E 131 19.72 14.58 -9.57
CA CYS E 131 18.27 14.60 -9.61
C CYS E 131 17.70 15.02 -8.27
N VAL E 132 18.40 14.61 -7.22
CA VAL E 132 18.03 14.91 -5.85
C VAL E 132 18.31 16.38 -5.61
N GLU E 133 19.38 16.84 -6.22
CA GLU E 133 19.77 18.22 -6.07
C GLU E 133 18.82 19.22 -6.71
N THR E 134 18.44 18.94 -7.95
CA THR E 134 17.59 19.84 -8.68
C THR E 134 16.14 19.87 -8.28
N CYS E 135 15.68 18.80 -7.62
CA CYS E 135 14.26 18.69 -7.32
C CYS E 135 13.61 19.85 -6.65
N PRO E 136 12.77 20.53 -7.40
CA PRO E 136 12.04 21.70 -6.97
C PRO E 136 11.06 21.34 -5.89
N THR E 137 10.43 20.18 -6.00
CA THR E 137 9.44 19.87 -5.00
C THR E 137 9.95 19.22 -3.75
N TYR E 138 11.27 19.03 -3.64
CA TYR E 138 11.83 18.45 -2.42
C TYR E 138 11.25 17.09 -2.14
N CYS E 139 10.81 16.43 -3.20
CA CYS E 139 10.22 15.16 -2.96
C CYS E 139 11.21 14.02 -2.99
N ARG E 140 12.38 14.21 -3.58
CA ARG E 140 13.27 13.08 -3.51
C ARG E 140 14.37 13.29 -2.50
N THR E 141 14.62 12.22 -1.76
CA THR E 141 15.64 12.20 -0.74
C THR E 141 16.55 11.05 -0.98
N PHE E 142 17.70 11.15 -0.38
CA PHE E 142 18.71 10.17 -0.59
C PHE E 142 19.56 9.99 0.63
N GLY E 143 20.28 8.89 0.66
CA GLY E 143 21.14 8.67 1.78
C GLY E 143 21.31 7.21 2.08
N ASP E 144 21.93 6.99 3.22
CA ASP E 144 22.17 5.67 3.68
C ASP E 144 21.00 5.30 4.56
N LEU E 145 20.33 4.24 4.14
CA LEU E 145 19.18 3.68 4.82
C LEU E 145 19.44 3.44 6.30
N GLU E 146 20.65 2.98 6.62
CA GLU E 146 21.04 2.66 7.99
C GLU E 146 21.40 3.84 8.87
N ASP E 147 21.62 4.98 8.25
CA ASP E 147 21.90 6.14 9.05
C ASP E 147 20.52 6.79 9.16
N PRO E 148 19.98 6.85 10.37
CA PRO E 148 18.67 7.44 10.66
C PRO E 148 18.60 8.95 10.58
N GLU E 149 19.71 9.59 10.22
CA GLU E 149 19.73 11.03 10.06
C GLU E 149 19.64 11.33 8.58
N SER E 150 19.78 10.26 7.81
CA SER E 150 19.69 10.29 6.37
C SER E 150 18.42 10.90 5.90
N PRO E 151 18.49 11.63 4.80
CA PRO E 151 17.20 12.16 4.37
C PRO E 151 16.34 10.97 3.91
N VAL E 152 16.89 9.86 3.37
CA VAL E 152 15.95 8.76 2.99
C VAL E 152 15.30 8.17 4.21
N ALA E 153 16.12 7.95 5.22
CA ALA E 153 15.70 7.33 6.45
C ALA E 153 14.62 8.07 7.18
N LYS E 154 14.73 9.38 7.19
CA LYS E 154 13.78 10.21 7.86
C LYS E 154 12.47 10.27 7.11
N ALA E 155 12.59 10.20 5.79
CA ALA E 155 11.43 10.29 4.94
C ALA E 155 10.69 8.97 4.99
N LEU E 156 11.44 7.89 4.94
CA LEU E 156 10.81 6.60 5.06
C LEU E 156 10.05 6.66 6.38
N LYS E 157 10.70 7.10 7.44
CA LYS E 157 9.99 7.15 8.71
C LYS E 157 8.78 8.01 8.69
N ALA E 158 8.81 9.11 7.96
CA ALA E 158 7.67 10.02 7.95
C ALA E 158 6.58 9.62 6.99
N ALA E 159 6.89 8.72 6.07
CA ALA E 159 5.91 8.32 5.10
C ALA E 159 4.69 7.68 5.71
N GLU E 160 3.58 7.94 5.06
CA GLU E 160 2.32 7.38 5.48
C GLU E 160 2.33 5.98 4.88
N ARG E 161 2.97 5.83 3.74
CA ARG E 161 3.02 4.53 3.09
C ARG E 161 4.27 4.44 2.24
N VAL E 162 4.77 3.23 2.08
CA VAL E 162 5.99 3.03 1.32
C VAL E 162 5.76 1.93 0.33
N ASP E 163 6.15 2.16 -0.91
CA ASP E 163 5.93 1.17 -1.93
C ASP E 163 7.15 1.04 -2.78
N VAL E 164 7.10 0.03 -3.60
CA VAL E 164 8.23 -0.27 -4.40
C VAL E 164 7.65 -0.93 -5.63
N LEU E 165 8.35 -0.80 -6.74
CA LEU E 165 7.87 -1.37 -7.98
C LEU E 165 8.15 -2.85 -8.02
N ARG E 166 7.19 -3.64 -8.52
CA ARG E 166 7.31 -5.11 -8.62
C ARG E 166 7.93 -5.73 -7.40
N PRO E 167 7.33 -5.51 -6.24
CA PRO E 167 7.98 -6.12 -5.10
C PRO E 167 7.97 -7.61 -5.22
N GLU E 168 6.96 -8.14 -5.87
CA GLU E 168 6.88 -9.57 -5.98
C GLU E 168 8.11 -10.15 -6.63
N GLN E 169 8.94 -9.31 -7.24
CA GLN E 169 10.15 -9.83 -7.84
C GLN E 169 11.19 -10.01 -6.79
N GLY E 170 12.28 -10.61 -7.14
CA GLY E 170 13.15 -10.81 -6.03
C GLY E 170 13.85 -9.63 -5.44
N THR E 171 13.76 -8.50 -6.12
CA THR E 171 14.72 -7.49 -5.87
C THR E 171 15.09 -6.56 -4.75
N ARG E 172 14.13 -6.21 -3.94
CA ARG E 172 14.38 -5.31 -2.86
C ARG E 172 14.88 -3.98 -3.35
N PRO E 173 14.03 -3.33 -4.14
CA PRO E 173 14.32 -2.04 -4.70
C PRO E 173 14.68 -1.12 -3.58
N LYS E 174 15.73 -0.35 -3.82
CA LYS E 174 16.18 0.62 -2.86
C LYS E 174 15.84 2.03 -3.27
N LEU E 175 14.72 2.15 -3.98
CA LEU E 175 14.19 3.42 -4.39
C LEU E 175 12.77 3.16 -3.92
N PHE E 176 12.37 3.98 -2.98
CA PHE E 176 11.11 3.88 -2.33
C PHE E 176 10.19 4.97 -2.68
N TYR E 177 9.00 4.59 -3.07
CA TYR E 177 8.05 5.59 -3.42
C TYR E 177 7.31 5.86 -2.18
N LEU E 178 7.33 7.09 -1.76
CA LEU E 178 6.61 7.26 -0.57
C LEU E 178 5.13 7.37 -0.80
N ASN E 179 4.55 8.45 -0.34
CA ASN E 179 3.12 8.52 -0.35
C ASN E 179 2.30 8.41 -1.57
N ALA E 180 2.25 7.19 -2.11
CA ALA E 180 1.50 6.88 -3.31
C ALA E 180 0.14 7.49 -3.26
N PRO E 181 -0.22 8.19 -4.32
CA PRO E 181 -1.52 8.84 -4.42
C PRO E 181 -2.74 7.94 -4.52
N SER E 182 -2.65 6.81 -5.18
CA SER E 182 -3.83 5.98 -5.21
C SER E 182 -3.81 5.05 -4.02
N LYS E 183 -4.97 4.88 -3.40
CA LYS E 183 -5.17 4.02 -2.24
C LYS E 183 -4.77 2.59 -2.45
N LYS E 184 -4.76 2.17 -3.70
CA LYS E 184 -4.40 0.81 -3.96
C LYS E 184 -2.93 0.73 -4.17
N GLY E 185 -2.24 1.84 -4.04
CA GLY E 185 -0.82 1.77 -4.21
C GLY E 185 -0.39 2.19 -5.58
N LEU E 186 0.85 1.84 -5.89
CA LEU E 186 1.43 2.18 -7.16
C LEU E 186 0.65 1.53 -8.24
N THR E 187 0.41 2.39 -9.19
CA THR E 187 -0.30 2.19 -10.38
C THR E 187 0.36 1.10 -11.22
N ARG E 188 -0.45 0.25 -11.84
CA ARG E 188 0.10 -0.82 -12.67
C ARG E 188 -0.71 -0.76 -13.94
N GLU E 189 -0.11 -1.20 -15.02
CA GLU E 189 -0.83 -1.20 -16.25
C GLU E 189 -1.90 -2.28 -16.25
N SER E 190 -1.70 -3.38 -15.54
CA SER E 190 -2.72 -4.43 -15.54
C SER E 190 -3.96 -3.96 -14.84
N GLU E 191 -3.79 -3.05 -13.89
CA GLU E 191 -4.93 -2.52 -13.19
C GLU E 191 -5.72 -1.58 -14.10
N VAL E 192 -5.17 -1.22 -15.26
CA VAL E 192 -5.95 -0.40 -16.20
C VAL E 192 -6.64 -1.45 -17.07
N HIS E 193 -5.84 -2.14 -17.89
CA HIS E 193 -6.30 -3.25 -18.73
C HIS E 193 -5.42 -4.47 -18.43
N HIS E 194 -5.61 -5.06 -17.35
N ALA F 2 1.32 5.47 -18.09
CA ALA F 2 0.74 5.56 -19.44
C ALA F 2 1.31 6.75 -20.23
N GLU F 3 1.66 7.86 -19.59
CA GLU F 3 2.32 8.93 -20.36
C GLU F 3 3.70 9.07 -19.72
N PHE F 4 4.71 9.43 -20.51
CA PHE F 4 6.05 9.55 -19.97
C PHE F 4 6.71 10.85 -20.31
N TYR F 5 7.74 11.20 -19.55
CA TYR F 5 8.60 12.30 -19.94
C TYR F 5 9.82 11.47 -20.00
N GLY F 6 10.37 11.35 -21.20
CA GLY F 6 11.51 10.49 -21.40
C GLY F 6 10.86 9.16 -21.69
N LEU F 7 11.60 8.08 -21.50
CA LEU F 7 10.99 6.80 -21.77
C LEU F 7 11.71 5.73 -21.08
N PRO F 8 10.98 4.70 -20.67
CA PRO F 8 11.66 3.59 -20.02
C PRO F 8 12.41 2.93 -21.14
N ASN F 9 13.54 2.36 -20.79
CA ASN F 9 14.34 1.67 -21.78
C ASN F 9 13.73 0.29 -21.99
N ALA F 10 12.54 0.27 -22.56
CA ALA F 10 11.82 -0.98 -22.78
C ALA F 10 11.93 -1.42 -24.20
N GLN F 11 12.96 -0.92 -24.87
CA GLN F 11 13.23 -1.20 -26.26
C GLN F 11 13.80 -2.61 -26.39
N GLU F 12 13.50 -3.28 -27.50
CA GLU F 12 14.04 -4.60 -27.77
C GLU F 12 15.56 -4.56 -27.48
N PHE F 13 16.11 -5.58 -26.83
CA PHE F 13 17.54 -5.56 -26.52
C PHE F 13 18.31 -6.63 -27.28
N TRP F 14 17.60 -7.67 -27.71
CA TRP F 14 18.22 -8.74 -28.48
C TRP F 14 17.44 -8.73 -29.75
N HIS F 15 18.12 -8.31 -30.79
CA HIS F 15 17.50 -8.15 -32.08
C HIS F 15 17.56 -9.35 -32.93
N TRP F 16 17.01 -9.22 -34.13
CA TRP F 16 16.99 -10.31 -35.07
C TRP F 16 18.36 -11.00 -35.19
N THR F 17 19.45 -10.33 -34.82
CA THR F 17 20.76 -10.95 -34.96
C THR F 17 21.10 -11.86 -33.80
N ASN F 18 20.47 -11.56 -32.68
CA ASN F 18 20.66 -12.33 -31.49
C ASN F 18 19.60 -13.38 -31.41
N ALA F 19 18.77 -13.36 -32.43
CA ALA F 19 17.75 -14.35 -32.50
C ALA F 19 18.40 -15.29 -33.50
N LEU F 20 19.30 -14.76 -34.32
CA LEU F 20 19.93 -15.64 -35.30
C LEU F 20 20.96 -16.48 -34.60
N HIS F 21 21.63 -15.88 -33.63
CA HIS F 21 22.63 -16.60 -32.88
C HIS F 21 21.93 -17.66 -32.06
N PHE F 22 20.74 -17.33 -31.57
CA PHE F 22 20.01 -18.31 -30.80
C PHE F 22 19.79 -19.53 -31.61
N VAL F 23 19.54 -19.35 -32.89
CA VAL F 23 19.28 -20.49 -33.73
C VAL F 23 20.55 -21.28 -33.99
N LEU F 24 21.64 -20.59 -34.25
CA LEU F 24 22.90 -21.26 -34.50
C LEU F 24 23.53 -21.94 -33.31
N VAL F 25 23.31 -21.42 -32.11
CA VAL F 25 23.95 -22.07 -30.98
C VAL F 25 23.12 -23.27 -30.64
N GLY F 26 21.95 -23.35 -31.26
CA GLY F 26 21.09 -24.49 -31.06
C GLY F 26 21.84 -25.55 -31.83
N LEU F 27 22.04 -25.27 -33.11
CA LEU F 27 22.76 -26.14 -34.00
C LEU F 27 24.13 -26.50 -33.43
N ALA F 28 24.94 -25.49 -33.17
CA ALA F 28 26.28 -25.70 -32.62
C ALA F 28 26.33 -26.64 -31.44
N GLY F 29 25.36 -26.49 -30.54
CA GLY F 29 25.37 -27.34 -29.37
C GLY F 29 24.81 -28.72 -29.67
N GLY F 30 23.82 -28.75 -30.56
CA GLY F 30 23.15 -29.98 -30.91
C GLY F 30 24.03 -30.91 -31.68
N VAL F 31 24.77 -30.33 -32.61
CA VAL F 31 25.69 -31.08 -33.43
C VAL F 31 26.86 -31.48 -32.56
N ALA F 32 27.33 -30.58 -31.71
CA ALA F 32 28.41 -30.98 -30.84
C ALA F 32 27.92 -32.19 -30.03
N LEU F 33 26.62 -32.30 -29.77
CA LEU F 33 26.20 -33.47 -29.00
C LEU F 33 26.26 -34.69 -29.91
N LEU F 34 25.78 -34.54 -31.14
CA LEU F 34 25.83 -35.63 -32.11
C LEU F 34 27.26 -36.14 -32.21
N ALA F 35 28.18 -35.24 -32.48
CA ALA F 35 29.62 -35.53 -32.55
C ALA F 35 30.16 -36.36 -31.39
N ALA F 36 29.96 -35.88 -30.16
CA ALA F 36 30.48 -36.63 -29.01
C ALA F 36 29.77 -37.96 -28.94
N LEU F 37 28.45 -37.97 -29.06
CA LEU F 37 27.81 -39.26 -29.02
C LEU F 37 28.37 -40.15 -30.14
N LEU F 38 28.56 -39.60 -31.34
CA LEU F 38 29.09 -40.42 -32.45
C LEU F 38 30.47 -40.90 -32.15
N HIS F 39 31.19 -40.09 -31.37
CA HIS F 39 32.50 -40.50 -30.94
C HIS F 39 32.27 -41.69 -30.05
N LEU F 40 31.89 -41.38 -28.81
CA LEU F 40 31.57 -42.34 -27.77
C LEU F 40 31.06 -43.69 -28.30
N LYS F 41 30.27 -43.61 -29.35
CA LYS F 41 29.66 -44.78 -29.99
C LYS F 41 30.61 -45.47 -30.96
N GLY F 42 31.72 -44.81 -31.25
CA GLY F 42 32.74 -45.36 -32.13
C GLY F 42 32.50 -45.11 -33.59
N ASP F 43 31.33 -44.62 -33.90
CA ASP F 43 30.94 -44.37 -35.25
C ASP F 43 31.92 -43.66 -36.17
N ALA F 44 32.00 -44.24 -37.35
CA ALA F 44 32.82 -43.77 -38.45
C ALA F 44 32.60 -42.29 -38.72
N GLU F 45 31.39 -41.81 -38.47
CA GLU F 45 31.04 -40.42 -38.75
C GLU F 45 31.44 -39.40 -37.71
N ALA F 46 31.94 -39.89 -36.60
CA ALA F 46 32.33 -39.07 -35.47
C ALA F 46 33.24 -37.89 -35.77
N ARG F 47 33.84 -37.93 -36.94
CA ARG F 47 34.83 -36.94 -37.33
C ARG F 47 34.23 -35.87 -38.21
N ARG F 48 33.42 -36.37 -39.11
CA ARG F 48 32.68 -35.56 -40.03
C ARG F 48 31.89 -34.60 -39.16
N TYR F 49 31.11 -35.15 -38.23
CA TYR F 49 30.31 -34.32 -37.34
C TYR F 49 31.12 -33.54 -36.33
N THR F 50 32.33 -33.96 -36.01
CA THR F 50 33.11 -33.15 -35.06
C THR F 50 33.61 -31.93 -35.81
N LEU F 51 33.98 -32.09 -37.07
CA LEU F 51 34.31 -30.90 -37.82
C LEU F 51 33.01 -30.62 -38.55
N TYR F 52 32.21 -29.76 -37.93
CA TYR F 52 30.95 -29.21 -38.41
C TYR F 52 30.65 -28.44 -37.17
N ALA F 53 30.58 -29.21 -36.10
CA ALA F 53 30.31 -28.66 -34.80
C ALA F 53 31.33 -27.60 -34.51
N LEU F 54 32.53 -27.76 -35.05
CA LEU F 54 33.58 -26.77 -34.80
C LEU F 54 33.34 -25.55 -35.64
N MET F 55 32.70 -25.75 -36.78
CA MET F 55 32.39 -24.64 -37.66
C MET F 55 31.16 -23.94 -37.11
N LEU F 56 30.15 -24.73 -36.78
CA LEU F 56 28.90 -24.18 -36.25
C LEU F 56 29.21 -23.42 -34.98
N ILE F 57 30.05 -24.01 -34.16
CA ILE F 57 30.41 -23.36 -32.92
C ILE F 57 31.12 -22.06 -33.26
N ALA F 58 32.11 -22.14 -34.14
CA ALA F 58 32.86 -20.96 -34.53
C ALA F 58 32.01 -19.92 -35.25
N LEU F 59 31.06 -20.37 -36.06
CA LEU F 59 30.24 -19.42 -36.78
C LEU F 59 29.44 -18.62 -35.77
N ASP F 60 28.92 -19.34 -34.79
CA ASP F 60 28.14 -18.73 -33.75
C ASP F 60 28.98 -17.75 -32.96
N LEU F 61 30.16 -18.18 -32.54
CA LEU F 61 31.01 -17.32 -31.74
C LEU F 61 31.45 -16.10 -32.50
N PHE F 62 31.33 -16.17 -33.82
CA PHE F 62 31.71 -15.02 -34.59
C PHE F 62 30.47 -14.13 -34.61
N ILE F 63 29.33 -14.74 -34.92
CA ILE F 63 28.08 -14.01 -34.94
C ILE F 63 27.84 -13.37 -33.57
N LEU F 64 28.33 -14.03 -32.51
CA LEU F 64 28.21 -13.53 -31.14
C LEU F 64 29.05 -12.28 -30.92
N TRP F 65 30.16 -12.20 -31.62
CA TRP F 65 31.01 -11.04 -31.42
C TRP F 65 30.62 -9.99 -32.45
N ALA F 66 30.26 -10.48 -33.62
CA ALA F 66 29.87 -9.63 -34.72
C ALA F 66 28.70 -8.77 -34.35
N GLU F 67 27.72 -9.39 -33.71
CA GLU F 67 26.52 -8.65 -33.36
C GLU F 67 26.63 -7.85 -32.06
N SER F 68 27.73 -8.01 -31.36
CA SER F 68 27.91 -7.30 -30.11
C SER F 68 28.42 -5.90 -30.31
N PRO F 69 27.71 -4.91 -29.77
CA PRO F 69 28.19 -3.54 -29.95
C PRO F 69 29.52 -3.35 -29.24
N ALA F 70 29.95 -4.37 -28.52
CA ALA F 70 31.17 -4.23 -27.77
C ALA F 70 32.32 -4.88 -28.47
N ARG F 71 32.08 -5.27 -29.71
CA ARG F 71 33.08 -6.00 -30.46
C ARG F 71 34.46 -5.36 -30.59
N PHE F 72 34.51 -4.14 -31.11
CA PHE F 72 35.78 -3.46 -31.32
C PHE F 72 36.27 -2.79 -30.07
N ARG F 73 35.81 -3.27 -28.93
CA ARG F 73 36.26 -2.73 -27.66
C ARG F 73 36.98 -3.86 -26.99
N PHE F 74 36.91 -5.01 -27.65
CA PHE F 74 37.47 -6.29 -27.22
C PHE F 74 37.32 -6.47 -25.74
N THR F 75 36.09 -6.66 -25.32
CA THR F 75 35.90 -6.87 -23.93
C THR F 75 35.55 -8.31 -23.66
N HIS F 76 35.41 -9.12 -24.71
CA HIS F 76 35.04 -10.50 -24.49
C HIS F 76 36.04 -11.34 -23.77
N ILE F 77 37.28 -10.89 -23.74
CA ILE F 77 38.28 -11.66 -23.05
C ILE F 77 37.83 -11.94 -21.61
N TRP F 78 36.98 -11.08 -21.05
CA TRP F 78 36.52 -11.24 -19.68
C TRP F 78 35.53 -12.33 -19.45
N LEU F 79 34.98 -12.77 -20.55
CA LEU F 79 34.02 -13.83 -20.58
C LEU F 79 34.81 -15.04 -20.14
N PHE F 80 36.11 -14.99 -20.37
CA PHE F 80 36.96 -16.12 -20.03
C PHE F 80 37.95 -15.91 -18.93
N LEU F 81 37.79 -14.82 -18.22
CA LEU F 81 38.72 -14.50 -17.16
C LEU F 81 38.01 -14.19 -15.87
N SER F 82 36.80 -14.69 -15.72
CA SER F 82 36.04 -14.44 -14.52
C SER F 82 35.26 -15.69 -14.30
N PHE F 83 34.85 -15.92 -13.06
CA PHE F 83 34.06 -17.07 -12.76
C PHE F 83 32.67 -16.54 -12.49
N HIS F 84 31.69 -16.95 -13.28
CA HIS F 84 30.33 -16.45 -13.10
C HIS F 84 29.29 -17.47 -13.39
N PRO F 85 29.27 -18.53 -12.58
CA PRO F 85 28.38 -19.70 -12.60
C PRO F 85 26.90 -19.37 -12.58
N THR F 86 26.53 -18.19 -12.10
CA THR F 86 25.13 -17.83 -12.05
C THR F 86 24.62 -17.34 -13.38
N SER F 87 25.53 -17.18 -14.32
CA SER F 87 25.21 -16.58 -15.59
C SER F 87 25.04 -17.48 -16.79
N PRO F 88 23.78 -17.77 -17.19
CA PRO F 88 23.66 -18.64 -18.34
C PRO F 88 24.67 -18.36 -19.45
N ILE F 89 24.79 -17.09 -19.86
CA ILE F 89 25.70 -16.72 -20.95
C ILE F 89 27.16 -17.07 -20.71
N TRP F 90 27.58 -16.95 -19.46
CA TRP F 90 28.94 -17.27 -19.09
C TRP F 90 29.14 -18.75 -19.34
N TRP F 91 28.20 -19.54 -18.87
CA TRP F 91 28.25 -21.00 -19.05
C TRP F 91 28.29 -21.37 -20.52
N GLY F 92 27.80 -20.50 -21.37
CA GLY F 92 27.75 -20.81 -22.79
C GLY F 92 29.00 -20.36 -23.52
N ALA F 93 29.75 -19.49 -22.85
CA ALA F 93 30.98 -18.97 -23.39
C ALA F 93 31.98 -20.08 -23.24
N TRP F 94 31.97 -20.69 -22.07
CA TRP F 94 32.90 -21.75 -21.79
C TRP F 94 32.45 -23.02 -22.40
N GLY F 95 31.15 -23.22 -22.41
CA GLY F 95 30.63 -24.45 -22.95
C GLY F 95 30.93 -24.50 -24.42
N LEU F 96 30.96 -23.35 -25.07
CA LEU F 96 31.24 -23.36 -26.47
C LEU F 96 32.73 -23.20 -26.71
N GLY F 97 33.42 -22.67 -25.69
CA GLY F 97 34.85 -22.46 -25.80
C GLY F 97 35.61 -23.73 -25.51
N LEU F 98 35.32 -24.34 -24.37
CA LEU F 98 35.96 -25.60 -24.03
C LEU F 98 35.40 -26.62 -24.98
N GLY F 99 34.17 -26.41 -25.44
CA GLY F 99 33.58 -27.35 -26.37
C GLY F 99 34.30 -27.29 -27.69
N PHE F 100 34.96 -26.17 -27.94
CA PHE F 100 35.70 -25.99 -29.18
C PHE F 100 37.04 -26.65 -29.09
N LEU F 101 37.81 -26.23 -28.11
CA LEU F 101 39.11 -26.82 -27.88
C LEU F 101 38.90 -28.32 -27.90
N THR F 102 38.10 -28.83 -26.96
CA THR F 102 37.77 -30.25 -26.89
C THR F 102 37.49 -30.86 -28.25
N GLY F 103 36.75 -30.15 -29.10
CA GLY F 103 36.43 -30.67 -30.42
C GLY F 103 37.62 -30.52 -31.35
N GLY F 104 38.58 -29.70 -30.95
CA GLY F 104 39.77 -29.53 -31.76
C GLY F 104 40.65 -30.71 -31.41
N LEU F 105 40.94 -30.87 -30.14
CA LEU F 105 41.78 -31.98 -29.68
C LEU F 105 41.20 -33.32 -30.06
N LEU F 106 39.99 -33.32 -30.58
CA LEU F 106 39.40 -34.57 -30.96
C LEU F 106 39.48 -34.74 -32.43
N TYR F 107 39.53 -33.62 -33.15
CA TYR F 107 39.57 -33.73 -34.59
C TYR F 107 40.99 -33.88 -35.06
N LEU F 108 41.89 -33.34 -34.27
CA LEU F 108 43.31 -33.44 -34.55
C LEU F 108 43.74 -34.69 -33.80
N GLY F 109 42.87 -35.69 -33.78
CA GLY F 109 43.10 -36.97 -33.14
C GLY F 109 44.04 -37.12 -31.97
N LYS F 110 44.63 -36.00 -31.56
CA LYS F 110 45.56 -36.06 -30.48
C LYS F 110 45.09 -35.63 -29.12
N GLY F 111 46.07 -35.39 -28.30
CA GLY F 111 45.93 -35.13 -26.91
C GLY F 111 45.37 -36.38 -26.20
N SER F 112 44.14 -36.69 -26.57
CA SER F 112 43.47 -37.81 -25.96
C SER F 112 42.28 -38.15 -26.81
N GLN F 113 41.79 -39.35 -26.63
CA GLN F 113 40.63 -39.85 -27.35
C GLN F 113 39.51 -40.25 -26.39
N ARG F 114 38.27 -40.24 -26.87
CA ARG F 114 37.10 -40.77 -26.16
C ARG F 114 37.01 -40.81 -24.64
N ALA F 115 37.65 -39.82 -24.04
CA ALA F 115 37.54 -39.57 -22.63
C ALA F 115 37.27 -38.12 -22.92
N LEU F 116 37.71 -37.72 -24.11
CA LEU F 116 37.52 -36.37 -24.57
C LEU F 116 36.15 -36.24 -25.16
N ALA F 117 35.57 -37.36 -25.57
CA ALA F 117 34.23 -37.32 -26.10
C ALA F 117 33.27 -37.16 -24.92
N TRP F 118 33.73 -37.47 -23.72
CA TRP F 118 32.89 -37.31 -22.55
C TRP F 118 32.84 -35.86 -22.18
N ALA F 119 33.98 -35.20 -22.41
CA ALA F 119 34.08 -33.78 -22.14
C ALA F 119 33.29 -33.07 -23.21
N LEU F 120 33.35 -33.56 -24.44
CA LEU F 120 32.60 -32.90 -25.50
C LEU F 120 31.11 -33.05 -25.23
N LEU F 121 30.73 -34.19 -24.64
CA LEU F 121 29.34 -34.44 -24.34
C LEU F 121 28.88 -33.47 -23.26
N VAL F 122 29.71 -33.29 -22.24
CA VAL F 122 29.37 -32.38 -21.19
C VAL F 122 29.27 -30.97 -21.74
N PHE F 123 30.31 -30.49 -22.40
CA PHE F 123 30.26 -29.14 -22.94
C PHE F 123 29.12 -28.95 -23.90
N SER F 124 28.77 -29.98 -24.65
CA SER F 124 27.65 -29.79 -25.54
C SER F 124 26.36 -29.67 -24.71
N LEU F 125 26.25 -30.38 -23.59
CA LEU F 125 25.03 -30.26 -22.80
C LEU F 125 24.97 -28.83 -22.23
N VAL F 126 26.10 -28.29 -21.80
CA VAL F 126 26.15 -26.93 -21.32
C VAL F 126 25.74 -25.96 -22.44
N ALA F 127 26.22 -26.21 -23.65
CA ALA F 127 25.89 -25.33 -24.77
C ALA F 127 24.45 -25.50 -25.23
N LEU F 128 23.84 -26.60 -24.86
CA LEU F 128 22.47 -26.88 -25.29
C LEU F 128 21.48 -26.37 -24.30
N SER F 129 22.00 -26.24 -23.10
CA SER F 129 21.26 -25.84 -21.96
C SER F 129 21.22 -24.38 -21.68
N TYR F 130 22.34 -23.71 -21.94
CA TYR F 130 22.44 -22.31 -21.60
C TYR F 130 21.48 -21.37 -22.28
N PRO F 131 21.19 -21.55 -23.59
CA PRO F 131 20.21 -20.59 -24.08
C PRO F 131 18.97 -21.41 -23.74
N GLY F 132 17.99 -20.78 -23.14
CA GLY F 132 16.83 -21.51 -22.72
C GLY F 132 16.87 -20.99 -21.32
N LEU F 133 18.02 -21.11 -20.68
CA LEU F 133 18.14 -20.60 -19.33
C LEU F 133 18.54 -19.15 -19.34
N ALA F 134 19.15 -18.70 -20.42
CA ALA F 134 19.56 -17.32 -20.50
C ALA F 134 18.29 -16.51 -20.62
N LEU F 135 17.23 -17.16 -21.06
CA LEU F 135 15.96 -16.47 -21.17
C LEU F 135 15.17 -16.68 -19.90
N ALA F 136 15.04 -17.94 -19.50
CA ALA F 136 14.24 -18.32 -18.34
C ALA F 136 14.75 -17.81 -17.04
N VAL F 137 15.96 -17.35 -17.05
CA VAL F 137 16.51 -16.88 -15.81
C VAL F 137 15.89 -15.55 -15.44
N ASN F 138 15.35 -14.87 -16.44
CA ASN F 138 14.76 -13.56 -16.23
C ASN F 138 13.35 -13.74 -15.85
N LEU F 139 13.15 -13.87 -14.57
CA LEU F 139 11.83 -14.11 -14.06
C LEU F 139 10.89 -12.93 -14.21
N ASN F 140 11.40 -11.79 -14.70
CA ASN F 140 10.58 -10.61 -14.93
C ASN F 140 9.93 -10.61 -16.30
N ARG F 141 10.30 -11.57 -17.11
CA ARG F 141 9.78 -11.67 -18.46
C ARG F 141 8.76 -12.78 -18.44
N PRO F 142 7.48 -12.42 -18.36
CA PRO F 142 6.50 -13.50 -18.31
C PRO F 142 6.53 -14.61 -19.33
N LEU F 143 6.90 -14.28 -20.56
CA LEU F 143 6.90 -15.30 -21.59
C LEU F 143 8.05 -16.23 -21.45
N TRP F 144 9.17 -15.73 -20.97
CA TRP F 144 10.29 -16.63 -20.84
C TRP F 144 10.16 -17.47 -19.59
N ASN F 145 9.13 -18.29 -19.51
CA ASN F 145 8.99 -19.10 -18.31
C ASN F 145 9.89 -20.31 -18.30
N GLY F 146 9.62 -21.17 -17.33
CA GLY F 146 10.39 -22.37 -17.16
C GLY F 146 10.49 -23.25 -18.39
N LEU F 147 9.47 -23.27 -19.23
CA LEU F 147 9.51 -24.10 -20.42
C LEU F 147 10.63 -23.79 -21.38
N MET F 148 11.17 -22.57 -21.32
CA MET F 148 12.26 -22.19 -22.21
C MET F 148 13.42 -23.11 -21.95
N ALA F 149 13.56 -23.50 -20.70
CA ALA F 149 14.69 -24.35 -20.37
C ALA F 149 14.50 -25.72 -20.96
N GLY F 150 13.29 -25.98 -21.44
CA GLY F 150 12.98 -27.27 -22.02
C GLY F 150 12.83 -27.11 -23.50
N LEU F 151 12.16 -26.03 -23.91
CA LEU F 151 11.98 -25.79 -25.31
C LEU F 151 13.26 -25.52 -26.07
N PHE F 152 14.28 -24.98 -25.41
CA PHE F 152 15.47 -24.71 -26.18
C PHE F 152 16.37 -25.90 -26.40
N PRO F 153 16.56 -26.74 -25.38
CA PRO F 153 17.44 -27.87 -25.67
C PRO F 153 16.71 -28.84 -26.61
N LEU F 154 15.39 -28.95 -26.50
CA LEU F 154 14.69 -29.90 -27.38
C LEU F 154 14.81 -29.44 -28.81
N THR F 155 14.67 -28.14 -28.95
CA THR F 155 14.71 -27.47 -30.21
C THR F 155 16.12 -27.40 -30.81
N ALA F 156 17.15 -27.38 -29.99
CA ALA F 156 18.49 -27.34 -30.54
C ALA F 156 18.81 -28.70 -31.16
N LEU F 157 18.29 -29.77 -30.56
CA LEU F 157 18.55 -31.10 -31.09
C LEU F 157 17.69 -31.32 -32.33
N VAL F 158 16.58 -30.61 -32.44
CA VAL F 158 15.79 -30.79 -33.63
C VAL F 158 16.62 -30.16 -34.76
N LEU F 159 17.35 -29.11 -34.43
CA LEU F 159 18.19 -28.43 -35.42
C LEU F 159 19.36 -29.28 -35.81
N ALA F 160 20.01 -29.87 -34.81
CA ALA F 160 21.18 -30.70 -35.09
C ALA F 160 20.78 -31.95 -35.86
N LEU F 161 19.69 -32.60 -35.45
CA LEU F 161 19.26 -33.80 -36.15
C LEU F 161 18.67 -33.49 -37.51
N GLY F 162 18.22 -32.26 -37.72
CA GLY F 162 17.64 -31.83 -38.99
C GLY F 162 18.73 -31.66 -40.02
N LEU F 163 19.81 -31.07 -39.56
CA LEU F 163 21.00 -30.86 -40.33
C LEU F 163 21.50 -32.26 -40.65
N ALA F 164 21.80 -33.03 -39.60
CA ALA F 164 22.30 -34.41 -39.76
C ALA F 164 21.49 -35.19 -40.77
N ALA F 165 20.18 -35.11 -40.68
CA ALA F 165 19.35 -35.82 -41.62
C ALA F 165 19.44 -35.26 -43.02
N LEU F 166 19.81 -33.99 -43.18
CA LEU F 166 19.91 -33.47 -44.54
C LEU F 166 21.25 -33.87 -45.15
N LEU F 167 22.22 -34.15 -44.27
CA LEU F 167 23.53 -34.61 -44.72
C LEU F 167 23.38 -36.11 -44.76
N LYS F 168 22.17 -36.54 -45.09
CA LYS F 168 21.83 -37.95 -45.13
C LYS F 168 22.60 -38.89 -44.24
N SER F 169 22.40 -38.77 -42.93
CA SER F 169 22.99 -39.74 -42.04
C SER F 169 21.77 -40.59 -41.77
N PRO F 170 21.94 -41.91 -41.87
CA PRO F 170 20.80 -42.80 -41.64
C PRO F 170 20.16 -42.63 -40.28
N TRP F 171 20.99 -42.53 -39.25
CA TRP F 171 20.45 -42.46 -37.91
C TRP F 171 19.58 -41.27 -37.53
N ALA F 172 19.88 -40.11 -38.10
CA ALA F 172 19.19 -38.87 -37.79
C ALA F 172 17.69 -38.70 -37.92
N LEU F 173 17.06 -39.34 -38.89
CA LEU F 173 15.65 -39.05 -39.05
C LEU F 173 14.73 -39.39 -37.89
N PHE F 174 14.83 -40.62 -37.42
CA PHE F 174 13.96 -41.06 -36.35
C PHE F 174 14.05 -40.28 -35.06
N PRO F 175 15.27 -40.01 -34.58
CA PRO F 175 15.35 -39.24 -33.34
C PRO F 175 14.96 -37.81 -33.61
N LEU F 176 15.15 -37.35 -34.85
CA LEU F 176 14.74 -36.00 -35.17
C LEU F 176 13.21 -35.96 -35.10
N ARG F 177 12.57 -37.03 -35.55
CA ARG F 177 11.12 -37.04 -35.48
C ARG F 177 10.62 -37.37 -34.09
N VAL F 178 11.52 -37.79 -33.23
CA VAL F 178 11.06 -38.06 -31.90
C VAL F 178 11.20 -36.77 -31.14
N LEU F 179 12.38 -36.17 -31.18
CA LEU F 179 12.58 -34.90 -30.48
C LEU F 179 11.77 -33.77 -31.08
N ALA F 180 11.40 -33.94 -32.33
CA ALA F 180 10.61 -32.92 -32.99
C ALA F 180 9.19 -33.06 -32.46
N GLY F 181 8.77 -34.28 -32.12
CA GLY F 181 7.45 -34.49 -31.56
C GLY F 181 7.42 -33.93 -30.14
N ALA F 182 8.46 -34.26 -29.38
CA ALA F 182 8.57 -33.73 -28.04
C ALA F 182 8.58 -32.20 -28.18
N SER F 183 9.45 -31.65 -29.03
CA SER F 183 9.56 -30.20 -29.25
C SER F 183 8.26 -29.50 -29.58
N LEU F 184 7.56 -30.11 -30.53
CA LEU F 184 6.33 -29.54 -31.00
C LEU F 184 5.20 -29.66 -30.01
N LEU F 185 5.23 -30.69 -29.18
CA LEU F 185 4.15 -30.84 -28.23
C LEU F 185 4.35 -29.89 -27.09
N LEU F 186 5.58 -29.68 -26.66
CA LEU F 186 5.80 -28.73 -25.60
C LEU F 186 5.53 -27.35 -26.15
N ALA F 187 5.82 -27.14 -27.43
CA ALA F 187 5.65 -25.82 -28.02
C ALA F 187 4.18 -25.45 -28.09
N LEU F 188 3.35 -26.46 -28.15
CA LEU F 188 1.93 -26.31 -28.21
C LEU F 188 1.36 -26.02 -26.82
N LEU F 189 1.98 -26.67 -25.82
CA LEU F 189 1.54 -26.52 -24.45
C LEU F 189 2.01 -25.22 -23.85
N TYR F 190 3.14 -24.73 -24.35
CA TYR F 190 3.70 -23.48 -23.87
C TYR F 190 2.65 -22.34 -23.64
N PRO F 191 1.89 -21.94 -24.68
CA PRO F 191 0.90 -20.89 -24.46
C PRO F 191 -0.06 -21.10 -23.28
N LEU F 192 -0.36 -22.36 -23.02
CA LEU F 192 -1.32 -22.76 -21.99
C LEU F 192 -0.78 -22.73 -20.60
N THR F 193 0.49 -22.39 -20.58
CA THR F 193 1.33 -22.36 -19.43
C THR F 193 1.54 -20.95 -18.92
N LEU F 194 1.15 -20.00 -19.74
CA LEU F 194 1.38 -18.61 -19.40
C LEU F 194 0.23 -17.96 -18.72
N PRO F 195 0.50 -16.85 -18.05
CA PRO F 195 -0.73 -16.34 -17.47
C PRO F 195 -1.49 -15.74 -18.64
N PRO F 196 -2.78 -15.55 -18.48
CA PRO F 196 -3.61 -15.00 -19.54
C PRO F 196 -3.11 -13.73 -20.28
N GLU F 197 -2.51 -12.79 -19.57
CA GLU F 197 -1.99 -11.56 -20.22
C GLU F 197 -0.74 -11.85 -21.01
N ALA F 198 0.05 -12.80 -20.52
CA ALA F 198 1.30 -13.15 -21.17
C ALA F 198 0.99 -13.91 -22.42
N ARG F 199 -0.02 -14.76 -22.33
CA ARG F 199 -0.42 -15.54 -23.47
C ARG F 199 -1.04 -14.64 -24.51
N GLY F 200 -1.89 -13.74 -24.05
CA GLY F 200 -2.56 -12.82 -24.94
C GLY F 200 -1.52 -12.02 -25.68
N HIS F 201 -0.49 -11.63 -24.97
CA HIS F 201 0.59 -10.88 -25.59
C HIS F 201 1.27 -11.70 -26.64
N LEU F 202 1.48 -12.96 -26.30
CA LEU F 202 2.15 -13.82 -27.23
C LEU F 202 1.31 -14.04 -28.47
N LEU F 203 0.03 -14.33 -28.30
CA LEU F 203 -0.80 -14.55 -29.48
C LEU F 203 -0.98 -13.31 -30.33
N GLU F 204 -0.94 -12.11 -29.75
CA GLU F 204 -1.10 -10.93 -30.60
C GLU F 204 0.23 -10.57 -31.25
N GLU F 205 1.32 -10.71 -30.51
CA GLU F 205 2.62 -10.37 -31.06
C GLU F 205 3.13 -11.36 -32.09
N ALA F 206 3.13 -12.64 -31.74
CA ALA F 206 3.54 -13.70 -32.66
C ALA F 206 2.34 -14.62 -32.75
N GLY F 207 2.53 -15.94 -32.71
CA GLY F 207 1.38 -16.84 -32.76
C GLY F 207 1.21 -17.37 -34.15
N PHE F 208 0.44 -16.68 -34.97
CA PHE F 208 0.35 -17.09 -36.36
C PHE F 208 1.66 -17.73 -36.58
N TRP F 209 2.65 -16.82 -36.51
CA TRP F 209 4.04 -17.13 -36.68
C TRP F 209 4.28 -18.31 -35.81
N TYR F 210 3.71 -18.28 -34.64
CA TYR F 210 3.82 -19.36 -33.70
C TYR F 210 3.09 -20.60 -34.21
N GLY F 211 1.82 -20.42 -34.56
CA GLY F 211 1.02 -21.54 -35.05
C GLY F 211 1.45 -21.96 -36.42
N LEU F 212 2.27 -21.16 -37.05
CA LEU F 212 2.74 -21.48 -38.37
C LEU F 212 3.83 -22.50 -38.18
N PHE F 213 4.83 -22.11 -37.40
CA PHE F 213 5.95 -22.97 -37.11
C PHE F 213 5.56 -24.25 -36.40
N LEU F 214 4.38 -24.27 -35.78
CA LEU F 214 3.96 -25.48 -35.11
C LEU F 214 3.47 -26.38 -36.23
N LEU F 215 2.68 -25.79 -37.12
CA LEU F 215 2.14 -26.51 -38.26
C LEU F 215 3.28 -26.95 -39.15
N LEU F 216 4.13 -26.00 -39.50
CA LEU F 216 5.30 -26.30 -40.32
C LEU F 216 6.05 -27.50 -39.77
N GLY F 217 6.25 -27.52 -38.46
CA GLY F 217 6.98 -28.59 -37.80
C GLY F 217 6.35 -29.95 -37.88
N LEU F 218 5.05 -29.95 -38.15
CA LEU F 218 4.31 -31.18 -38.30
C LEU F 218 4.79 -31.84 -39.57
N GLY F 219 5.67 -31.14 -40.28
CA GLY F 219 6.19 -31.61 -41.54
C GLY F 219 7.36 -32.54 -41.36
N THR F 220 7.80 -32.70 -40.13
CA THR F 220 8.89 -33.60 -39.91
C THR F 220 8.28 -34.99 -40.00
N PHE F 221 6.97 -35.09 -39.85
CA PHE F 221 6.34 -36.41 -39.87
C PHE F 221 5.74 -36.80 -41.20
N TRP F 222 6.32 -36.21 -42.25
CA TRP F 222 5.89 -36.44 -43.61
C TRP F 222 7.12 -36.44 -44.53
N GLN F 223 7.15 -37.35 -45.51
CA GLN F 223 8.24 -37.50 -46.51
C GLN F 223 9.67 -37.33 -46.03
N GLU F 224 10.60 -37.11 -46.94
CA GLU F 224 11.97 -36.81 -46.54
C GLU F 224 12.37 -35.70 -47.43
N ARG F 225 13.27 -34.88 -46.93
CA ARG F 225 13.75 -33.74 -47.67
C ARG F 225 12.62 -32.75 -47.70
N LEU F 226 11.62 -33.07 -46.87
CA LEU F 226 10.62 -32.10 -46.53
C LEU F 226 10.97 -32.20 -45.05
N ALA F 227 10.86 -33.40 -44.49
CA ALA F 227 11.08 -33.61 -43.07
C ALA F 227 12.18 -32.84 -42.40
N PRO F 228 13.44 -33.09 -42.76
CA PRO F 228 14.43 -32.29 -42.04
C PRO F 228 14.26 -30.79 -42.21
N TRP F 229 13.78 -30.37 -43.36
CA TRP F 229 13.56 -28.95 -43.58
C TRP F 229 12.50 -28.37 -42.71
N ALA F 230 11.35 -29.03 -42.76
CA ALA F 230 10.17 -28.62 -42.04
C ALA F 230 10.32 -28.65 -40.54
N GLY F 231 11.25 -29.45 -40.05
CA GLY F 231 11.42 -29.53 -38.63
C GLY F 231 12.46 -28.52 -38.26
N LEU F 232 13.30 -28.23 -39.23
CA LEU F 232 14.38 -27.32 -39.03
C LEU F 232 13.87 -25.88 -39.04
N LEU F 233 12.91 -25.60 -39.90
CA LEU F 233 12.37 -24.25 -39.96
C LEU F 233 11.46 -24.03 -38.74
N ALA F 234 10.74 -25.08 -38.33
CA ALA F 234 9.92 -25.05 -37.14
C ALA F 234 10.85 -24.76 -35.94
N ALA F 235 11.88 -25.58 -35.71
CA ALA F 235 12.77 -25.33 -34.57
C ALA F 235 13.37 -23.94 -34.59
N ALA F 236 13.85 -23.46 -35.73
CA ALA F 236 14.44 -22.12 -35.73
C ALA F 236 13.36 -21.05 -35.66
N GLY F 237 12.15 -21.36 -36.11
CA GLY F 237 11.08 -20.37 -36.05
C GLY F 237 10.85 -20.08 -34.59
N LEU F 238 10.35 -21.10 -33.91
CA LEU F 238 10.10 -21.02 -32.49
C LEU F 238 11.25 -20.40 -31.73
N ARG F 239 12.47 -20.84 -32.00
CA ARG F 239 13.57 -20.29 -31.24
C ARG F 239 13.73 -18.80 -31.39
N ALA F 240 13.67 -18.35 -32.63
CA ALA F 240 13.84 -16.94 -32.91
C ALA F 240 12.65 -16.13 -32.42
N LEU F 241 11.45 -16.68 -32.60
CA LEU F 241 10.28 -15.96 -32.18
C LEU F 241 10.16 -15.80 -30.67
N LEU F 242 10.55 -16.82 -29.90
CA LEU F 242 10.47 -16.74 -28.44
C LEU F 242 11.45 -15.69 -27.93
N VAL F 243 12.59 -15.57 -28.61
CA VAL F 243 13.59 -14.59 -28.21
C VAL F 243 13.06 -13.22 -28.54
N LEU F 244 12.39 -13.14 -29.69
CA LEU F 244 11.87 -11.86 -30.11
C LEU F 244 10.63 -11.43 -29.35
N ALA F 245 9.70 -12.35 -29.16
CA ALA F 245 8.45 -11.99 -28.48
C ALA F 245 8.49 -11.92 -26.96
N GLY F 246 9.50 -12.53 -26.35
CA GLY F 246 9.57 -12.52 -24.90
C GLY F 246 10.25 -11.36 -24.22
N GLN F 247 10.73 -10.40 -24.98
CA GLN F 247 11.40 -9.25 -24.40
C GLN F 247 10.37 -8.27 -23.92
N TRP F 248 9.46 -8.81 -23.15
CA TRP F 248 8.35 -8.06 -22.67
C TRP F 248 8.43 -8.26 -21.20
N GLN F 249 8.02 -7.24 -20.49
CA GLN F 249 8.23 -7.14 -19.08
C GLN F 249 6.93 -7.25 -18.41
N GLY F 250 6.02 -6.94 -19.30
CA GLY F 250 4.65 -6.65 -19.09
C GLY F 250 3.62 -6.72 -18.03
N LEU F 251 2.97 -5.61 -17.72
CA LEU F 251 1.84 -5.66 -16.81
C LEU F 251 0.58 -5.44 -17.71
N GLY F 252 -0.28 -4.63 -17.28
FE1 SF4 G . -19.97 -12.26 26.30
FE2 SF4 G . -17.84 -13.24 25.04
FE3 SF4 G . -18.14 -13.54 27.67
FE4 SF4 G . -19.71 -14.92 26.03
S1 SF4 G . -17.49 -15.12 26.20
S2 SF4 G . -20.35 -13.81 27.88
S3 SF4 G . -19.97 -13.44 24.39
S4 SF4 G . -17.84 -11.60 26.57
PB MGD H . -12.34 -21.14 34.86
O1B MGD H . -11.00 -21.64 34.61
O2B MGD H . -13.22 -20.85 33.74
O3B MGD H . -12.11 -20.00 35.89
O3A MGD H . -11.71 -18.28 37.57
PA MGD H . -12.71 -19.41 37.22
O1A MGD H . -14.06 -19.00 36.81
O2A MGD H . -12.55 -20.40 38.26
O5' MGD H . -13.11 -22.16 35.70
C5' MGD H . -14.47 -22.38 35.53
C4' MGD H . -14.77 -23.69 36.15
O4' MGD H . -16.14 -23.69 36.13
C3' MGD H . -14.36 -24.86 35.38
O3' MGD H . -14.24 -25.89 36.30
C2' MGD H . -15.52 -25.05 34.47
O2' MGD H . -15.51 -26.35 34.07
C1' MGD H . -16.68 -24.73 35.34
N9 MGD H . -17.94 -24.31 34.72
C8 MGD H . -18.08 -23.62 33.65
N7 MGD H . -19.32 -23.36 33.34
C5 MGD H . -20.06 -23.87 34.30
C6 MGD H . -21.51 -23.92 34.66
O6 MGD H . -22.40 -23.44 33.94
N1 MGD H . -21.80 -24.54 35.80
C2 MGD H . -20.90 -25.10 36.60
N2 MGD H . -21.22 -25.73 37.73
N3 MGD H . -19.64 -25.05 36.31
C4 MGD H . -19.13 -24.48 35.21
C10 MGD H . -11.85 -16.97 37.06
C11 MGD H . -10.93 -16.13 37.78
O11 MGD H . -9.74 -16.82 37.83
C12 MGD H . -10.73 -14.78 37.29
S12 MGD H . -12.00 -13.79 36.91
C13 MGD H . -9.55 -14.26 37.17
S13 MGD H . -9.19 -12.81 36.59
C14 MGD H . -8.35 -14.84 37.56
N15 MGD H . -7.55 -15.10 36.38
C16 MGD H . -6.47 -15.85 36.63
C17 MGD H . -5.25 -15.85 35.88
O17 MGD H . -5.12 -15.13 34.89
N18 MGD H . -4.29 -16.60 36.31
C19 MGD H . -4.39 -17.37 37.37
N19 MGD H . -3.41 -18.18 37.73
N20 MGD H . -5.47 -17.38 38.08
C21 MGD H . -6.53 -16.69 37.78
N22 MGD H . -7.60 -16.79 38.49
C23 MGD H . -8.73 -16.02 38.34
PB MGD I . -4.52 -7.17 32.83
O1B MGD I . -3.91 -8.01 33.82
O2B MGD I . -4.71 -5.81 33.08
O3B MGD I . -5.80 -8.02 32.62
O3A MGD I . -7.74 -9.16 31.60
PA MGD I . -7.20 -7.78 32.01
O1A MGD I . -8.18 -7.34 32.93
O2A MGD I . -7.12 -6.97 30.86
O5' MGD I . -3.75 -7.25 31.54
C5' MGD I . -2.98 -8.29 31.02
C4' MGD I . -1.86 -7.51 30.48
O4' MGD I . -1.25 -7.05 31.62
C3' MGD I . -0.77 -8.24 29.73
O3' MGD I . -0.46 -7.59 28.51
C2' MGD I . 0.43 -8.17 30.63
O2' MGD I . 1.53 -7.78 29.88
C1' MGD I . 0.13 -7.01 31.45
N9 MGD I . 0.98 -6.70 32.58
C8 MGD I . 1.62 -7.58 33.35
N7 MGD I . 2.32 -6.98 34.29
C5 MGD I . 2.14 -5.69 34.12
C6 MGD I . 2.65 -4.50 34.74
O6 MGD I . 3.36 -4.64 35.69
N1 MGD I . 2.27 -3.35 34.29
C2 MGD I . 1.48 -3.22 33.25
N2 MGD I . 1.11 -2.01 32.82
N3 MGD I . 0.97 -4.27 32.62
C4 MGD I . 1.25 -5.50 33.00
C10 MGD I . -8.29 -10.15 32.36
C11 MGD I . -9.73 -9.98 32.20
O11 MGD I . -10.05 -10.31 30.89
C12 MGD I . -10.55 -10.63 33.28
S12 MGD I . -10.25 -10.37 34.86
C13 MGD I . -11.58 -11.45 33.03
S13 MGD I . -12.52 -12.04 34.26
C14 MGD I . -11.92 -11.81 31.65
N15 MGD I . -11.54 -13.07 31.25
C16 MGD I . -11.35 -13.36 29.96
C17 MGD I . -10.99 -14.66 29.44
O17 MGD I . -10.91 -15.61 30.21
N18 MGD I . -10.86 -14.84 28.12
C19 MGD I . -10.96 -13.78 27.34
N19 MGD I . -10.73 -13.96 26.09
N20 MGD I . -11.23 -12.53 27.71
C21 MGD I . -11.47 -12.31 29.00
N22 MGD I . -11.73 -11.14 29.46
C23 MGD I . -11.42 -10.76 30.75
MO MO J . -11.40 -11.72 36.26
FE1 SF4 K . -13.51 -8.83 13.99
FE2 SF4 K . -10.98 -9.48 13.48
FE3 SF4 K . -12.41 -10.80 15.33
FE4 SF4 K . -12.94 -11.14 12.75
S1 SF4 K . -11.05 -11.69 13.77
S2 SF4 K . -14.43 -10.83 14.42
S3 SF4 K . -12.55 -9.09 11.95
S4 SF4 K . -11.80 -8.64 15.40
FE1 SF4 L . -18.58 -15.44 7.25
FE2 SF4 L . -17.29 -16.28 5.07
FE3 SF4 L . -17.96 -18.00 7.02
FE4 SF4 L . -19.84 -16.98 5.47
S1 SF4 L . -18.18 -18.32 4.81
S2 SF4 L . -19.93 -17.17 7.71
S3 SF4 L . -19.05 -14.92 5.11
S4 SF4 L . -16.51 -16.29 7.17
FE1 SF4 M . -12.31 -17.45 -3.67
FE2 SF4 M . -10.07 -16.80 -5.00
FE3 SF4 M . -10.13 -18.88 -3.31
FE4 SF4 M . -11.40 -19.04 -5.63
S1 SF4 M . -9.19 -18.82 -5.37
S2 SF4 M . -12.19 -19.68 -3.62
S3 SF4 M . -12.12 -16.95 -5.87
S4 SF4 M . -10.41 -16.71 -2.78
FE1 SF4 N . -14.61 -30.31 -6.66
FE2 SF4 N . -12.68 -28.48 -6.93
FE3 SF4 N . -12.59 -30.74 -8.33
FE4 SF4 N . -14.37 -28.87 -8.92
S1 SF4 N . -12.14 -28.66 -9.10
S2 SF4 N . -14.76 -31.09 -8.75
S3 SF4 N . -14.87 -28.08 -6.91
S4 SF4 N . -12.47 -30.57 -6.10
C1 UQ1 O . -9.05 -36.86 -11.11
O1 UQ1 O . -9.86 -36.74 -10.25
C2 UQ1 O . -7.63 -36.59 -10.84
O2 UQ1 O . -7.25 -36.19 -9.58
CM2 UQ1 O . -7.37 -37.30 -8.67
C3 UQ1 O . -6.70 -36.74 -11.84
O3 UQ1 O . -5.37 -36.50 -11.67
CM3 UQ1 O . -5.21 -35.43 -10.75
C4 UQ1 O . -7.15 -37.16 -13.17
O4 UQ1 O . -6.30 -37.27 -14.03
C5 UQ1 O . -8.60 -37.43 -13.43
CM5 UQ1 O . -8.95 -37.88 -14.84
C6 UQ1 O . -9.54 -37.31 -12.41
C7 UQ1 O . -11.05 -37.57 -12.52
C8 UQ1 O . -11.35 -38.58 -13.63
C9 UQ1 O . -11.58 -39.90 -13.58
C10 UQ1 O . -11.79 -40.50 -14.94
C11 UQ1 O . -11.64 -40.85 -12.38
FE1 SF4 P . 12.51 29.39 -16.02
FE2 SF4 P . 14.92 28.29 -16.02
FE3 SF4 P . 13.88 29.30 -13.78
FE4 SF4 P . 12.89 27.04 -14.78
S1 SF4 P . 14.95 27.34 -14.01
S2 SF4 P . 11.72 28.80 -14.00
S3 SF4 P . 13.09 27.43 -16.97
S4 SF4 P . 14.45 30.45 -15.64
PB MGD Q . 8.58 31.96 -27.14
O1B MGD Q . 7.90 30.98 -27.92
O2B MGD Q . 9.29 31.66 -25.87
O3B MGD Q . 7.39 32.90 -26.60
O3A MGD Q . 6.00 34.77 -25.43
PA MGD Q . 7.36 34.43 -26.15
O1A MGD Q . 8.57 34.70 -25.34
O2A MGD Q . 7.11 35.05 -27.42
O5' MGD Q . 9.52 32.72 -28.09
C5' MGD Q . 10.49 33.66 -27.71
C4' MGD Q . 11.42 33.81 -28.86
O4' MGD Q . 12.66 34.23 -28.40
C3' MGD Q . 11.66 32.59 -29.56
O3' MGD Q . 11.59 32.95 -30.87
C2' MGD Q . 13.03 32.17 -29.20
O2' MGD Q . 13.70 31.47 -30.16
C1' MGD Q . 13.68 33.45 -28.95
N9 MGD Q . 14.70 33.40 -27.97
C8 MGD Q . 14.88 32.62 -26.99
N7 MGD Q . 15.94 33.01 -26.25
C5 MGD Q . 16.43 34.08 -26.76
C6 MGD Q . 17.50 35.00 -26.53
O6 MGD Q . 18.26 34.82 -25.63
N1 MGD Q . 17.62 36.03 -27.36
C2 MGD Q . 16.83 36.21 -28.36
N2 MGD Q . 16.99 37.24 -29.16
N3 MGD Q . 15.86 35.41 -28.60
C4 MGD Q . 15.59 34.34 -27.89
C10 MGD Q . 5.51 34.23 -24.28
C11 MGD Q . 4.21 34.82 -24.08
O11 MGD Q . 3.34 34.25 -25.00
C12 MGD Q . 3.69 34.53 -22.73
S12 MGD Q . 4.59 34.94 -21.40
C13 MGD Q . 2.51 33.96 -22.55
S13 MGD Q . 1.87 33.63 -21.06
C14 MGD Q . 1.64 33.64 -23.64
N15 MGD Q . 1.59 32.24 -23.86
C16 MGD Q . 0.89 31.92 -24.94
C17 MGD Q . 0.03 30.78 -25.09
O17 MGD Q . -0.01 29.91 -24.25
N18 MGD Q . -0.70 30.62 -26.17
C19 MGD Q . -0.62 31.46 -27.14
N19 MGD Q . -1.34 31.22 -28.22
N20 MGD Q . 0.10 32.52 -27.09
C21 MGD Q . 0.88 32.84 -26.07
N22 MGD Q . 1.51 33.98 -26.01
C23 MGD Q . 1.98 34.48 -24.80
PB MGD R . -3.30 29.45 -16.44
O1B MGD R . -4.16 29.73 -17.61
O2B MGD R . -3.60 30.19 -15.21
O3B MGD R . -1.79 29.73 -16.66
O3A MGD R . 0.58 29.33 -16.63
PA MGD R . -0.57 29.80 -15.66
O1A MGD R . -0.30 31.15 -15.33
O2A MGD R . -0.82 28.69 -14.71
O5' MGD R . -3.51 27.89 -16.16
C5' MGD R . -3.54 26.86 -17.07
C4' MGD R . -4.81 26.16 -16.83
O4' MGD R . -5.84 27.02 -17.03
C3' MGD R . -5.12 24.92 -17.59
O3' MGD R . -5.02 23.62 -16.88
C2' MGD R . -6.48 25.15 -18.17
O2' MGD R . -7.30 23.99 -18.12
C1' MGD R . -6.95 26.21 -17.24
N9 MGD R . -8.19 26.89 -17.63
C8 MGD R . -8.66 27.04 -18.86
N7 MGD R . -9.86 27.62 -18.92
C5 MGD R . -10.21 27.86 -17.71
C6 MGD R . -11.34 28.48 -17.08
O6 MGD R . -12.21 28.98 -17.78
N1 MGD R . -11.37 28.56 -15.78
C2 MGD R . -10.36 28.09 -15.06
N2 MGD R . -10.44 28.17 -13.76
N3 MGD R . -9.30 27.44 -15.56
C4 MGD R . -9.13 27.36 -16.85
C10 MGD R . 1.30 30.06 -17.56
C11 MGD R . 2.57 30.49 -16.94
O11 MGD R . 3.37 29.39 -16.79
C12 MGD R . 3.17 31.54 -17.77
S12 MGD R . 2.14 32.77 -18.15
C13 MGD R . 4.45 31.61 -18.10
S13 MGD R . 5.13 33.04 -18.70
C14 MGD R . 5.33 30.45 -17.82
N15 MGD R . 5.57 29.65 -18.93
C16 MGD R . 5.95 28.45 -18.70
C17 MGD R . 6.45 27.66 -19.74
O17 MGD R . 6.49 28.20 -20.79
N18 MGD R . 6.80 26.39 -19.54
C19 MGD R . 6.63 25.84 -18.41
N19 MGD R . 6.95 24.65 -18.33
N20 MGD R . 6.17 26.52 -17.32
C21 MGD R . 5.81 27.80 -17.43
N22 MGD R . 5.38 28.49 -16.48
C23 MGD R . 4.74 29.70 -16.69
MO MO S . 3.35 34.50 -19.36
FE1 SF4 T . 9.21 14.03 -10.18
FE2 SF4 T . 10.21 16.44 -10.73
FE3 SF4 T . 10.41 15.39 -8.28
FE4 SF4 T . 11.86 14.41 -10.30
S1 SF4 T . 12.02 16.47 -9.45
S2 SF4 T . 10.69 13.22 -8.76
S3 SF4 T . 10.46 14.62 -11.99
S4 SF4 T . 8.51 15.96 -9.30
FE1 SF4 U . 20.56 8.48 -11.10
FE2 SF4 U . 20.62 10.50 -12.84
FE3 SF4 U . 19.70 10.86 -10.35
FE4 SF4 U . 22.30 10.50 -10.80
S1 SF4 U . 21.08 12.22 -11.51
S2 SF4 U . 21.04 9.52 -9.19
S3 SF4 U . 22.27 9.05 -12.48
S4 SF4 U . 18.78 9.54 -11.91
FE1 SF4 V . 19.45 -3.93 -11.80
FE2 SF4 V . 17.01 -3.32 -12.59
FE3 SF4 V . 17.56 -3.40 -10.01
FE4 SF4 V . 18.55 -1.43 -11.53
S1 SF4 V . 16.39 -1.82 -11.07
S2 SF4 V . 19.66 -2.62 -10.00
S3 SF4 V . 18.93 -2.50 -13.44
S4 SF4 V . 17.58 -5.14 -11.41
FE1 SF4 W . 27.22 -7.60 -18.11
FE2 SF4 W . 26.37 -8.05 -20.58
FE3 SF4 W . 25.14 -6.27 -19.01
FE4 SF4 W . 27.58 -5.72 -20.01
S1 SF4 W . 25.71 -6.00 -21.19
S2 SF4 W . 26.87 -5.41 -17.89
S3 SF4 W . 28.50 -7.74 -19.98
S4 SF4 W . 25.23 -8.49 -18.66
C1 UQ1 X . 27.80 -13.44 -25.48
O1 UQ1 X . 28.35 -12.41 -25.36
C2 UQ1 X . 26.38 -13.50 -25.93
O2 UQ1 X . 25.73 -12.33 -26.18
CM2 UQ1 X . 26.24 -11.73 -27.38
C3 UQ1 X . 25.76 -14.72 -26.06
O3 UQ1 X . 24.47 -14.84 -26.46
CM3 UQ1 X . 23.72 -13.74 -25.94
C4 UQ1 X . 26.50 -15.94 -25.78
O4 UQ1 X . 25.90 -16.99 -25.91
C5 UQ1 X . 27.93 -15.87 -25.33
CM5 UQ1 X . 28.63 -17.21 -25.07
C6 UQ1 X . 28.59 -14.65 -25.20
C7 UQ1 X . 30.04 -14.42 -24.78
C8 UQ1 X . 30.91 -15.63 -25.12
C9 UQ1 X . 31.72 -15.88 -26.17
C10 UQ1 X . 32.34 -17.24 -26.11
C11 UQ1 X . 32.08 -15.00 -27.37
#